data_2LT3
#
_entry.id   2LT3
#
_entity_poly.entity_id   1
_entity_poly.type   'polypeptide(L)'
_entity_poly.pdbx_seq_one_letter_code
;GSHMGSVGLREIISEEDVKQVYSILKEKDISVDSTTWNRRYREYMEKIKTGSVFEIAEVLRDLYLLKGDKDLSFGERKML
DTARSLLIKELSLAKDCSEDEIESDLKKIFNLA
;
_entity_poly.pdbx_strand_id   A
#
# COMPACT_ATOMS: atom_id res chain seq x y z
N GLY A 1 7.98 -17.70 -23.02
CA GLY A 1 8.39 -16.46 -22.34
C GLY A 1 8.09 -16.52 -20.85
N SER A 2 9.03 -17.05 -20.07
CA SER A 2 8.95 -17.17 -18.60
C SER A 2 9.68 -16.01 -17.92
N HIS A 3 9.13 -15.52 -16.79
CA HIS A 3 9.74 -14.48 -15.94
C HIS A 3 9.09 -14.48 -14.54
N MET A 4 9.90 -14.40 -13.48
CA MET A 4 9.46 -14.38 -12.08
C MET A 4 9.87 -13.06 -11.38
N GLY A 5 9.60 -11.95 -12.05
CA GLY A 5 9.86 -10.58 -11.59
C GLY A 5 8.60 -9.89 -11.06
N SER A 6 8.50 -8.58 -11.31
CA SER A 6 7.33 -7.74 -10.98
C SER A 6 6.10 -8.12 -11.83
N VAL A 7 4.92 -7.57 -11.51
CA VAL A 7 3.67 -7.75 -12.28
C VAL A 7 3.78 -7.31 -13.75
N GLY A 8 4.64 -6.33 -14.05
CA GLY A 8 4.97 -5.84 -15.40
C GLY A 8 4.96 -4.32 -15.49
N LEU A 9 3.80 -3.71 -15.22
CA LEU A 9 3.62 -2.25 -15.16
C LEU A 9 4.39 -1.62 -13.98
N ARG A 10 4.29 -0.28 -13.86
CA ARG A 10 4.96 0.51 -12.82
C ARG A 10 3.91 1.21 -11.96
N GLU A 11 3.41 2.35 -12.43
CA GLU A 11 2.49 3.24 -11.69
C GLU A 11 1.41 3.84 -12.59
N ILE A 12 1.73 4.13 -13.86
CA ILE A 12 0.80 4.61 -14.87
C ILE A 12 -0.35 3.62 -15.12
N ILE A 13 -1.53 3.97 -14.60
CA ILE A 13 -2.77 3.19 -14.67
C ILE A 13 -4.00 4.08 -14.83
N SER A 14 -5.16 3.44 -14.96
CA SER A 14 -6.50 4.02 -15.02
C SER A 14 -7.39 3.51 -13.87
N GLU A 15 -8.63 3.98 -13.79
CA GLU A 15 -9.62 3.54 -12.79
C GLU A 15 -9.78 2.01 -12.70
N GLU A 16 -9.52 1.28 -13.78
CA GLU A 16 -9.55 -0.19 -13.86
C GLU A 16 -8.67 -0.86 -12.79
N ASP A 17 -7.36 -0.57 -12.79
CA ASP A 17 -6.41 -1.04 -11.78
C ASP A 17 -6.81 -0.52 -10.40
N VAL A 18 -7.26 0.73 -10.26
CA VAL A 18 -7.61 1.29 -8.95
C VAL A 18 -8.63 0.41 -8.22
N LYS A 19 -9.72 0.04 -8.91
CA LYS A 19 -10.75 -0.87 -8.39
C LYS A 19 -10.15 -2.21 -7.92
N GLN A 20 -9.24 -2.78 -8.70
CA GLN A 20 -8.51 -4.01 -8.34
C GLN A 20 -7.61 -3.78 -7.11
N VAL A 21 -6.79 -2.72 -7.09
CA VAL A 21 -5.87 -2.38 -5.99
C VAL A 21 -6.60 -2.35 -4.65
N TYR A 22 -7.69 -1.59 -4.56
CA TYR A 22 -8.52 -1.55 -3.36
C TYR A 22 -8.93 -2.96 -2.91
N SER A 23 -9.30 -3.85 -3.84
CA SER A 23 -9.65 -5.26 -3.57
C SER A 23 -8.51 -6.08 -2.93
N ILE A 24 -7.25 -5.69 -3.12
CA ILE A 24 -6.05 -6.32 -2.53
C ILE A 24 -5.94 -6.00 -1.03
N LEU A 25 -6.16 -4.73 -0.67
CA LEU A 25 -6.12 -4.26 0.72
C LEU A 25 -7.47 -4.34 1.46
N LYS A 26 -8.59 -4.57 0.74
CA LYS A 26 -9.95 -4.74 1.29
C LYS A 26 -10.03 -5.82 2.38
N GLU A 27 -9.17 -6.84 2.28
CA GLU A 27 -9.05 -7.90 3.28
C GLU A 27 -8.26 -7.45 4.53
N LYS A 28 -8.68 -7.93 5.71
CA LYS A 28 -8.09 -7.64 7.02
C LYS A 28 -7.27 -8.79 7.61
N ASP A 29 -7.34 -9.96 6.98
CA ASP A 29 -6.67 -11.20 7.40
C ASP A 29 -5.23 -11.33 6.87
N ILE A 30 -4.72 -10.26 6.22
CA ILE A 30 -3.38 -10.15 5.62
C ILE A 30 -2.26 -9.89 6.64
N SER A 31 -2.61 -9.56 7.89
CA SER A 31 -1.71 -9.25 9.02
C SER A 31 -0.48 -10.17 9.06
N VAL A 32 0.68 -9.62 8.73
CA VAL A 32 1.95 -10.36 8.70
C VAL A 32 2.46 -10.67 10.10
N ASP A 33 3.20 -11.77 10.25
CA ASP A 33 3.80 -12.20 11.52
C ASP A 33 4.95 -11.28 11.96
N SER A 34 5.19 -11.12 13.26
CA SER A 34 6.25 -10.28 13.84
C SER A 34 7.68 -10.79 13.54
N THR A 35 7.93 -12.09 13.68
CA THR A 35 9.23 -12.71 13.36
C THR A 35 9.61 -12.49 11.89
N THR A 36 8.62 -12.60 10.99
CA THR A 36 8.76 -12.34 9.55
C THR A 36 8.75 -10.84 9.21
N TRP A 37 8.09 -9.99 10.02
CA TRP A 37 7.99 -8.54 9.80
C TRP A 37 9.35 -7.87 9.59
N ASN A 38 10.34 -8.24 10.41
CA ASN A 38 11.71 -7.73 10.32
C ASN A 38 12.29 -7.86 8.89
N ARG A 39 12.10 -9.02 8.24
CA ARG A 39 12.53 -9.29 6.85
C ARG A 39 11.57 -8.67 5.82
N ARG A 40 10.27 -8.70 6.08
CA ARG A 40 9.23 -8.06 5.25
C ARG A 40 9.50 -6.58 5.04
N TYR A 41 10.04 -5.90 6.05
CA TYR A 41 10.46 -4.50 5.96
C TYR A 41 11.41 -4.30 4.77
N ARG A 42 12.37 -5.21 4.58
CA ARG A 42 13.38 -5.17 3.49
C ARG A 42 12.76 -5.27 2.11
N GLU A 43 12.03 -6.36 1.81
CA GLU A 43 11.33 -6.53 0.53
C GLU A 43 10.43 -5.32 0.24
N TYR A 44 9.57 -4.94 1.18
CA TYR A 44 8.68 -3.79 1.06
C TYR A 44 9.44 -2.48 0.84
N MET A 45 10.61 -2.27 1.48
CA MET A 45 11.48 -1.10 1.27
C MET A 45 11.91 -0.96 -0.20
N GLU A 46 12.09 -2.06 -0.92
CA GLU A 46 12.44 -2.03 -2.35
C GLU A 46 11.20 -1.80 -3.22
N LYS A 47 10.05 -2.36 -2.83
CA LYS A 47 8.76 -2.13 -3.52
C LYS A 47 8.40 -0.64 -3.64
N ILE A 48 9.02 0.25 -2.86
CA ILE A 48 8.80 1.70 -2.90
C ILE A 48 9.46 2.37 -4.13
N LYS A 49 10.43 1.68 -4.75
CA LYS A 49 11.27 2.16 -5.86
C LYS A 49 11.15 1.27 -7.10
N THR A 50 11.00 -0.04 -6.89
CA THR A 50 10.91 -1.07 -7.95
C THR A 50 9.53 -1.74 -8.02
N GLY A 51 8.78 -1.67 -6.91
CA GLY A 51 7.47 -2.29 -6.80
C GLY A 51 6.42 -1.52 -7.59
N SER A 52 5.51 -2.27 -8.16
CA SER A 52 4.39 -1.75 -8.94
C SER A 52 3.28 -1.21 -8.04
N VAL A 53 2.30 -0.54 -8.63
CA VAL A 53 1.08 -0.02 -7.98
C VAL A 53 0.37 -1.04 -7.08
N PHE A 54 0.14 -2.24 -7.61
CA PHE A 54 -0.46 -3.37 -6.88
C PHE A 54 0.37 -3.79 -5.65
N GLU A 55 1.69 -3.58 -5.69
CA GLU A 55 2.62 -3.82 -4.59
C GLU A 55 2.67 -2.64 -3.59
N ILE A 56 2.79 -1.38 -4.02
CA ILE A 56 2.76 -0.18 -3.15
C ILE A 56 1.58 -0.20 -2.20
N ALA A 57 0.39 -0.47 -2.73
CA ALA A 57 -0.81 -0.55 -1.92
C ALA A 57 -0.71 -1.65 -0.85
N GLU A 58 -0.19 -2.85 -1.19
CA GLU A 58 0.05 -3.94 -0.24
C GLU A 58 1.06 -3.53 0.84
N VAL A 59 2.11 -2.79 0.47
CA VAL A 59 3.18 -2.33 1.37
C VAL A 59 2.59 -1.49 2.51
N LEU A 60 2.06 -0.30 2.19
CA LEU A 60 1.47 0.58 3.19
C LEU A 60 0.38 -0.11 4.03
N ARG A 61 -0.40 -1.01 3.42
CA ARG A 61 -1.46 -1.80 4.05
C ARG A 61 -0.91 -2.69 5.15
N ASP A 62 0.10 -3.50 4.81
CA ASP A 62 0.78 -4.34 5.80
C ASP A 62 1.24 -3.48 6.98
N LEU A 63 1.98 -2.40 6.72
CA LEU A 63 2.46 -1.47 7.76
C LEU A 63 1.32 -0.91 8.64
N TYR A 64 0.16 -0.60 8.05
CA TYR A 64 -1.01 -0.15 8.79
C TYR A 64 -1.56 -1.24 9.73
N LEU A 65 -1.77 -2.46 9.24
CA LEU A 65 -2.30 -3.57 10.03
C LEU A 65 -1.29 -4.11 11.06
N LEU A 66 0.01 -3.96 10.79
CA LEU A 66 1.12 -4.32 11.68
C LEU A 66 1.07 -3.59 13.03
N LYS A 67 0.60 -2.34 13.01
CA LYS A 67 0.39 -1.51 14.20
C LYS A 67 -1.00 -1.73 14.81
N GLY A 68 -2.00 -2.09 14.00
CA GLY A 68 -3.39 -2.30 14.45
C GLY A 68 -4.10 -1.01 14.91
N ASP A 69 -3.60 0.15 14.49
CA ASP A 69 -4.06 1.48 14.89
C ASP A 69 -3.84 2.51 13.76
N LYS A 70 -4.34 3.74 13.94
CA LYS A 70 -4.29 4.82 12.93
C LYS A 70 -2.94 5.54 12.91
N ASP A 71 -2.58 6.13 14.04
CA ASP A 71 -1.32 6.87 14.22
C ASP A 71 -0.16 5.88 14.38
N LEU A 72 0.41 5.44 13.25
CA LEU A 72 1.49 4.45 13.25
C LEU A 72 2.73 4.95 14.03
N SER A 73 3.53 4.01 14.53
CA SER A 73 4.77 4.35 15.24
C SER A 73 5.77 5.01 14.30
N PHE A 74 6.79 5.70 14.84
CA PHE A 74 7.86 6.31 14.05
C PHE A 74 8.51 5.31 13.08
N GLY A 75 8.70 4.05 13.51
CA GLY A 75 9.29 3.00 12.68
C GLY A 75 8.45 2.67 11.45
N GLU A 76 7.15 2.38 11.60
CA GLU A 76 6.28 2.11 10.43
C GLU A 76 6.07 3.39 9.61
N ARG A 77 5.87 4.54 10.26
CA ARG A 77 5.72 5.85 9.61
C ARG A 77 6.85 6.18 8.66
N LYS A 78 8.10 5.77 8.94
CA LYS A 78 9.26 6.01 8.06
C LYS A 78 9.05 5.53 6.62
N MET A 79 8.79 4.24 6.44
CA MET A 79 8.53 3.65 5.11
C MET A 79 7.13 3.98 4.59
N LEU A 80 6.12 3.97 5.48
CA LEU A 80 4.73 4.32 5.16
C LEU A 80 4.64 5.73 4.55
N ASP A 81 5.32 6.74 5.10
CA ASP A 81 5.37 8.11 4.57
C ASP A 81 5.70 8.15 3.06
N THR A 82 6.61 7.29 2.61
CA THR A 82 6.95 7.13 1.20
C THR A 82 5.85 6.40 0.43
N ALA A 83 5.44 5.20 0.89
CA ALA A 83 4.36 4.42 0.28
C ALA A 83 3.02 5.19 0.19
N ARG A 84 2.73 6.10 1.12
CA ARG A 84 1.56 7.00 1.14
C ARG A 84 1.56 7.94 -0.06
N SER A 85 2.66 8.67 -0.25
CA SER A 85 2.83 9.60 -1.37
C SER A 85 2.71 8.92 -2.74
N LEU A 86 2.95 7.60 -2.80
CA LEU A 86 2.80 6.76 -3.99
C LEU A 86 1.41 6.11 -4.09
N LEU A 87 0.79 5.73 -2.97
CA LEU A 87 -0.55 5.19 -2.86
C LEU A 87 -1.54 6.12 -3.56
N ILE A 88 -1.62 7.37 -3.09
CA ILE A 88 -2.57 8.30 -3.68
C ILE A 88 -2.17 8.75 -5.09
N LYS A 89 -0.90 8.59 -5.50
CA LYS A 89 -0.35 9.02 -6.80
C LYS A 89 -0.93 8.22 -7.97
N GLU A 90 -0.90 6.90 -7.88
CA GLU A 90 -1.49 6.00 -8.87
C GLU A 90 -3.03 6.06 -8.79
N LEU A 91 -3.59 5.98 -7.58
CA LEU A 91 -5.03 6.01 -7.33
C LEU A 91 -5.67 7.39 -7.65
N SER A 92 -4.87 8.45 -7.77
CA SER A 92 -5.22 9.83 -8.14
C SER A 92 -6.18 9.91 -9.34
N LEU A 93 -5.99 9.02 -10.31
CA LEU A 93 -6.83 8.91 -11.50
C LEU A 93 -8.31 8.69 -11.16
N ALA A 94 -8.61 7.63 -10.41
CA ALA A 94 -9.96 7.30 -9.93
C ALA A 94 -10.44 8.17 -8.74
N LYS A 95 -9.53 8.80 -8.00
CA LYS A 95 -9.85 9.72 -6.89
C LYS A 95 -10.77 10.85 -7.34
N ASP A 96 -10.45 11.47 -8.49
CA ASP A 96 -11.15 12.61 -9.08
C ASP A 96 -11.48 13.75 -8.06
N CYS A 97 -10.55 13.99 -7.10
CA CYS A 97 -10.71 14.90 -5.95
C CYS A 97 -9.37 15.16 -5.23
N SER A 98 -9.42 15.69 -4.00
CA SER A 98 -8.24 15.91 -3.13
C SER A 98 -7.60 14.57 -2.70
N GLU A 99 -6.35 14.58 -2.24
CA GLU A 99 -5.64 13.37 -1.75
C GLU A 99 -6.40 12.65 -0.62
N ASP A 100 -7.19 13.41 0.16
CA ASP A 100 -8.06 12.91 1.22
C ASP A 100 -8.99 11.79 0.74
N GLU A 101 -9.35 11.73 -0.56
CA GLU A 101 -10.18 10.66 -1.10
C GLU A 101 -9.57 9.28 -0.82
N ILE A 102 -8.29 9.08 -1.19
CA ILE A 102 -7.54 7.85 -0.93
C ILE A 102 -6.96 7.82 0.48
N GLU A 103 -6.34 8.91 0.95
CA GLU A 103 -5.71 8.99 2.28
C GLU A 103 -6.70 8.66 3.40
N SER A 104 -7.90 9.24 3.34
CA SER A 104 -9.00 8.98 4.27
C SER A 104 -9.64 7.62 4.02
N ASP A 105 -9.78 7.16 2.76
CA ASP A 105 -10.29 5.82 2.45
C ASP A 105 -9.50 4.70 3.13
N LEU A 106 -8.24 4.93 3.52
CA LEU A 106 -7.44 3.96 4.27
C LEU A 106 -8.18 3.50 5.53
N LYS A 107 -8.89 4.41 6.20
CA LYS A 107 -9.70 4.09 7.38
C LYS A 107 -10.83 3.10 7.10
N LYS A 108 -11.40 3.15 5.89
CA LYS A 108 -12.46 2.27 5.39
C LYS A 108 -11.93 0.92 4.91
N ILE A 109 -10.66 0.87 4.51
CA ILE A 109 -9.98 -0.32 4.02
C ILE A 109 -9.36 -1.10 5.20
N PHE A 110 -8.42 -0.50 5.93
CA PHE A 110 -7.74 -1.09 7.10
C PHE A 110 -8.59 -1.03 8.39
N ASN A 111 -9.83 -0.52 8.33
CA ASN A 111 -10.79 -0.36 9.43
C ASN A 111 -10.22 0.41 10.64
N LEU A 112 -9.68 1.60 10.38
CA LEU A 112 -9.00 2.49 11.36
C LEU A 112 -9.98 3.46 12.04
N ALA A 113 -10.98 3.93 11.29
CA ALA A 113 -12.05 4.87 11.70
C ALA A 113 -13.37 4.60 10.93
N GLY A 1 5.86 -20.38 -12.58
CA GLY A 1 5.32 -19.79 -11.33
C GLY A 1 6.39 -18.99 -10.59
N SER A 2 6.44 -17.68 -10.84
CA SER A 2 7.42 -16.74 -10.24
C SER A 2 6.87 -15.30 -10.21
N HIS A 3 6.43 -14.84 -9.03
CA HIS A 3 5.91 -13.48 -8.80
C HIS A 3 6.96 -12.62 -8.06
N MET A 4 7.94 -12.11 -8.80
CA MET A 4 9.06 -11.29 -8.30
C MET A 4 9.46 -10.19 -9.30
N GLY A 5 10.26 -9.22 -8.84
CA GLY A 5 10.69 -8.05 -9.63
C GLY A 5 9.60 -6.97 -9.72
N SER A 6 8.55 -7.25 -10.50
CA SER A 6 7.34 -6.41 -10.65
C SER A 6 6.15 -7.23 -11.14
N VAL A 7 4.94 -6.68 -10.99
CA VAL A 7 3.67 -7.28 -11.51
C VAL A 7 3.61 -7.32 -13.04
N GLY A 8 4.34 -6.42 -13.73
CA GLY A 8 4.40 -6.28 -15.18
C GLY A 8 4.31 -4.83 -15.69
N LEU A 9 3.99 -3.87 -14.81
CA LEU A 9 3.89 -2.44 -15.09
C LEU A 9 4.73 -1.60 -14.10
N ARG A 10 4.78 -0.29 -14.36
CA ARG A 10 5.56 0.71 -13.60
C ARG A 10 4.75 1.29 -12.44
N GLU A 11 3.74 2.09 -12.75
CA GLU A 11 2.89 2.79 -11.76
C GLU A 11 1.66 3.47 -12.41
N ILE A 12 1.82 4.01 -13.63
CA ILE A 12 0.72 4.61 -14.40
C ILE A 12 -0.34 3.54 -14.73
N ILE A 13 -1.60 3.85 -14.40
CA ILE A 13 -2.79 3.01 -14.60
C ILE A 13 -4.05 3.84 -14.87
N SER A 14 -5.16 3.16 -15.15
CA SER A 14 -6.51 3.72 -15.34
C SER A 14 -7.42 3.33 -14.18
N GLU A 15 -8.67 3.81 -14.17
CA GLU A 15 -9.69 3.48 -13.17
C GLU A 15 -9.92 1.96 -12.96
N GLU A 16 -9.60 1.11 -13.95
CA GLU A 16 -9.67 -0.35 -13.86
C GLU A 16 -8.81 -0.90 -12.71
N ASP A 17 -7.53 -0.55 -12.66
CA ASP A 17 -6.63 -0.92 -11.56
C ASP A 17 -7.17 -0.35 -10.24
N VAL A 18 -7.65 0.90 -10.23
CA VAL A 18 -8.10 1.58 -9.01
C VAL A 18 -9.18 0.75 -8.29
N LYS A 19 -9.95 -0.06 -9.02
CA LYS A 19 -10.94 -0.98 -8.44
C LYS A 19 -10.26 -2.26 -7.91
N GLN A 20 -9.40 -2.91 -8.70
CA GLN A 20 -8.69 -4.13 -8.31
C GLN A 20 -7.77 -3.91 -7.09
N VAL A 21 -6.92 -2.88 -7.10
CA VAL A 21 -6.01 -2.54 -6.00
C VAL A 21 -6.73 -2.39 -4.66
N TYR A 22 -7.85 -1.66 -4.63
CA TYR A 22 -8.68 -1.53 -3.44
C TYR A 22 -9.16 -2.90 -2.94
N SER A 23 -9.52 -3.80 -3.85
CA SER A 23 -9.91 -5.19 -3.56
C SER A 23 -8.77 -6.04 -2.97
N ILE A 24 -7.50 -5.76 -3.28
CA ILE A 24 -6.33 -6.43 -2.69
C ILE A 24 -6.21 -6.10 -1.21
N LEU A 25 -6.15 -4.80 -0.88
CA LEU A 25 -6.04 -4.33 0.51
C LEU A 25 -7.32 -4.46 1.33
N LYS A 26 -8.49 -4.68 0.69
CA LYS A 26 -9.79 -4.85 1.35
C LYS A 26 -9.81 -5.95 2.42
N GLU A 27 -8.97 -6.97 2.28
CA GLU A 27 -8.82 -8.07 3.23
C GLU A 27 -8.03 -7.66 4.49
N LYS A 28 -8.49 -8.12 5.66
CA LYS A 28 -7.92 -7.80 6.98
C LYS A 28 -7.06 -8.92 7.58
N ASP A 29 -7.04 -10.10 6.96
CA ASP A 29 -6.33 -11.30 7.39
C ASP A 29 -4.88 -11.38 6.85
N ILE A 30 -4.43 -10.34 6.13
CA ILE A 30 -3.10 -10.21 5.53
C ILE A 30 -1.97 -9.97 6.54
N SER A 31 -2.30 -9.62 7.79
CA SER A 31 -1.39 -9.19 8.86
C SER A 31 -0.23 -10.17 9.10
N VAL A 32 0.98 -9.82 8.63
CA VAL A 32 2.17 -10.67 8.72
C VAL A 32 2.67 -10.78 10.18
N ASP A 33 3.18 -11.95 10.56
CA ASP A 33 3.76 -12.24 11.88
C ASP A 33 4.98 -11.36 12.21
N SER A 34 5.18 -11.04 13.49
CA SER A 34 6.27 -10.17 13.99
C SER A 34 7.69 -10.71 13.73
N THR A 35 7.89 -12.03 13.82
CA THR A 35 9.17 -12.69 13.51
C THR A 35 9.57 -12.46 12.04
N THR A 36 8.60 -12.58 11.12
CA THR A 36 8.78 -12.33 9.69
C THR A 36 8.75 -10.84 9.33
N TRP A 37 8.09 -10.00 10.14
CA TRP A 37 7.95 -8.55 9.91
C TRP A 37 9.31 -7.85 9.72
N ASN A 38 10.31 -8.20 10.53
CA ASN A 38 11.69 -7.68 10.41
C ASN A 38 12.26 -7.83 8.98
N ARG A 39 12.02 -8.98 8.33
CA ARG A 39 12.46 -9.27 6.95
C ARG A 39 11.54 -8.65 5.91
N ARG A 40 10.21 -8.67 6.15
CA ARG A 40 9.19 -8.03 5.31
C ARG A 40 9.45 -6.53 5.11
N TYR A 41 9.95 -5.86 6.14
CA TYR A 41 10.35 -4.46 6.07
C TYR A 41 11.31 -4.24 4.89
N ARG A 42 12.28 -5.15 4.67
CA ARG A 42 13.27 -5.08 3.59
C ARG A 42 12.66 -5.21 2.19
N GLU A 43 11.94 -6.30 1.90
CA GLU A 43 11.26 -6.47 0.60
C GLU A 43 10.32 -5.29 0.30
N TYR A 44 9.46 -4.93 1.25
CA TYR A 44 8.56 -3.79 1.13
C TYR A 44 9.30 -2.46 0.93
N MET A 45 10.47 -2.25 1.55
CA MET A 45 11.32 -1.07 1.34
C MET A 45 11.74 -0.90 -0.12
N GLU A 46 11.93 -2.00 -0.86
CA GLU A 46 12.30 -1.95 -2.28
C GLU A 46 11.09 -1.68 -3.16
N LYS A 47 9.92 -2.24 -2.81
CA LYS A 47 8.65 -1.97 -3.50
C LYS A 47 8.32 -0.47 -3.61
N ILE A 48 8.88 0.37 -2.73
CA ILE A 48 8.71 1.83 -2.74
C ILE A 48 9.36 2.50 -3.96
N LYS A 49 10.29 1.79 -4.61
CA LYS A 49 11.12 2.25 -5.75
C LYS A 49 10.96 1.37 -6.98
N THR A 50 10.76 0.06 -6.78
CA THR A 50 10.69 -0.96 -7.84
C THR A 50 9.29 -1.55 -8.00
N GLY A 51 8.52 -1.52 -6.92
CA GLY A 51 7.18 -2.07 -6.83
C GLY A 51 6.17 -1.18 -7.54
N SER A 52 5.19 -1.83 -8.13
CA SER A 52 4.13 -1.18 -8.88
C SER A 52 2.97 -0.71 -7.99
N VAL A 53 1.93 -0.16 -8.59
CA VAL A 53 0.68 0.26 -7.95
C VAL A 53 0.07 -0.81 -7.02
N PHE A 54 -0.11 -2.01 -7.55
CA PHE A 54 -0.65 -3.16 -6.82
C PHE A 54 0.23 -3.55 -5.61
N GLU A 55 1.53 -3.28 -5.69
CA GLU A 55 2.52 -3.56 -4.66
C GLU A 55 2.60 -2.45 -3.61
N ILE A 56 2.73 -1.16 -3.99
CA ILE A 56 2.71 0.01 -3.09
C ILE A 56 1.51 -0.03 -2.15
N ALA A 57 0.33 -0.28 -2.72
CA ALA A 57 -0.88 -0.38 -1.92
C ALA A 57 -0.84 -1.56 -0.93
N GLU A 58 -0.19 -2.68 -1.28
CA GLU A 58 0.01 -3.82 -0.38
C GLU A 58 1.07 -3.53 0.70
N VAL A 59 2.09 -2.74 0.38
CA VAL A 59 3.14 -2.33 1.31
C VAL A 59 2.58 -1.51 2.47
N LEU A 60 1.99 -0.35 2.17
CA LEU A 60 1.46 0.53 3.21
C LEU A 60 0.36 -0.15 4.04
N ARG A 61 -0.41 -1.04 3.40
CA ARG A 61 -1.46 -1.87 4.01
C ARG A 61 -0.88 -2.74 5.10
N ASP A 62 0.15 -3.52 4.76
CA ASP A 62 0.81 -4.38 5.72
C ASP A 62 1.25 -3.59 6.96
N LEU A 63 1.98 -2.50 6.75
CA LEU A 63 2.40 -1.55 7.79
C LEU A 63 1.21 -1.05 8.64
N TYR A 64 0.11 -0.62 8.01
CA TYR A 64 -1.10 -0.19 8.69
C TYR A 64 -1.71 -1.28 9.57
N LEU A 65 -1.93 -2.48 9.05
CA LEU A 65 -2.52 -3.60 9.80
C LEU A 65 -1.59 -4.14 10.89
N LEU A 66 -0.27 -4.06 10.69
CA LEU A 66 0.75 -4.45 11.68
C LEU A 66 0.62 -3.66 12.99
N LYS A 67 0.07 -2.43 12.94
CA LYS A 67 -0.22 -1.59 14.12
C LYS A 67 -1.71 -1.53 14.48
N GLY A 68 -2.59 -1.59 13.47
CA GLY A 68 -4.04 -1.47 13.62
C GLY A 68 -4.50 -0.05 14.00
N ASP A 69 -3.70 0.98 13.69
CA ASP A 69 -3.93 2.38 14.08
C ASP A 69 -3.65 3.37 12.94
N LYS A 70 -4.25 4.57 13.01
CA LYS A 70 -4.13 5.68 12.05
C LYS A 70 -2.72 6.26 11.90
N ASP A 71 -1.96 6.30 13.01
CA ASP A 71 -0.57 6.76 13.10
C ASP A 71 0.29 5.61 13.65
N LEU A 72 1.15 5.05 12.79
CA LEU A 72 2.03 3.95 13.15
C LEU A 72 3.19 4.39 14.08
N SER A 73 3.96 3.42 14.56
CA SER A 73 5.15 3.69 15.39
C SER A 73 6.20 4.51 14.62
N PHE A 74 7.16 5.12 15.34
CA PHE A 74 8.23 5.94 14.73
C PHE A 74 8.94 5.21 13.58
N GLY A 75 9.27 3.92 13.77
CA GLY A 75 9.93 3.08 12.76
C GLY A 75 9.03 2.77 11.57
N GLU A 76 7.82 2.26 11.80
CA GLU A 76 6.86 1.90 10.74
C GLU A 76 6.44 3.12 9.90
N ARG A 77 6.28 4.30 10.53
CA ARG A 77 5.99 5.57 9.87
C ARG A 77 7.05 5.94 8.81
N LYS A 78 8.31 5.55 8.97
CA LYS A 78 9.42 5.87 8.03
C LYS A 78 9.10 5.40 6.61
N MET A 79 8.80 4.11 6.44
CA MET A 79 8.45 3.54 5.13
C MET A 79 7.01 3.89 4.73
N LEU A 80 6.08 3.91 5.69
CA LEU A 80 4.68 4.28 5.45
C LEU A 80 4.58 5.69 4.84
N ASP A 81 5.25 6.70 5.38
CA ASP A 81 5.26 8.07 4.87
C ASP A 81 5.60 8.13 3.37
N THR A 82 6.55 7.31 2.93
CA THR A 82 6.96 7.18 1.52
C THR A 82 5.90 6.42 0.71
N ALA A 83 5.45 5.26 1.19
CA ALA A 83 4.42 4.44 0.54
C ALA A 83 3.05 5.15 0.41
N ARG A 84 2.67 5.99 1.40
CA ARG A 84 1.47 6.84 1.42
C ARG A 84 1.46 7.81 0.25
N SER A 85 2.56 8.55 0.08
CA SER A 85 2.75 9.51 -1.02
C SER A 85 2.70 8.83 -2.41
N LEU A 86 2.93 7.52 -2.47
CA LEU A 86 2.82 6.71 -3.69
C LEU A 86 1.42 6.07 -3.87
N LEU A 87 0.76 5.62 -2.80
CA LEU A 87 -0.60 5.08 -2.82
C LEU A 87 -1.55 6.00 -3.60
N ILE A 88 -1.66 7.25 -3.15
CA ILE A 88 -2.54 8.21 -3.80
C ILE A 88 -2.05 8.66 -5.18
N LYS A 89 -0.78 8.43 -5.52
CA LYS A 89 -0.13 8.81 -6.79
C LYS A 89 -0.69 8.03 -7.97
N GLU A 90 -0.79 6.71 -7.86
CA GLU A 90 -1.37 5.87 -8.90
C GLU A 90 -2.89 6.03 -8.93
N LEU A 91 -3.51 5.94 -7.75
CA LEU A 91 -4.96 6.07 -7.53
C LEU A 91 -5.50 7.47 -7.86
N SER A 92 -4.62 8.46 -7.98
CA SER A 92 -4.91 9.86 -8.33
C SER A 92 -5.74 10.04 -9.60
N LEU A 93 -5.71 9.04 -10.49
CA LEU A 93 -6.52 9.00 -11.71
C LEU A 93 -8.03 8.98 -11.39
N ALA A 94 -8.51 7.88 -10.81
CA ALA A 94 -9.92 7.68 -10.44
C ALA A 94 -10.36 8.46 -9.18
N LYS A 95 -9.42 9.06 -8.42
CA LYS A 95 -9.71 9.85 -7.22
C LYS A 95 -10.78 10.92 -7.46
N ASP A 96 -10.72 11.58 -8.62
CA ASP A 96 -11.62 12.64 -9.10
C ASP A 96 -12.00 13.70 -8.03
N CYS A 97 -11.07 13.97 -7.10
CA CYS A 97 -11.24 14.73 -5.86
C CYS A 97 -9.87 15.09 -5.21
N SER A 98 -9.85 15.50 -3.94
CA SER A 98 -8.63 15.78 -3.15
C SER A 98 -7.88 14.50 -2.75
N GLU A 99 -6.62 14.61 -2.27
CA GLU A 99 -5.85 13.46 -1.75
C GLU A 99 -6.55 12.76 -0.58
N ASP A 100 -7.34 13.50 0.20
CA ASP A 100 -8.16 13.00 1.31
C ASP A 100 -9.08 11.85 0.87
N GLU A 101 -9.47 11.72 -0.41
CA GLU A 101 -10.26 10.57 -0.85
C GLU A 101 -9.50 9.26 -0.58
N ILE A 102 -8.31 9.09 -1.15
CA ILE A 102 -7.51 7.87 -0.98
C ILE A 102 -6.83 7.83 0.40
N GLU A 103 -6.33 8.96 0.90
CA GLU A 103 -5.69 9.07 2.21
C GLU A 103 -6.65 8.69 3.36
N SER A 104 -7.87 9.25 3.37
CA SER A 104 -8.88 8.91 4.37
C SER A 104 -9.53 7.54 4.14
N ASP A 105 -9.66 7.06 2.89
CA ASP A 105 -10.22 5.72 2.60
C ASP A 105 -9.47 4.60 3.32
N LEU A 106 -8.21 4.81 3.74
CA LEU A 106 -7.44 3.86 4.53
C LEU A 106 -8.20 3.44 5.80
N LYS A 107 -8.95 4.36 6.42
CA LYS A 107 -9.82 4.07 7.59
C LYS A 107 -10.97 3.11 7.26
N LYS A 108 -11.45 3.08 6.00
CA LYS A 108 -12.48 2.15 5.50
C LYS A 108 -11.88 0.81 5.07
N ILE A 109 -10.61 0.78 4.64
CA ILE A 109 -9.92 -0.44 4.21
C ILE A 109 -9.30 -1.17 5.40
N PHE A 110 -8.27 -0.59 6.06
CA PHE A 110 -7.52 -1.22 7.16
C PHE A 110 -8.27 -1.18 8.51
N ASN A 111 -9.36 -0.41 8.58
CA ASN A 111 -10.25 -0.20 9.74
C ASN A 111 -9.53 0.38 10.97
N LEU A 112 -9.12 1.66 10.88
CA LEU A 112 -8.37 2.37 11.94
C LEU A 112 -9.27 3.19 12.89
N ALA A 113 -10.41 3.68 12.39
CA ALA A 113 -11.42 4.47 13.12
C ALA A 113 -11.98 3.74 14.37
N GLY A 1 12.75 -11.96 -21.20
CA GLY A 1 12.33 -11.35 -19.91
C GLY A 1 11.62 -12.37 -19.02
N SER A 2 12.36 -13.02 -18.12
CA SER A 2 11.88 -14.05 -17.20
C SER A 2 12.59 -13.98 -15.82
N HIS A 3 12.03 -13.20 -14.90
CA HIS A 3 12.53 -12.99 -13.53
C HIS A 3 11.39 -12.67 -12.54
N MET A 4 11.74 -12.46 -11.27
CA MET A 4 10.85 -12.04 -10.18
C MET A 4 11.25 -10.66 -9.64
N GLY A 5 10.28 -9.92 -9.10
CA GLY A 5 10.49 -8.58 -8.52
C GLY A 5 9.16 -7.83 -8.35
N SER A 6 8.76 -7.13 -9.41
CA SER A 6 7.56 -6.29 -9.50
C SER A 6 6.64 -6.70 -10.67
N VAL A 7 5.43 -6.11 -10.71
CA VAL A 7 4.45 -6.29 -11.80
C VAL A 7 5.04 -5.74 -13.13
N GLY A 8 4.46 -6.11 -14.28
CA GLY A 8 4.90 -5.65 -15.61
C GLY A 8 4.74 -4.14 -15.86
N LEU A 9 3.91 -3.45 -15.06
CA LEU A 9 3.68 -2.01 -15.05
C LEU A 9 4.40 -1.33 -13.87
N ARG A 10 4.23 0.00 -13.73
CA ARG A 10 4.86 0.82 -12.68
C ARG A 10 3.82 1.53 -11.83
N GLU A 11 3.27 2.63 -12.31
CA GLU A 11 2.33 3.49 -11.58
C GLU A 11 1.22 4.04 -12.48
N ILE A 12 1.53 4.29 -13.76
CA ILE A 12 0.57 4.72 -14.78
C ILE A 12 -0.50 3.65 -15.05
N ILE A 13 -1.71 3.94 -14.58
CA ILE A 13 -2.90 3.08 -14.67
C ILE A 13 -4.18 3.90 -14.91
N SER A 14 -5.29 3.18 -15.09
CA SER A 14 -6.65 3.69 -15.24
C SER A 14 -7.54 3.20 -14.09
N GLU A 15 -8.81 3.62 -14.06
CA GLU A 15 -9.80 3.25 -13.04
C GLU A 15 -9.88 1.73 -12.79
N GLU A 16 -9.60 0.90 -13.81
CA GLU A 16 -9.55 -0.58 -13.71
C GLU A 16 -8.65 -1.10 -12.58
N ASP A 17 -7.36 -0.73 -12.59
CA ASP A 17 -6.43 -1.06 -11.51
C ASP A 17 -6.93 -0.50 -10.18
N VAL A 18 -7.44 0.73 -10.16
CA VAL A 18 -7.92 1.38 -8.92
C VAL A 18 -8.97 0.49 -8.23
N LYS A 19 -9.76 -0.29 -8.97
CA LYS A 19 -10.71 -1.24 -8.40
C LYS A 19 -10.00 -2.49 -7.85
N GLN A 20 -9.14 -3.11 -8.66
CA GLN A 20 -8.37 -4.31 -8.29
C GLN A 20 -7.48 -4.07 -7.06
N VAL A 21 -6.64 -3.04 -7.06
CA VAL A 21 -5.75 -2.68 -5.95
C VAL A 21 -6.51 -2.49 -4.64
N TYR A 22 -7.65 -1.78 -4.66
CA TYR A 22 -8.51 -1.63 -3.48
C TYR A 22 -8.95 -3.00 -2.95
N SER A 23 -9.35 -3.92 -3.84
CA SER A 23 -9.70 -5.31 -3.50
C SER A 23 -8.54 -6.12 -2.87
N ILE A 24 -7.27 -5.78 -3.11
CA ILE A 24 -6.11 -6.42 -2.48
C ILE A 24 -6.04 -6.04 -0.99
N LEU A 25 -6.05 -4.73 -0.70
CA LEU A 25 -6.00 -4.23 0.68
C LEU A 25 -7.32 -4.32 1.45
N LYS A 26 -8.47 -4.55 0.77
CA LYS A 26 -9.80 -4.68 1.37
C LYS A 26 -9.88 -5.75 2.47
N GLU A 27 -9.03 -6.78 2.38
CA GLU A 27 -8.92 -7.84 3.38
C GLU A 27 -8.11 -7.41 4.62
N LYS A 28 -8.55 -7.85 5.80
CA LYS A 28 -7.96 -7.51 7.11
C LYS A 28 -7.10 -8.63 7.71
N ASP A 29 -7.20 -9.84 7.16
CA ASP A 29 -6.51 -11.06 7.60
C ASP A 29 -5.08 -11.19 7.03
N ILE A 30 -4.61 -10.20 6.27
CA ILE A 30 -3.28 -10.12 5.64
C ILE A 30 -2.13 -9.91 6.64
N SER A 31 -2.43 -9.55 7.90
CA SER A 31 -1.49 -9.22 8.98
C SER A 31 -0.34 -10.22 9.07
N VAL A 32 0.86 -9.78 8.64
CA VAL A 32 2.06 -10.64 8.58
C VAL A 32 2.59 -10.98 9.99
N ASP A 33 3.30 -12.11 10.11
CA ASP A 33 3.88 -12.58 11.37
C ASP A 33 4.97 -11.64 11.91
N SER A 34 5.14 -11.55 13.24
CA SER A 34 6.12 -10.66 13.88
C SER A 34 7.58 -11.05 13.61
N THR A 35 7.88 -12.36 13.58
CA THR A 35 9.22 -12.88 13.23
C THR A 35 9.56 -12.57 11.76
N THR A 36 8.61 -12.79 10.85
CA THR A 36 8.74 -12.51 9.41
C THR A 36 8.71 -11.00 9.10
N TRP A 37 8.06 -10.18 9.94
CA TRP A 37 7.97 -8.73 9.76
C TRP A 37 9.34 -8.07 9.57
N ASN A 38 10.34 -8.47 10.35
CA ASN A 38 11.69 -7.94 10.28
C ASN A 38 12.30 -8.07 8.86
N ARG A 39 12.02 -9.17 8.15
CA ARG A 39 12.42 -9.42 6.75
C ARG A 39 11.50 -8.71 5.77
N ARG A 40 10.19 -8.76 5.99
CA ARG A 40 9.17 -8.04 5.20
C ARG A 40 9.47 -6.55 5.05
N TYR A 41 10.10 -5.94 6.05
CA TYR A 41 10.54 -4.55 5.98
C TYR A 41 11.43 -4.31 4.76
N ARG A 42 12.33 -5.26 4.43
CA ARG A 42 13.26 -5.20 3.28
C ARG A 42 12.54 -5.22 1.94
N GLU A 43 11.84 -6.31 1.60
CA GLU A 43 11.08 -6.42 0.34
C GLU A 43 10.09 -5.27 0.16
N TYR A 44 9.40 -4.85 1.22
CA TYR A 44 8.52 -3.68 1.19
C TYR A 44 9.29 -2.37 0.97
N MET A 45 10.48 -2.19 1.57
CA MET A 45 11.35 -1.02 1.35
C MET A 45 11.77 -0.89 -0.12
N GLU A 46 11.95 -2.01 -0.83
CA GLU A 46 12.27 -1.96 -2.26
C GLU A 46 11.03 -1.71 -3.12
N LYS A 47 9.86 -2.22 -2.70
CA LYS A 47 8.57 -1.97 -3.38
C LYS A 47 8.20 -0.49 -3.47
N ILE A 48 8.88 0.39 -2.72
CA ILE A 48 8.67 1.85 -2.76
C ILE A 48 9.23 2.50 -4.03
N LYS A 49 10.33 1.98 -4.57
CA LYS A 49 11.01 2.49 -5.78
C LYS A 49 10.99 1.52 -6.96
N THR A 50 10.94 0.23 -6.65
CA THR A 50 10.92 -0.90 -7.60
C THR A 50 9.51 -1.43 -7.81
N GLY A 51 8.70 -1.40 -6.75
CA GLY A 51 7.37 -1.98 -6.74
C GLY A 51 6.37 -1.19 -7.57
N SER A 52 5.35 -1.92 -7.99
CA SER A 52 4.26 -1.39 -8.80
C SER A 52 3.12 -0.84 -7.91
N VAL A 53 2.10 -0.25 -8.52
CA VAL A 53 0.88 0.26 -7.88
C VAL A 53 0.24 -0.77 -6.94
N PHE A 54 0.06 -2.00 -7.44
CA PHE A 54 -0.45 -3.14 -6.69
C PHE A 54 0.40 -3.49 -5.47
N GLU A 55 1.72 -3.25 -5.55
CA GLU A 55 2.67 -3.49 -4.47
C GLU A 55 2.72 -2.34 -3.45
N ILE A 56 2.82 -1.07 -3.89
CA ILE A 56 2.77 0.12 -3.03
C ILE A 56 1.58 0.07 -2.07
N ALA A 57 0.39 -0.20 -2.62
CA ALA A 57 -0.80 -0.29 -1.80
C ALA A 57 -0.74 -1.46 -0.80
N GLU A 58 -0.10 -2.59 -1.14
CA GLU A 58 0.11 -3.70 -0.22
C GLU A 58 1.14 -3.37 0.87
N VAL A 59 2.16 -2.57 0.55
CA VAL A 59 3.21 -2.14 1.49
C VAL A 59 2.62 -1.35 2.64
N LEU A 60 2.03 -0.18 2.35
CA LEU A 60 1.44 0.69 3.36
C LEU A 60 0.34 0.00 4.17
N ARG A 61 -0.41 -0.91 3.53
CA ARG A 61 -1.45 -1.74 4.15
C ARG A 61 -0.87 -2.63 5.22
N ASP A 62 0.15 -3.42 4.86
CA ASP A 62 0.81 -4.30 5.82
C ASP A 62 1.30 -3.49 7.03
N LEU A 63 2.04 -2.40 6.80
CA LEU A 63 2.50 -1.48 7.83
C LEU A 63 1.34 -0.95 8.72
N TYR A 64 0.22 -0.56 8.12
CA TYR A 64 -0.97 -0.14 8.87
C TYR A 64 -1.52 -1.22 9.80
N LEU A 65 -1.73 -2.44 9.28
CA LEU A 65 -2.29 -3.56 10.05
C LEU A 65 -1.30 -4.13 11.08
N LEU A 66 0.00 -4.04 10.81
CA LEU A 66 1.09 -4.44 11.70
C LEU A 66 1.05 -3.66 13.03
N LYS A 67 0.67 -2.37 12.99
CA LYS A 67 0.49 -1.53 14.18
C LYS A 67 -0.88 -1.70 14.84
N GLY A 68 -1.91 -2.04 14.07
CA GLY A 68 -3.28 -2.23 14.54
C GLY A 68 -4.00 -0.94 14.96
N ASP A 69 -3.47 0.23 14.56
CA ASP A 69 -4.01 1.55 14.90
C ASP A 69 -3.61 2.62 13.86
N LYS A 70 -4.33 3.75 13.82
CA LYS A 70 -4.04 4.92 12.97
C LYS A 70 -2.71 5.62 13.28
N ASP A 71 -2.37 5.72 14.57
CA ASP A 71 -1.15 6.34 15.06
C ASP A 71 0.03 5.35 14.97
N LEU A 72 0.56 5.17 13.75
CA LEU A 72 1.67 4.25 13.49
C LEU A 72 2.92 4.59 14.30
N SER A 73 3.74 3.56 14.58
CA SER A 73 5.00 3.73 15.31
C SER A 73 6.00 4.54 14.48
N PHE A 74 6.95 5.22 15.11
CA PHE A 74 7.98 6.02 14.43
C PHE A 74 8.70 5.23 13.32
N GLY A 75 9.04 3.96 13.60
CA GLY A 75 9.65 3.04 12.64
C GLY A 75 8.76 2.74 11.43
N GLU A 76 7.52 2.31 11.66
CA GLU A 76 6.58 1.96 10.58
C GLU A 76 6.20 3.18 9.73
N ARG A 77 6.04 4.34 10.37
CA ARG A 77 5.79 5.63 9.73
C ARG A 77 6.87 6.01 8.71
N LYS A 78 8.14 5.60 8.91
CA LYS A 78 9.26 5.93 7.99
C LYS A 78 8.99 5.44 6.56
N MET A 79 8.73 4.15 6.39
CA MET A 79 8.44 3.55 5.08
C MET A 79 7.01 3.85 4.61
N LEU A 80 6.05 3.86 5.54
CA LEU A 80 4.66 4.21 5.27
C LEU A 80 4.53 5.61 4.65
N ASP A 81 5.18 6.64 5.20
CA ASP A 81 5.18 8.01 4.68
C ASP A 81 5.52 8.07 3.17
N THR A 82 6.47 7.24 2.73
CA THR A 82 6.85 7.11 1.33
C THR A 82 5.76 6.38 0.54
N ALA A 83 5.34 5.19 0.99
CA ALA A 83 4.27 4.41 0.36
C ALA A 83 2.92 5.17 0.29
N ARG A 84 2.64 6.09 1.23
CA ARG A 84 1.46 6.97 1.26
C ARG A 84 1.45 7.92 0.08
N SER A 85 2.54 8.68 -0.10
CA SER A 85 2.72 9.63 -1.21
C SER A 85 2.69 8.94 -2.58
N LEU A 86 2.92 7.62 -2.62
CA LEU A 86 2.82 6.78 -3.82
C LEU A 86 1.43 6.15 -4.00
N LEU A 87 0.78 5.67 -2.93
CA LEU A 87 -0.58 5.11 -2.93
C LEU A 87 -1.52 6.03 -3.69
N ILE A 88 -1.65 7.27 -3.22
CA ILE A 88 -2.56 8.22 -3.85
C ILE A 88 -2.12 8.65 -5.25
N LYS A 89 -0.84 8.46 -5.60
CA LYS A 89 -0.23 8.84 -6.89
C LYS A 89 -0.84 8.09 -8.06
N GLU A 90 -1.02 6.78 -7.91
CA GLU A 90 -1.55 5.92 -8.96
C GLU A 90 -3.08 6.02 -9.00
N LEU A 91 -3.68 5.89 -7.81
CA LEU A 91 -5.10 5.97 -7.55
C LEU A 91 -5.70 7.36 -7.88
N SER A 92 -4.85 8.38 -7.98
CA SER A 92 -5.14 9.77 -8.38
C SER A 92 -6.08 9.86 -9.58
N LEU A 93 -5.92 8.95 -10.54
CA LEU A 93 -6.73 8.85 -11.75
C LEU A 93 -8.23 8.73 -11.43
N ALA A 94 -8.62 7.68 -10.69
CA ALA A 94 -10.01 7.42 -10.30
C ALA A 94 -10.48 8.30 -9.12
N LYS A 95 -9.56 8.82 -8.30
CA LYS A 95 -9.84 9.76 -7.20
C LYS A 95 -10.72 10.92 -7.67
N ASP A 96 -10.36 11.49 -8.82
CA ASP A 96 -11.02 12.64 -9.49
C ASP A 96 -11.32 13.83 -8.55
N CYS A 97 -10.49 14.00 -7.51
CA CYS A 97 -10.67 14.90 -6.36
C CYS A 97 -9.33 15.15 -5.64
N SER A 98 -9.35 15.71 -4.42
CA SER A 98 -8.16 15.92 -3.57
C SER A 98 -7.54 14.60 -3.09
N GLU A 99 -6.28 14.61 -2.63
CA GLU A 99 -5.60 13.40 -2.10
C GLU A 99 -6.36 12.73 -0.96
N ASP A 100 -7.15 13.50 -0.20
CA ASP A 100 -8.03 13.05 0.87
C ASP A 100 -8.96 11.91 0.43
N GLU A 101 -9.34 11.83 -0.86
CA GLU A 101 -10.18 10.75 -1.38
C GLU A 101 -9.59 9.37 -1.08
N ILE A 102 -8.33 9.15 -1.46
CA ILE A 102 -7.58 7.92 -1.17
C ILE A 102 -7.00 7.91 0.24
N GLU A 103 -6.37 9.00 0.68
CA GLU A 103 -5.75 9.10 2.02
C GLU A 103 -6.76 8.75 3.13
N SER A 104 -7.98 9.31 3.05
CA SER A 104 -9.07 9.00 3.98
C SER A 104 -9.71 7.65 3.73
N ASP A 105 -9.81 7.16 2.49
CA ASP A 105 -10.34 5.82 2.21
C ASP A 105 -9.57 4.72 2.95
N LEU A 106 -8.30 4.96 3.33
CA LEU A 106 -7.52 4.02 4.13
C LEU A 106 -8.24 3.67 5.44
N LYS A 107 -8.95 4.63 6.05
CA LYS A 107 -9.74 4.43 7.26
C LYS A 107 -10.87 3.41 7.08
N LYS A 108 -11.44 3.32 5.87
CA LYS A 108 -12.47 2.34 5.48
C LYS A 108 -11.85 0.99 5.11
N ILE A 109 -10.65 0.98 4.52
CA ILE A 109 -9.93 -0.22 4.11
C ILE A 109 -9.31 -0.95 5.30
N PHE A 110 -8.37 -0.31 6.00
CA PHE A 110 -7.64 -0.88 7.15
C PHE A 110 -8.44 -0.83 8.48
N ASN A 111 -9.66 -0.27 8.45
CA ASN A 111 -10.58 -0.07 9.57
C ASN A 111 -9.98 0.77 10.73
N LEU A 112 -9.47 1.95 10.37
CA LEU A 112 -8.77 2.88 11.28
C LEU A 112 -9.73 3.88 11.96
N ALA A 113 -10.77 4.32 11.23
CA ALA A 113 -11.72 5.39 11.55
C ALA A 113 -11.04 6.65 12.19
N GLY A 1 4.05 -15.92 -20.45
CA GLY A 1 5.35 -15.92 -19.73
C GLY A 1 5.20 -15.66 -18.24
N SER A 2 6.32 -15.57 -17.53
CA SER A 2 6.40 -15.27 -16.08
C SER A 2 7.49 -14.22 -15.79
N HIS A 3 7.11 -12.94 -15.86
CA HIS A 3 7.99 -11.81 -15.50
C HIS A 3 8.29 -11.81 -13.99
N MET A 4 9.44 -11.27 -13.61
CA MET A 4 9.89 -11.11 -12.21
C MET A 4 10.19 -9.64 -11.87
N GLY A 5 10.21 -9.31 -10.57
CA GLY A 5 10.46 -7.96 -10.05
C GLY A 5 9.17 -7.17 -9.83
N SER A 6 8.48 -6.82 -10.93
CA SER A 6 7.19 -6.11 -10.94
C SER A 6 6.07 -6.98 -11.54
N VAL A 7 4.81 -6.60 -11.27
CA VAL A 7 3.58 -7.25 -11.80
C VAL A 7 3.47 -7.22 -13.34
N GLY A 8 4.14 -6.27 -14.00
CA GLY A 8 4.14 -6.07 -15.46
C GLY A 8 4.04 -4.61 -15.90
N LEU A 9 3.76 -3.69 -14.97
CA LEU A 9 3.66 -2.24 -15.18
C LEU A 9 4.53 -1.45 -14.19
N ARG A 10 4.56 -0.12 -14.37
CA ARG A 10 5.37 0.85 -13.60
C ARG A 10 4.61 1.44 -12.41
N GLU A 11 3.56 2.22 -12.70
CA GLU A 11 2.77 2.96 -11.71
C GLU A 11 1.52 3.61 -12.34
N ILE A 12 1.64 4.18 -13.54
CA ILE A 12 0.50 4.73 -14.29
C ILE A 12 -0.53 3.63 -14.60
N ILE A 13 -1.79 3.91 -14.27
CA ILE A 13 -2.94 3.02 -14.48
C ILE A 13 -4.22 3.82 -14.80
N SER A 14 -5.31 3.08 -15.08
CA SER A 14 -6.66 3.58 -15.32
C SER A 14 -7.60 3.17 -14.18
N GLU A 15 -8.83 3.71 -14.16
CA GLU A 15 -9.87 3.42 -13.15
C GLU A 15 -10.11 1.92 -12.92
N GLU A 16 -9.93 1.09 -13.97
CA GLU A 16 -10.02 -0.38 -13.90
C GLU A 16 -9.11 -0.99 -12.81
N ASP A 17 -7.83 -0.62 -12.83
CA ASP A 17 -6.84 -1.08 -11.86
C ASP A 17 -7.13 -0.51 -10.47
N VAL A 18 -7.68 0.71 -10.37
CA VAL A 18 -8.11 1.33 -9.11
C VAL A 18 -9.19 0.46 -8.44
N LYS A 19 -10.16 -0.06 -9.19
CA LYS A 19 -11.16 -0.99 -8.65
C LYS A 19 -10.58 -2.35 -8.22
N GLN A 20 -9.48 -2.80 -8.83
CA GLN A 20 -8.77 -4.03 -8.45
C GLN A 20 -7.90 -3.85 -7.20
N VAL A 21 -6.97 -2.89 -7.20
CA VAL A 21 -6.09 -2.60 -6.05
C VAL A 21 -6.89 -2.38 -4.76
N TYR A 22 -8.04 -1.70 -4.83
CA TYR A 22 -8.93 -1.51 -3.68
C TYR A 22 -9.43 -2.84 -3.09
N SER A 23 -9.56 -3.90 -3.91
CA SER A 23 -9.92 -5.25 -3.46
C SER A 23 -8.73 -6.03 -2.86
N ILE A 24 -7.49 -5.72 -3.28
CA ILE A 24 -6.26 -6.35 -2.77
C ILE A 24 -6.04 -6.00 -1.29
N LEU A 25 -6.04 -4.70 -0.95
CA LEU A 25 -5.88 -4.23 0.42
C LEU A 25 -7.16 -4.30 1.28
N LYS A 26 -8.33 -4.58 0.69
CA LYS A 26 -9.63 -4.70 1.40
C LYS A 26 -9.64 -5.75 2.52
N GLU A 27 -8.79 -6.77 2.41
CA GLU A 27 -8.65 -7.84 3.40
C GLU A 27 -7.90 -7.40 4.67
N LYS A 28 -8.30 -7.94 5.82
CA LYS A 28 -7.72 -7.64 7.15
C LYS A 28 -6.93 -8.78 7.78
N ASP A 29 -6.87 -9.93 7.11
CA ASP A 29 -6.16 -11.13 7.58
C ASP A 29 -4.71 -11.22 7.06
N ILE A 30 -4.25 -10.18 6.35
CA ILE A 30 -2.91 -10.07 5.74
C ILE A 30 -1.79 -9.79 6.75
N SER A 31 -2.12 -9.35 7.97
CA SER A 31 -1.19 -8.91 9.03
C SER A 31 -0.03 -9.89 9.26
N VAL A 32 1.21 -9.44 9.01
CA VAL A 32 2.43 -10.26 9.15
C VAL A 32 2.92 -10.24 10.62
N ASP A 33 3.25 -11.41 11.17
CA ASP A 33 3.84 -11.59 12.52
C ASP A 33 5.14 -10.79 12.72
N SER A 34 5.41 -10.32 13.95
CA SER A 34 6.53 -9.44 14.30
C SER A 34 7.92 -10.02 13.98
N THR A 35 8.10 -11.34 14.15
CA THR A 35 9.33 -12.07 13.80
C THR A 35 9.65 -11.96 12.31
N THR A 36 8.64 -12.15 11.47
CA THR A 36 8.72 -12.01 10.00
C THR A 36 8.70 -10.54 9.56
N TRP A 37 8.07 -9.64 10.34
CA TRP A 37 7.92 -8.22 10.04
C TRP A 37 9.26 -7.50 9.81
N ASN A 38 10.23 -7.72 10.71
CA ASN A 38 11.58 -7.18 10.59
C ASN A 38 12.22 -7.50 9.23
N ARG A 39 11.88 -8.66 8.64
CA ARG A 39 12.36 -9.13 7.33
C ARG A 39 11.51 -8.57 6.18
N ARG A 40 10.18 -8.57 6.35
CA ARG A 40 9.18 -8.00 5.42
C ARG A 40 9.43 -6.52 5.13
N TYR A 41 9.95 -5.80 6.12
CA TYR A 41 10.35 -4.40 5.98
C TYR A 41 11.29 -4.24 4.77
N ARG A 42 12.22 -5.18 4.57
CA ARG A 42 13.22 -5.18 3.50
C ARG A 42 12.63 -5.37 2.10
N GLU A 43 11.88 -6.45 1.86
CA GLU A 43 11.18 -6.67 0.59
C GLU A 43 10.28 -5.48 0.23
N TYR A 44 9.44 -5.05 1.17
CA TYR A 44 8.55 -3.90 1.01
C TYR A 44 9.32 -2.59 0.77
N MET A 45 10.50 -2.40 1.37
CA MET A 45 11.37 -1.23 1.14
C MET A 45 11.77 -1.09 -0.35
N GLU A 46 11.93 -2.21 -1.06
CA GLU A 46 12.26 -2.21 -2.49
C GLU A 46 11.02 -1.93 -3.35
N LYS A 47 9.84 -2.40 -2.92
CA LYS A 47 8.58 -2.10 -3.60
C LYS A 47 8.30 -0.59 -3.70
N ILE A 48 8.91 0.23 -2.85
CA ILE A 48 8.76 1.70 -2.85
C ILE A 48 9.41 2.36 -4.07
N LYS A 49 10.34 1.65 -4.72
CA LYS A 49 11.17 2.11 -5.84
C LYS A 49 10.98 1.26 -7.10
N THR A 50 10.75 -0.04 -6.90
CA THR A 50 10.64 -1.06 -7.97
C THR A 50 9.23 -1.63 -8.11
N GLY A 51 8.46 -1.58 -7.02
CA GLY A 51 7.11 -2.09 -6.94
C GLY A 51 6.13 -1.18 -7.67
N SER A 52 5.09 -1.80 -8.19
CA SER A 52 4.04 -1.14 -8.95
C SER A 52 2.89 -0.63 -8.09
N VAL A 53 1.85 -0.06 -8.70
CA VAL A 53 0.62 0.40 -8.03
C VAL A 53 0.03 -0.64 -7.07
N PHE A 54 -0.20 -1.86 -7.57
CA PHE A 54 -0.73 -2.99 -6.81
C PHE A 54 0.17 -3.35 -5.62
N GLU A 55 1.48 -3.18 -5.77
CA GLU A 55 2.48 -3.48 -4.74
C GLU A 55 2.57 -2.36 -3.69
N ILE A 56 2.72 -1.08 -4.07
CA ILE A 56 2.72 0.08 -3.17
C ILE A 56 1.52 0.05 -2.21
N ALA A 57 0.32 -0.15 -2.77
CA ALA A 57 -0.88 -0.31 -1.96
C ALA A 57 -0.77 -1.49 -0.96
N GLU A 58 -0.27 -2.66 -1.39
CA GLU A 58 -0.03 -3.79 -0.50
C GLU A 58 1.04 -3.52 0.57
N VAL A 59 2.05 -2.70 0.27
CA VAL A 59 3.09 -2.31 1.21
C VAL A 59 2.48 -1.52 2.37
N LEU A 60 1.96 -0.32 2.11
CA LEU A 60 1.42 0.56 3.16
C LEU A 60 0.33 -0.12 4.00
N ARG A 61 -0.43 -1.02 3.37
CA ARG A 61 -1.47 -1.86 3.98
C ARG A 61 -0.86 -2.69 5.09
N ASP A 62 0.17 -3.49 4.77
CA ASP A 62 0.87 -4.29 5.76
C ASP A 62 1.32 -3.45 6.96
N LEU A 63 2.04 -2.36 6.70
CA LEU A 63 2.48 -1.41 7.73
C LEU A 63 1.31 -0.93 8.63
N TYR A 64 0.16 -0.58 8.05
CA TYR A 64 -1.03 -0.20 8.83
C TYR A 64 -1.57 -1.34 9.72
N LEU A 65 -1.77 -2.53 9.16
CA LEU A 65 -2.28 -3.67 9.92
C LEU A 65 -1.28 -4.21 10.97
N LEU A 66 0.03 -3.94 10.81
CA LEU A 66 1.07 -4.35 11.76
C LEU A 66 0.76 -3.91 13.19
N LYS A 67 0.27 -2.67 13.35
CA LYS A 67 -0.18 -2.11 14.64
C LYS A 67 -1.69 -2.27 14.86
N GLY A 68 -2.47 -2.35 13.78
CA GLY A 68 -3.93 -2.51 13.81
C GLY A 68 -4.70 -1.20 14.04
N ASP A 69 -4.03 -0.05 13.94
CA ASP A 69 -4.55 1.29 14.19
C ASP A 69 -3.87 2.35 13.29
N LYS A 70 -4.46 3.55 13.22
CA LYS A 70 -3.92 4.72 12.51
C LYS A 70 -2.58 5.22 13.06
N ASP A 71 -2.39 5.10 14.38
CA ASP A 71 -1.17 5.47 15.09
C ASP A 71 -0.08 4.39 14.94
N LEU A 72 0.75 4.52 13.91
CA LEU A 72 1.90 3.64 13.66
C LEU A 72 3.16 4.07 14.44
N SER A 73 4.04 3.12 14.74
CA SER A 73 5.33 3.38 15.38
C SER A 73 6.23 4.22 14.46
N PHE A 74 7.18 4.97 15.04
CA PHE A 74 8.14 5.79 14.30
C PHE A 74 8.86 5.02 13.18
N GLY A 75 9.33 3.81 13.49
CA GLY A 75 9.98 2.91 12.53
C GLY A 75 9.10 2.57 11.33
N GLU A 76 7.87 2.09 11.54
CA GLU A 76 6.92 1.82 10.45
C GLU A 76 6.56 3.09 9.67
N ARG A 77 6.37 4.22 10.38
CA ARG A 77 6.06 5.52 9.77
C ARG A 77 7.09 5.95 8.73
N LYS A 78 8.37 5.57 8.86
CA LYS A 78 9.45 5.91 7.91
C LYS A 78 9.15 5.45 6.49
N MET A 79 8.90 4.15 6.29
CA MET A 79 8.55 3.59 4.98
C MET A 79 7.10 3.89 4.59
N LEU A 80 6.16 3.85 5.57
CA LEU A 80 4.76 4.20 5.35
C LEU A 80 4.62 5.60 4.75
N ASP A 81 5.28 6.62 5.30
CA ASP A 81 5.28 7.99 4.77
C ASP A 81 5.59 8.06 3.26
N THR A 82 6.54 7.26 2.79
CA THR A 82 6.90 7.15 1.38
C THR A 82 5.82 6.39 0.60
N ALA A 83 5.42 5.19 1.06
CA ALA A 83 4.38 4.37 0.44
C ALA A 83 3.00 5.10 0.37
N ARG A 84 2.69 5.98 1.32
CA ARG A 84 1.49 6.85 1.39
C ARG A 84 1.48 7.83 0.23
N SER A 85 2.56 8.61 0.08
CA SER A 85 2.73 9.59 -1.00
C SER A 85 2.71 8.95 -2.39
N LEU A 86 2.96 7.65 -2.48
CA LEU A 86 2.88 6.84 -3.70
C LEU A 86 1.49 6.19 -3.89
N LEU A 87 0.84 5.69 -2.84
CA LEU A 87 -0.51 5.10 -2.87
C LEU A 87 -1.47 6.00 -3.64
N ILE A 88 -1.59 7.25 -3.19
CA ILE A 88 -2.53 8.19 -3.78
C ILE A 88 -2.09 8.69 -5.16
N LYS A 89 -0.83 8.47 -5.54
CA LYS A 89 -0.20 8.90 -6.80
C LYS A 89 -0.75 8.15 -8.01
N GLU A 90 -0.91 6.83 -7.88
CA GLU A 90 -1.44 5.99 -8.96
C GLU A 90 -2.97 6.07 -9.00
N LEU A 91 -3.58 5.92 -7.82
CA LEU A 91 -5.02 6.01 -7.59
C LEU A 91 -5.59 7.40 -7.87
N SER A 92 -4.74 8.43 -7.94
CA SER A 92 -5.05 9.83 -8.20
C SER A 92 -5.99 10.03 -9.41
N LEU A 93 -5.83 9.17 -10.41
CA LEU A 93 -6.63 9.14 -11.64
C LEU A 93 -8.14 8.97 -11.34
N ALA A 94 -8.51 7.84 -10.74
CA ALA A 94 -9.90 7.55 -10.36
C ALA A 94 -10.40 8.46 -9.23
N LYS A 95 -9.50 8.99 -8.38
CA LYS A 95 -9.81 9.96 -7.32
C LYS A 95 -10.49 11.20 -7.90
N ASP A 96 -9.85 11.86 -8.87
CA ASP A 96 -10.29 13.13 -9.49
C ASP A 96 -10.70 14.24 -8.47
N CYS A 97 -10.05 14.27 -7.30
CA CYS A 97 -10.37 15.09 -6.13
C CYS A 97 -9.13 15.33 -5.22
N SER A 98 -9.33 15.87 -4.00
CA SER A 98 -8.27 16.08 -2.99
C SER A 98 -7.68 14.74 -2.53
N GLU A 99 -6.39 14.68 -2.15
CA GLU A 99 -5.71 13.46 -1.67
C GLU A 99 -6.49 12.72 -0.55
N ASP A 100 -7.26 13.46 0.24
CA ASP A 100 -8.15 12.94 1.29
C ASP A 100 -9.09 11.85 0.75
N GLU A 101 -9.41 11.80 -0.55
CA GLU A 101 -10.22 10.73 -1.12
C GLU A 101 -9.55 9.37 -0.88
N ILE A 102 -8.32 9.17 -1.36
CA ILE A 102 -7.58 7.91 -1.22
C ILE A 102 -6.94 7.79 0.18
N GLU A 103 -6.41 8.88 0.74
CA GLU A 103 -5.83 8.92 2.09
C GLU A 103 -6.86 8.53 3.17
N SER A 104 -8.06 9.12 3.14
CA SER A 104 -9.13 8.77 4.08
C SER A 104 -9.76 7.42 3.74
N ASP A 105 -9.77 6.97 2.47
CA ASP A 105 -10.28 5.63 2.13
C ASP A 105 -9.56 4.53 2.92
N LEU A 106 -8.31 4.76 3.35
CA LEU A 106 -7.54 3.85 4.19
C LEU A 106 -8.29 3.49 5.47
N LYS A 107 -9.07 4.42 6.04
CA LYS A 107 -9.89 4.20 7.23
C LYS A 107 -10.97 3.12 7.03
N LYS A 108 -11.48 2.96 5.82
CA LYS A 108 -12.48 1.98 5.38
C LYS A 108 -11.84 0.68 4.88
N ILE A 109 -10.58 0.76 4.42
CA ILE A 109 -9.77 -0.39 3.99
C ILE A 109 -9.23 -1.13 5.23
N PHE A 110 -8.34 -0.49 6.00
CA PHE A 110 -7.67 -1.06 7.17
C PHE A 110 -8.49 -0.95 8.48
N ASN A 111 -9.74 -0.47 8.38
CA ASN A 111 -10.69 -0.23 9.49
C ASN A 111 -10.11 0.65 10.62
N LEU A 112 -9.53 1.80 10.24
CA LEU A 112 -8.89 2.78 11.14
C LEU A 112 -9.88 3.81 11.71
N ALA A 113 -11.04 3.98 11.05
CA ALA A 113 -12.11 4.94 11.41
C ALA A 113 -12.65 4.72 12.84
N GLY A 1 9.63 -21.42 -23.71
CA GLY A 1 10.35 -20.60 -22.73
C GLY A 1 9.41 -19.93 -21.75
N SER A 2 9.88 -19.68 -20.52
CA SER A 2 9.13 -19.00 -19.44
C SER A 2 10.05 -18.11 -18.59
N HIS A 3 9.47 -17.12 -17.91
CA HIS A 3 10.16 -16.23 -16.96
C HIS A 3 9.15 -15.64 -15.96
N MET A 4 9.61 -15.36 -14.73
CA MET A 4 8.84 -14.69 -13.68
C MET A 4 9.54 -13.39 -13.26
N GLY A 5 8.77 -12.44 -12.76
CA GLY A 5 9.25 -11.09 -12.40
C GLY A 5 8.13 -10.22 -11.83
N SER A 6 8.26 -8.90 -11.99
CA SER A 6 7.25 -7.91 -11.61
C SER A 6 5.93 -8.15 -12.35
N VAL A 7 4.83 -7.53 -11.89
CA VAL A 7 3.50 -7.61 -12.52
C VAL A 7 3.48 -7.23 -14.02
N GLY A 8 4.41 -6.36 -14.45
CA GLY A 8 4.63 -5.95 -15.84
C GLY A 8 4.60 -4.44 -16.03
N LEU A 9 3.59 -3.77 -15.45
CA LEU A 9 3.44 -2.32 -15.43
C LEU A 9 4.38 -1.66 -14.39
N ARG A 10 4.15 -0.37 -14.12
CA ARG A 10 4.84 0.46 -13.13
C ARG A 10 3.82 1.15 -12.24
N GLU A 11 3.31 2.29 -12.68
CA GLU A 11 2.43 3.17 -11.89
C GLU A 11 1.27 3.75 -12.73
N ILE A 12 1.54 4.10 -13.99
CA ILE A 12 0.53 4.56 -14.97
C ILE A 12 -0.56 3.51 -15.22
N ILE A 13 -1.76 3.81 -14.74
CA ILE A 13 -2.96 2.97 -14.82
C ILE A 13 -4.24 3.81 -14.99
N SER A 14 -5.38 3.12 -15.12
CA SER A 14 -6.73 3.68 -15.20
C SER A 14 -7.57 3.22 -14.00
N GLU A 15 -8.84 3.65 -13.93
CA GLU A 15 -9.81 3.23 -12.90
C GLU A 15 -9.88 1.70 -12.72
N GLU A 16 -9.62 0.91 -13.78
CA GLU A 16 -9.62 -0.56 -13.78
C GLU A 16 -8.72 -1.15 -12.67
N ASP A 17 -7.44 -0.79 -12.69
CA ASP A 17 -6.47 -1.16 -11.66
C ASP A 17 -6.89 -0.63 -10.30
N VAL A 18 -7.35 0.63 -10.21
CA VAL A 18 -7.71 1.25 -8.92
C VAL A 18 -8.77 0.39 -8.20
N LYS A 19 -9.84 0.04 -8.91
CA LYS A 19 -10.90 -0.86 -8.43
C LYS A 19 -10.34 -2.18 -7.91
N GLN A 20 -9.38 -2.79 -8.63
CA GLN A 20 -8.70 -4.00 -8.19
C GLN A 20 -7.86 -3.75 -6.93
N VAL A 21 -6.97 -2.75 -6.92
CA VAL A 21 -6.14 -2.34 -5.77
C VAL A 21 -6.95 -2.21 -4.49
N TYR A 22 -8.08 -1.49 -4.54
CA TYR A 22 -9.01 -1.37 -3.42
C TYR A 22 -9.48 -2.72 -2.86
N SER A 23 -9.65 -3.72 -3.72
CA SER A 23 -9.99 -5.10 -3.36
C SER A 23 -8.81 -5.91 -2.77
N ILE A 24 -7.55 -5.54 -3.08
CA ILE A 24 -6.32 -6.18 -2.57
C ILE A 24 -6.14 -5.91 -1.07
N LEU A 25 -6.26 -4.64 -0.69
CA LEU A 25 -6.12 -4.20 0.70
C LEU A 25 -7.42 -4.28 1.52
N LYS A 26 -8.58 -4.51 0.87
CA LYS A 26 -9.89 -4.71 1.53
C LYS A 26 -9.91 -5.87 2.54
N GLU A 27 -9.04 -6.85 2.38
CA GLU A 27 -8.87 -7.97 3.29
C GLU A 27 -7.99 -7.62 4.50
N LYS A 28 -8.41 -8.08 5.69
CA LYS A 28 -7.74 -7.86 6.98
C LYS A 28 -6.94 -9.08 7.48
N ASP A 29 -6.81 -10.11 6.64
CA ASP A 29 -6.18 -11.41 6.94
C ASP A 29 -4.71 -11.50 6.46
N ILE A 30 -4.14 -10.36 6.06
CA ILE A 30 -2.78 -10.21 5.51
C ILE A 30 -1.73 -9.88 6.58
N SER A 31 -2.15 -9.59 7.82
CA SER A 31 -1.34 -9.14 8.97
C SER A 31 -0.04 -9.95 9.14
N VAL A 32 1.10 -9.36 8.74
CA VAL A 32 2.41 -10.00 8.80
C VAL A 32 2.85 -10.18 10.26
N ASP A 33 3.35 -11.36 10.60
CA ASP A 33 3.89 -11.70 11.92
C ASP A 33 5.10 -10.82 12.32
N SER A 34 5.24 -10.46 13.59
CA SER A 34 6.31 -9.57 14.07
C SER A 34 7.73 -10.13 13.88
N THR A 35 7.91 -11.45 14.02
CA THR A 35 9.19 -12.15 13.79
C THR A 35 9.67 -11.97 12.34
N THR A 36 8.75 -12.09 11.39
CA THR A 36 9.00 -11.90 9.95
C THR A 36 8.94 -10.44 9.53
N TRP A 37 8.25 -9.56 10.27
CA TRP A 37 8.10 -8.14 9.96
C TRP A 37 9.45 -7.44 9.73
N ASN A 38 10.43 -7.71 10.60
CA ASN A 38 11.80 -7.21 10.48
C ASN A 38 12.42 -7.48 9.08
N ARG A 39 12.08 -8.61 8.45
CA ARG A 39 12.50 -8.99 7.09
C ARG A 39 11.55 -8.43 6.02
N ARG A 40 10.23 -8.45 6.27
CA ARG A 40 9.21 -7.85 5.40
C ARG A 40 9.48 -6.38 5.11
N TYR A 41 10.08 -5.66 6.06
CA TYR A 41 10.50 -4.28 5.91
C TYR A 41 11.42 -4.11 4.68
N ARG A 42 12.35 -5.06 4.47
CA ARG A 42 13.35 -5.04 3.40
C ARG A 42 12.72 -5.19 2.01
N GLU A 43 11.96 -6.26 1.77
CA GLU A 43 11.22 -6.47 0.52
C GLU A 43 10.34 -5.26 0.19
N TYR A 44 9.52 -4.81 1.15
CA TYR A 44 8.66 -3.65 0.99
C TYR A 44 9.42 -2.35 0.73
N MET A 45 10.59 -2.14 1.34
CA MET A 45 11.46 -0.98 1.07
C MET A 45 11.86 -0.87 -0.41
N GLU A 46 12.03 -1.99 -1.11
CA GLU A 46 12.31 -2.03 -2.54
C GLU A 46 11.05 -1.77 -3.37
N LYS A 47 9.90 -2.31 -2.95
CA LYS A 47 8.61 -2.05 -3.60
C LYS A 47 8.25 -0.55 -3.69
N ILE A 48 8.89 0.33 -2.92
CA ILE A 48 8.67 1.79 -2.94
C ILE A 48 9.24 2.45 -4.20
N LYS A 49 10.23 1.81 -4.84
CA LYS A 49 10.94 2.31 -6.04
C LYS A 49 10.89 1.34 -7.22
N THR A 50 10.77 0.03 -6.95
CA THR A 50 10.73 -1.04 -7.97
C THR A 50 9.34 -1.65 -8.08
N GLY A 51 8.59 -1.61 -6.99
CA GLY A 51 7.25 -2.15 -6.89
C GLY A 51 6.27 -1.33 -7.69
N SER A 52 5.30 -2.05 -8.25
CA SER A 52 4.21 -1.46 -9.02
C SER A 52 3.07 -0.95 -8.14
N VAL A 53 2.07 -0.33 -8.74
CA VAL A 53 0.84 0.14 -8.10
C VAL A 53 0.16 -0.93 -7.24
N PHE A 54 0.02 -2.15 -7.76
CA PHE A 54 -0.53 -3.30 -7.04
C PHE A 54 0.30 -3.71 -5.82
N GLU A 55 1.60 -3.38 -5.83
CA GLU A 55 2.55 -3.63 -4.76
C GLU A 55 2.58 -2.50 -3.72
N ILE A 56 2.72 -1.22 -4.11
CA ILE A 56 2.67 -0.03 -3.22
C ILE A 56 1.46 -0.07 -2.28
N ALA A 57 0.26 -0.31 -2.84
CA ALA A 57 -0.92 -0.46 -2.01
C ALA A 57 -0.76 -1.59 -0.96
N GLU A 58 -0.29 -2.77 -1.37
CA GLU A 58 0.00 -3.87 -0.43
C GLU A 58 1.03 -3.44 0.64
N VAL A 59 2.08 -2.71 0.24
CA VAL A 59 3.16 -2.27 1.14
C VAL A 59 2.60 -1.46 2.30
N LEU A 60 2.00 -0.30 2.01
CA LEU A 60 1.45 0.55 3.06
C LEU A 60 0.39 -0.18 3.91
N ARG A 61 -0.38 -1.09 3.30
CA ARG A 61 -1.42 -1.90 3.94
C ARG A 61 -0.83 -2.78 5.01
N ASP A 62 0.17 -3.59 4.67
CA ASP A 62 0.88 -4.43 5.64
C ASP A 62 1.32 -3.59 6.84
N LEU A 63 2.02 -2.47 6.60
CA LEU A 63 2.42 -1.52 7.65
C LEU A 63 1.25 -1.02 8.51
N TYR A 64 0.12 -0.65 7.91
CA TYR A 64 -1.07 -0.25 8.64
C TYR A 64 -1.62 -1.36 9.55
N LEU A 65 -1.81 -2.57 9.02
CA LEU A 65 -2.37 -3.71 9.77
C LEU A 65 -1.40 -4.27 10.83
N LEU A 66 -0.10 -4.11 10.61
CA LEU A 66 0.97 -4.49 11.54
C LEU A 66 0.85 -3.77 12.90
N LYS A 67 0.21 -2.59 12.92
CA LYS A 67 -0.08 -1.81 14.13
C LYS A 67 -1.57 -1.80 14.51
N GLY A 68 -2.46 -1.90 13.53
CA GLY A 68 -3.92 -2.01 13.74
C GLY A 68 -4.59 -0.69 14.16
N ASP A 69 -3.97 0.45 13.86
CA ASP A 69 -4.47 1.79 14.15
C ASP A 69 -4.01 2.82 13.09
N LYS A 70 -4.42 4.09 13.24
CA LYS A 70 -4.01 5.22 12.39
C LYS A 70 -2.60 5.73 12.68
N ASP A 71 -2.23 5.81 13.96
CA ASP A 71 -0.95 6.36 14.43
C ASP A 71 0.09 5.23 14.66
N LEU A 72 0.60 4.69 13.55
CA LEU A 72 1.57 3.57 13.55
C LEU A 72 2.84 3.88 14.37
N SER A 73 3.63 2.85 14.66
CA SER A 73 4.92 3.02 15.35
C SER A 73 5.87 3.90 14.52
N PHE A 74 6.75 4.65 15.18
CA PHE A 74 7.75 5.48 14.51
C PHE A 74 8.60 4.70 13.50
N GLY A 75 8.95 3.45 13.83
CA GLY A 75 9.67 2.52 12.93
C GLY A 75 8.92 2.22 11.64
N GLU A 76 7.62 1.94 11.71
CA GLU A 76 6.77 1.68 10.53
C GLU A 76 6.49 2.97 9.74
N ARG A 77 6.15 4.05 10.45
CA ARG A 77 5.86 5.38 9.90
C ARG A 77 6.94 5.85 8.92
N LYS A 78 8.21 5.51 9.14
CA LYS A 78 9.35 5.79 8.24
C LYS A 78 9.09 5.38 6.79
N MET A 79 8.83 4.09 6.52
CA MET A 79 8.51 3.59 5.17
C MET A 79 7.08 3.94 4.76
N LEU A 80 6.12 3.86 5.68
CA LEU A 80 4.72 4.21 5.43
C LEU A 80 4.61 5.62 4.86
N ASP A 81 5.29 6.61 5.43
CA ASP A 81 5.32 8.00 4.95
C ASP A 81 5.68 8.09 3.45
N THR A 82 6.63 7.27 2.99
CA THR A 82 7.04 7.18 1.59
C THR A 82 5.99 6.44 0.74
N ALA A 83 5.50 5.27 1.20
CA ALA A 83 4.49 4.48 0.50
C ALA A 83 3.11 5.18 0.41
N ARG A 84 2.71 5.94 1.42
CA ARG A 84 1.49 6.77 1.48
C ARG A 84 1.48 7.76 0.33
N SER A 85 2.58 8.49 0.15
CA SER A 85 2.76 9.45 -0.95
C SER A 85 2.68 8.80 -2.33
N LEU A 86 2.88 7.48 -2.44
CA LEU A 86 2.73 6.70 -3.68
C LEU A 86 1.35 6.09 -3.86
N LEU A 87 0.70 5.65 -2.77
CA LEU A 87 -0.66 5.13 -2.75
C LEU A 87 -1.61 6.08 -3.46
N ILE A 88 -1.69 7.31 -2.98
CA ILE A 88 -2.59 8.32 -3.56
C ILE A 88 -2.14 8.82 -4.94
N LYS A 89 -0.86 8.63 -5.31
CA LYS A 89 -0.23 9.08 -6.58
C LYS A 89 -0.70 8.27 -7.79
N GLU A 90 -0.65 6.95 -7.68
CA GLU A 90 -1.16 6.01 -8.70
C GLU A 90 -2.70 5.95 -8.72
N LEU A 91 -3.32 5.80 -7.53
CA LEU A 91 -4.77 5.78 -7.37
C LEU A 91 -5.42 7.15 -7.68
N SER A 92 -4.62 8.24 -7.75
CA SER A 92 -5.03 9.63 -8.05
C SER A 92 -6.01 9.75 -9.23
N LEU A 93 -5.84 8.86 -10.22
CA LEU A 93 -6.66 8.79 -11.41
C LEU A 93 -8.15 8.59 -11.09
N ALA A 94 -8.48 7.48 -10.44
CA ALA A 94 -9.86 7.18 -10.04
C ALA A 94 -10.38 8.13 -8.94
N LYS A 95 -9.49 8.73 -8.15
CA LYS A 95 -9.80 9.74 -7.13
C LYS A 95 -10.49 10.96 -7.77
N ASP A 96 -9.85 11.56 -8.79
CA ASP A 96 -10.32 12.78 -9.46
C ASP A 96 -10.72 13.92 -8.48
N CYS A 97 -9.99 14.05 -7.37
CA CYS A 97 -10.28 14.96 -6.24
C CYS A 97 -9.05 15.22 -5.34
N SER A 98 -9.24 15.85 -4.18
CA SER A 98 -8.19 16.08 -3.16
C SER A 98 -7.61 14.77 -2.65
N GLU A 99 -6.31 14.73 -2.28
CA GLU A 99 -5.63 13.52 -1.77
C GLU A 99 -6.37 12.81 -0.63
N ASP A 100 -7.12 13.58 0.18
CA ASP A 100 -7.98 13.09 1.25
C ASP A 100 -8.95 11.99 0.78
N GLU A 101 -9.31 11.91 -0.51
CA GLU A 101 -10.13 10.83 -1.05
C GLU A 101 -9.47 9.47 -0.76
N ILE A 102 -8.24 9.24 -1.24
CA ILE A 102 -7.51 7.98 -1.07
C ILE A 102 -6.85 7.90 0.32
N GLU A 103 -6.33 9.02 0.85
CA GLU A 103 -5.74 9.10 2.19
C GLU A 103 -6.75 8.73 3.29
N SER A 104 -7.96 9.30 3.27
CA SER A 104 -9.03 8.93 4.21
C SER A 104 -9.67 7.59 3.85
N ASP A 105 -9.61 7.12 2.60
CA ASP A 105 -10.14 5.78 2.26
C ASP A 105 -9.47 4.66 3.08
N LEU A 106 -8.25 4.88 3.60
CA LEU A 106 -7.56 3.93 4.47
C LEU A 106 -8.39 3.54 5.70
N LYS A 107 -9.07 4.49 6.35
CA LYS A 107 -9.97 4.20 7.47
C LYS A 107 -11.19 3.34 7.10
N LYS A 108 -11.55 3.28 5.81
CA LYS A 108 -12.62 2.44 5.24
C LYS A 108 -12.10 1.08 4.74
N ILE A 109 -10.79 0.93 4.55
CA ILE A 109 -10.13 -0.30 4.11
C ILE A 109 -9.57 -1.06 5.33
N PHE A 110 -8.55 -0.50 5.98
CA PHE A 110 -7.87 -1.10 7.14
C PHE A 110 -8.71 -1.01 8.43
N ASN A 111 -9.80 -0.24 8.41
CA ASN A 111 -10.74 -0.03 9.53
C ASN A 111 -10.02 0.44 10.82
N LEU A 112 -9.36 1.60 10.73
CA LEU A 112 -8.61 2.22 11.84
C LEU A 112 -9.52 2.90 12.89
N ALA A 113 -10.75 3.25 12.50
CA ALA A 113 -11.76 3.90 13.34
C ALA A 113 -12.19 3.02 14.54
N GLY A 1 -0.34 -22.00 -15.69
CA GLY A 1 0.65 -20.92 -15.95
C GLY A 1 1.64 -20.78 -14.81
N SER A 2 2.40 -19.67 -14.81
CA SER A 2 3.38 -19.29 -13.77
C SER A 2 3.34 -17.79 -13.46
N HIS A 3 3.82 -17.39 -12.28
CA HIS A 3 3.97 -16.00 -11.83
C HIS A 3 5.37 -15.77 -11.23
N MET A 4 6.24 -15.07 -11.97
CA MET A 4 7.60 -14.69 -11.58
C MET A 4 7.90 -13.23 -11.91
N GLY A 5 8.88 -12.62 -11.22
CA GLY A 5 9.24 -11.20 -11.37
C GLY A 5 8.09 -10.24 -10.99
N SER A 6 8.22 -8.97 -11.39
CA SER A 6 7.17 -7.95 -11.21
C SER A 6 5.93 -8.24 -12.08
N VAL A 7 4.80 -7.61 -11.73
CA VAL A 7 3.53 -7.71 -12.49
C VAL A 7 3.65 -7.27 -13.96
N GLY A 8 4.56 -6.33 -14.26
CA GLY A 8 4.90 -5.86 -15.60
C GLY A 8 4.89 -4.32 -15.72
N LEU A 9 3.79 -3.70 -15.31
CA LEU A 9 3.62 -2.24 -15.24
C LEU A 9 4.38 -1.62 -14.05
N ARG A 10 4.22 -0.30 -13.87
CA ARG A 10 4.92 0.53 -12.86
C ARG A 10 3.92 1.28 -11.97
N GLU A 11 3.32 2.35 -12.47
CA GLU A 11 2.41 3.23 -11.72
C GLU A 11 1.31 3.83 -12.60
N ILE A 12 1.63 4.13 -13.87
CA ILE A 12 0.68 4.60 -14.89
C ILE A 12 -0.43 3.57 -15.16
N ILE A 13 -1.64 3.89 -14.70
CA ILE A 13 -2.85 3.08 -14.82
C ILE A 13 -4.11 3.94 -15.03
N SER A 14 -5.24 3.27 -15.21
CA SER A 14 -6.59 3.83 -15.34
C SER A 14 -7.48 3.35 -14.20
N GLU A 15 -8.75 3.78 -14.18
CA GLU A 15 -9.77 3.37 -13.20
C GLU A 15 -9.87 1.83 -13.04
N GLU A 16 -9.55 1.04 -14.07
CA GLU A 16 -9.51 -0.44 -14.03
C GLU A 16 -8.66 -0.98 -12.87
N ASP A 17 -7.38 -0.60 -12.81
CA ASP A 17 -6.49 -0.96 -11.70
C ASP A 17 -7.02 -0.37 -10.40
N VAL A 18 -7.49 0.89 -10.39
CA VAL A 18 -8.01 1.52 -9.18
C VAL A 18 -9.12 0.68 -8.54
N LYS A 19 -9.96 -0.01 -9.32
CA LYS A 19 -10.98 -0.92 -8.79
C LYS A 19 -10.37 -2.22 -8.24
N GLN A 20 -9.39 -2.82 -8.93
CA GLN A 20 -8.71 -4.04 -8.48
C GLN A 20 -7.83 -3.82 -7.23
N VAL A 21 -6.94 -2.84 -7.24
CA VAL A 21 -6.06 -2.51 -6.10
C VAL A 21 -6.87 -2.27 -4.81
N TYR A 22 -8.03 -1.62 -4.88
CA TYR A 22 -8.93 -1.43 -3.74
C TYR A 22 -9.43 -2.78 -3.18
N SER A 23 -9.66 -3.78 -4.04
CA SER A 23 -10.02 -5.15 -3.64
C SER A 23 -8.84 -5.93 -3.03
N ILE A 24 -7.60 -5.69 -3.48
CA ILE A 24 -6.37 -6.32 -2.94
C ILE A 24 -6.19 -6.01 -1.46
N LEU A 25 -6.25 -4.72 -1.08
CA LEU A 25 -6.08 -4.30 0.31
C LEU A 25 -7.35 -4.41 1.19
N LYS A 26 -8.53 -4.63 0.60
CA LYS A 26 -9.81 -4.85 1.31
C LYS A 26 -9.80 -6.03 2.29
N GLU A 27 -8.89 -6.98 2.12
CA GLU A 27 -8.68 -8.12 3.03
C GLU A 27 -7.72 -7.75 4.18
N LYS A 28 -8.21 -7.90 5.42
CA LYS A 28 -7.45 -7.67 6.68
C LYS A 28 -6.67 -8.91 7.16
N ASP A 29 -6.75 -10.02 6.43
CA ASP A 29 -6.15 -11.33 6.77
C ASP A 29 -4.66 -11.45 6.36
N ILE A 30 -4.07 -10.36 5.90
CA ILE A 30 -2.69 -10.24 5.40
C ILE A 30 -1.67 -9.90 6.51
N SER A 31 -2.13 -9.58 7.73
CA SER A 31 -1.33 -9.04 8.84
C SER A 31 -0.06 -9.85 9.14
N VAL A 32 1.10 -9.21 8.96
CA VAL A 32 2.41 -9.87 9.11
C VAL A 32 2.79 -9.95 10.59
N ASP A 33 3.16 -11.15 11.06
CA ASP A 33 3.65 -11.38 12.43
C ASP A 33 4.87 -10.50 12.76
N SER A 34 4.89 -9.88 13.94
CA SER A 34 5.99 -9.00 14.41
C SER A 34 7.39 -9.62 14.32
N THR A 35 7.49 -10.96 14.35
CA THR A 35 8.74 -11.71 14.16
C THR A 35 9.26 -11.58 12.72
N THR A 36 8.49 -12.04 11.74
CA THR A 36 8.83 -11.95 10.30
C THR A 36 8.76 -10.52 9.77
N TRP A 37 8.03 -9.62 10.43
CA TRP A 37 7.90 -8.21 10.07
C TRP A 37 9.25 -7.51 9.88
N ASN A 38 10.22 -7.79 10.76
CA ASN A 38 11.58 -7.27 10.67
C ASN A 38 12.24 -7.56 9.31
N ARG A 39 11.91 -8.70 8.68
CA ARG A 39 12.35 -9.12 7.33
C ARG A 39 11.45 -8.56 6.23
N ARG A 40 10.12 -8.58 6.43
CA ARG A 40 9.13 -8.01 5.52
C ARG A 40 9.41 -6.53 5.19
N TYR A 41 9.94 -5.79 6.17
CA TYR A 41 10.37 -4.41 5.99
C TYR A 41 11.34 -4.27 4.81
N ARG A 42 12.29 -5.20 4.68
CA ARG A 42 13.33 -5.23 3.64
C ARG A 42 12.75 -5.42 2.24
N GLU A 43 11.98 -6.49 2.02
CA GLU A 43 11.29 -6.73 0.73
C GLU A 43 10.42 -5.53 0.35
N TYR A 44 9.58 -5.05 1.26
CA TYR A 44 8.71 -3.89 1.03
C TYR A 44 9.49 -2.60 0.75
N MET A 45 10.67 -2.39 1.36
CA MET A 45 11.54 -1.24 1.08
C MET A 45 11.96 -1.17 -0.40
N GLU A 46 12.04 -2.32 -1.08
CA GLU A 46 12.33 -2.40 -2.53
C GLU A 46 11.08 -2.11 -3.35
N LYS A 47 9.90 -2.57 -2.92
CA LYS A 47 8.62 -2.25 -3.56
C LYS A 47 8.35 -0.74 -3.68
N ILE A 48 9.05 0.12 -2.94
CA ILE A 48 8.92 1.58 -3.00
C ILE A 48 9.63 2.19 -4.22
N LYS A 49 10.58 1.46 -4.83
CA LYS A 49 11.33 1.85 -6.04
C LYS A 49 11.10 0.93 -7.25
N THR A 50 10.82 -0.36 -6.99
CA THR A 50 10.66 -1.40 -8.02
C THR A 50 9.26 -1.99 -8.07
N GLY A 51 8.53 -1.87 -6.95
CA GLY A 51 7.18 -2.37 -6.80
C GLY A 51 6.20 -1.55 -7.63
N SER A 52 5.33 -2.26 -8.33
CA SER A 52 4.25 -1.66 -9.09
C SER A 52 3.16 -1.09 -8.18
N VAL A 53 2.15 -0.45 -8.74
CA VAL A 53 0.95 0.09 -8.07
C VAL A 53 0.29 -0.94 -7.15
N PHE A 54 0.02 -2.13 -7.69
CA PHE A 54 -0.53 -3.26 -6.94
C PHE A 54 0.36 -3.65 -5.76
N GLU A 55 1.68 -3.46 -5.87
CA GLU A 55 2.65 -3.71 -4.80
C GLU A 55 2.71 -2.56 -3.78
N ILE A 56 2.83 -1.29 -4.17
CA ILE A 56 2.80 -0.11 -3.27
C ILE A 56 1.60 -0.15 -2.33
N ALA A 57 0.41 -0.35 -2.89
CA ALA A 57 -0.80 -0.46 -2.09
C ALA A 57 -0.67 -1.62 -1.08
N GLU A 58 -0.21 -2.79 -1.53
CA GLU A 58 0.06 -3.92 -0.64
C GLU A 58 1.09 -3.58 0.44
N VAL A 59 2.13 -2.80 0.14
CA VAL A 59 3.13 -2.41 1.14
C VAL A 59 2.49 -1.66 2.29
N LEU A 60 1.98 -0.45 2.05
CA LEU A 60 1.42 0.41 3.10
C LEU A 60 0.31 -0.28 3.91
N ARG A 61 -0.47 -1.17 3.26
CA ARG A 61 -1.54 -1.97 3.85
C ARG A 61 -0.99 -2.80 5.02
N ASP A 62 0.09 -3.54 4.77
CA ASP A 62 0.78 -4.30 5.80
C ASP A 62 1.23 -3.40 6.95
N LEU A 63 1.96 -2.31 6.68
CA LEU A 63 2.37 -1.35 7.72
C LEU A 63 1.19 -0.85 8.57
N TYR A 64 0.03 -0.54 7.96
CA TYR A 64 -1.17 -0.16 8.71
C TYR A 64 -1.68 -1.28 9.63
N LEU A 65 -1.81 -2.51 9.11
CA LEU A 65 -2.25 -3.67 9.91
C LEU A 65 -1.24 -4.15 10.95
N LEU A 66 0.06 -3.84 10.80
CA LEU A 66 1.09 -4.18 11.79
C LEU A 66 0.78 -3.62 13.18
N LYS A 67 0.40 -2.34 13.24
CA LYS A 67 -0.03 -1.66 14.46
C LYS A 67 -1.54 -1.80 14.72
N GLY A 68 -2.33 -2.07 13.67
CA GLY A 68 -3.78 -2.22 13.74
C GLY A 68 -4.53 -0.91 14.02
N ASP A 69 -3.85 0.22 13.87
CA ASP A 69 -4.32 1.56 14.23
C ASP A 69 -3.61 2.66 13.41
N LYS A 70 -4.02 3.92 13.59
CA LYS A 70 -3.39 5.12 12.97
C LYS A 70 -2.03 5.50 13.56
N ASP A 71 -1.78 5.15 14.82
CA ASP A 71 -0.55 5.42 15.58
C ASP A 71 0.57 4.44 15.20
N LEU A 72 1.06 4.56 13.96
CA LEU A 72 2.18 3.79 13.43
C LEU A 72 3.46 4.04 14.25
N SER A 73 4.28 2.99 14.44
CA SER A 73 5.54 3.09 15.20
C SER A 73 6.51 4.08 14.55
N PHE A 74 7.46 4.64 15.31
CA PHE A 74 8.45 5.60 14.76
C PHE A 74 9.14 5.05 13.51
N GLY A 75 9.61 3.80 13.55
CA GLY A 75 10.24 3.15 12.40
C GLY A 75 9.25 2.85 11.28
N GLU A 76 8.15 2.17 11.59
CA GLU A 76 7.11 1.79 10.60
C GLU A 76 6.52 3.00 9.85
N ARG A 77 6.35 4.14 10.54
CA ARG A 77 5.90 5.42 9.95
C ARG A 77 6.84 5.94 8.86
N LYS A 78 8.14 5.62 8.89
CA LYS A 78 9.15 6.08 7.91
C LYS A 78 8.86 5.54 6.52
N MET A 79 8.72 4.22 6.37
CA MET A 79 8.39 3.62 5.07
C MET A 79 6.94 3.93 4.69
N LEU A 80 6.02 3.93 5.67
CA LEU A 80 4.61 4.32 5.46
C LEU A 80 4.51 5.71 4.83
N ASP A 81 5.13 6.74 5.41
CA ASP A 81 5.13 8.12 4.89
C ASP A 81 5.59 8.21 3.42
N THR A 82 6.56 7.37 3.03
CA THR A 82 7.02 7.28 1.63
C THR A 82 5.98 6.56 0.75
N ALA A 83 5.49 5.37 1.17
CA ALA A 83 4.48 4.60 0.46
C ALA A 83 3.11 5.31 0.36
N ARG A 84 2.73 6.16 1.32
CA ARG A 84 1.51 7.00 1.34
C ARG A 84 1.50 7.97 0.16
N SER A 85 2.59 8.71 -0.05
CA SER A 85 2.77 9.64 -1.17
C SER A 85 2.69 8.95 -2.54
N LEU A 86 2.94 7.63 -2.60
CA LEU A 86 2.80 6.80 -3.80
C LEU A 86 1.41 6.13 -3.90
N LEU A 87 0.80 5.72 -2.79
CA LEU A 87 -0.55 5.14 -2.72
C LEU A 87 -1.55 6.05 -3.43
N ILE A 88 -1.61 7.32 -3.00
CA ILE A 88 -2.55 8.25 -3.61
C ILE A 88 -2.16 8.66 -5.02
N LYS A 89 -0.89 8.47 -5.41
CA LYS A 89 -0.33 8.86 -6.72
C LYS A 89 -1.01 8.14 -7.89
N GLU A 90 -1.01 6.81 -7.84
CA GLU A 90 -1.69 5.93 -8.80
C GLU A 90 -3.22 6.08 -8.71
N LEU A 91 -3.77 6.03 -7.49
CA LEU A 91 -5.21 6.11 -7.23
C LEU A 91 -5.82 7.49 -7.53
N SER A 92 -4.97 8.53 -7.68
CA SER A 92 -5.36 9.90 -8.03
C SER A 92 -6.25 9.99 -9.28
N LEU A 93 -6.10 9.02 -10.18
CA LEU A 93 -6.89 8.88 -11.40
C LEU A 93 -8.40 8.81 -11.14
N ALA A 94 -8.87 7.71 -10.55
CA ALA A 94 -10.29 7.49 -10.21
C ALA A 94 -10.78 8.40 -9.05
N LYS A 95 -9.86 8.93 -8.23
CA LYS A 95 -10.14 9.89 -7.14
C LYS A 95 -10.91 11.11 -7.67
N ASP A 96 -10.37 11.79 -8.69
CA ASP A 96 -10.91 13.03 -9.29
C ASP A 96 -11.24 14.16 -8.26
N CYS A 97 -10.50 14.20 -7.14
CA CYS A 97 -10.73 15.06 -5.96
C CYS A 97 -9.45 15.32 -5.14
N SER A 98 -9.58 15.88 -3.93
CA SER A 98 -8.46 16.11 -2.98
C SER A 98 -7.85 14.79 -2.50
N GLU A 99 -6.55 14.74 -2.20
CA GLU A 99 -5.85 13.52 -1.72
C GLU A 99 -6.54 12.82 -0.55
N ASP A 100 -7.29 13.58 0.26
CA ASP A 100 -8.10 13.08 1.38
C ASP A 100 -9.08 11.98 0.95
N GLU A 101 -9.46 11.89 -0.33
CA GLU A 101 -10.29 10.81 -0.85
C GLU A 101 -9.59 9.46 -0.59
N ILE A 102 -8.38 9.28 -1.12
CA ILE A 102 -7.58 8.06 -1.01
C ILE A 102 -6.92 7.94 0.37
N GLU A 103 -6.37 9.04 0.91
CA GLU A 103 -5.76 9.07 2.24
C GLU A 103 -6.76 8.65 3.33
N SER A 104 -8.00 9.18 3.29
CA SER A 104 -9.07 8.78 4.21
C SER A 104 -9.65 7.41 3.86
N ASP A 105 -9.67 6.99 2.59
CA ASP A 105 -10.13 5.63 2.22
C ASP A 105 -9.41 4.52 3.00
N LEU A 106 -8.20 4.76 3.50
CA LEU A 106 -7.46 3.81 4.35
C LEU A 106 -8.28 3.40 5.59
N LYS A 107 -8.99 4.35 6.24
CA LYS A 107 -9.89 4.05 7.37
C LYS A 107 -11.08 3.18 6.98
N LYS A 108 -11.46 3.16 5.70
CA LYS A 108 -12.54 2.38 5.07
C LYS A 108 -12.06 1.05 4.50
N ILE A 109 -10.75 0.88 4.30
CA ILE A 109 -10.12 -0.36 3.85
C ILE A 109 -9.57 -1.13 5.06
N PHE A 110 -8.55 -0.62 5.76
CA PHE A 110 -7.88 -1.32 6.87
C PHE A 110 -8.67 -1.28 8.19
N ASN A 111 -9.72 -0.45 8.25
CA ASN A 111 -10.60 -0.23 9.40
C ASN A 111 -9.84 0.22 10.67
N LEU A 112 -9.27 1.44 10.61
CA LEU A 112 -8.50 2.05 11.71
C LEU A 112 -9.40 2.73 12.76
N ALA A 113 -10.28 3.63 12.29
CA ALA A 113 -11.21 4.45 13.08
C ALA A 113 -10.54 5.27 14.23
N GLY A 1 9.89 -19.76 -14.46
CA GLY A 1 10.27 -18.70 -15.40
C GLY A 1 9.20 -17.61 -15.56
N SER A 2 7.95 -17.96 -15.88
CA SER A 2 6.82 -17.04 -16.15
C SER A 2 5.67 -17.16 -15.12
N HIS A 3 5.99 -17.62 -13.90
CA HIS A 3 5.04 -17.85 -12.79
C HIS A 3 5.37 -17.01 -11.55
N MET A 4 6.63 -17.06 -11.10
CA MET A 4 7.17 -16.24 -9.99
C MET A 4 7.37 -14.77 -10.39
N GLY A 5 7.85 -13.95 -9.44
CA GLY A 5 8.02 -12.50 -9.60
C GLY A 5 6.74 -11.72 -9.34
N SER A 6 6.86 -10.39 -9.36
CA SER A 6 5.75 -9.45 -9.18
C SER A 6 4.97 -9.21 -10.48
N VAL A 7 3.85 -8.48 -10.40
CA VAL A 7 3.03 -8.09 -11.56
C VAL A 7 3.83 -7.13 -12.48
N GLY A 8 3.68 -7.25 -13.80
CA GLY A 8 4.41 -6.44 -14.81
C GLY A 8 3.83 -5.03 -15.03
N LEU A 9 3.76 -4.24 -13.95
CA LEU A 9 3.16 -2.90 -13.87
C LEU A 9 4.22 -1.83 -13.50
N ARG A 10 3.79 -0.57 -13.39
CA ARG A 10 4.60 0.57 -12.95
C ARG A 10 3.84 1.44 -11.95
N GLU A 11 3.04 2.37 -12.45
CA GLU A 11 2.29 3.37 -11.68
C GLU A 11 1.15 3.97 -12.49
N ILE A 12 1.42 4.39 -13.73
CA ILE A 12 0.45 4.94 -14.69
C ILE A 12 -0.64 3.93 -15.07
N ILE A 13 -1.86 4.20 -14.61
CA ILE A 13 -3.06 3.38 -14.78
C ILE A 13 -4.33 4.24 -14.92
N SER A 14 -5.46 3.58 -15.17
CA SER A 14 -6.81 4.17 -15.24
C SER A 14 -7.68 3.66 -14.07
N GLU A 15 -8.93 4.09 -14.01
CA GLU A 15 -9.92 3.69 -12.99
C GLU A 15 -10.02 2.16 -12.80
N GLU A 16 -9.75 1.37 -13.85
CA GLU A 16 -9.69 -0.10 -13.82
C GLU A 16 -8.79 -0.67 -12.72
N ASP A 17 -7.49 -0.37 -12.74
CA ASP A 17 -6.55 -0.76 -11.69
C ASP A 17 -7.01 -0.21 -10.33
N VAL A 18 -7.50 1.03 -10.27
CA VAL A 18 -7.99 1.64 -9.03
C VAL A 18 -9.05 0.76 -8.36
N LYS A 19 -9.85 0.00 -9.12
CA LYS A 19 -10.81 -0.95 -8.56
C LYS A 19 -10.13 -2.21 -8.02
N GLN A 20 -9.28 -2.84 -8.84
CA GLN A 20 -8.54 -4.06 -8.47
C GLN A 20 -7.62 -3.84 -7.27
N VAL A 21 -6.77 -2.83 -7.28
CA VAL A 21 -5.89 -2.48 -6.15
C VAL A 21 -6.70 -2.28 -4.85
N TYR A 22 -7.87 -1.63 -4.92
CA TYR A 22 -8.77 -1.49 -3.77
C TYR A 22 -9.29 -2.83 -3.24
N SER A 23 -9.42 -3.85 -4.10
CA SER A 23 -9.80 -5.22 -3.72
C SER A 23 -8.64 -6.01 -3.10
N ILE A 24 -7.39 -5.73 -3.50
CA ILE A 24 -6.18 -6.39 -2.98
C ILE A 24 -5.98 -6.10 -1.49
N LEU A 25 -5.96 -4.81 -1.11
CA LEU A 25 -5.81 -4.39 0.28
C LEU A 25 -7.11 -4.46 1.11
N LYS A 26 -8.27 -4.70 0.48
CA LYS A 26 -9.58 -4.83 1.15
C LYS A 26 -9.62 -5.89 2.25
N GLU A 27 -8.79 -6.93 2.14
CA GLU A 27 -8.62 -7.98 3.14
C GLU A 27 -7.80 -7.51 4.36
N LYS A 28 -8.21 -7.95 5.56
CA LYS A 28 -7.60 -7.58 6.85
C LYS A 28 -6.86 -8.74 7.54
N ASP A 29 -6.76 -9.88 6.86
CA ASP A 29 -6.13 -11.13 7.33
C ASP A 29 -4.68 -11.31 6.84
N ILE A 30 -4.14 -10.32 6.13
CA ILE A 30 -2.76 -10.26 5.63
C ILE A 30 -1.71 -9.99 6.73
N SER A 31 -2.13 -9.65 7.96
CA SER A 31 -1.29 -9.23 9.08
C SER A 31 -0.12 -10.18 9.34
N VAL A 32 1.09 -9.78 8.93
CA VAL A 32 2.30 -10.62 9.02
C VAL A 32 2.80 -10.67 10.48
N ASP A 33 3.24 -11.86 10.93
CA ASP A 33 3.82 -12.09 12.25
C ASP A 33 5.09 -11.26 12.52
N SER A 34 5.32 -10.88 13.77
CA SER A 34 6.43 -10.01 14.23
C SER A 34 7.83 -10.57 13.94
N THR A 35 8.00 -11.90 14.05
CA THR A 35 9.25 -12.61 13.75
C THR A 35 9.65 -12.43 12.27
N THR A 36 8.69 -12.53 11.36
CA THR A 36 8.88 -12.31 9.92
C THR A 36 8.82 -10.82 9.55
N TRP A 37 8.14 -9.98 10.34
CA TRP A 37 8.01 -8.53 10.11
C TRP A 37 9.37 -7.84 9.88
N ASN A 38 10.37 -8.17 10.71
CA ASN A 38 11.73 -7.66 10.56
C ASN A 38 12.30 -7.82 9.13
N ARG A 39 12.08 -8.99 8.49
CA ARG A 39 12.51 -9.28 7.11
C ARG A 39 11.55 -8.67 6.09
N ARG A 40 10.24 -8.70 6.36
CA ARG A 40 9.20 -8.06 5.52
C ARG A 40 9.46 -6.58 5.29
N TYR A 41 10.02 -5.90 6.29
CA TYR A 41 10.42 -4.50 6.18
C TYR A 41 11.33 -4.28 4.96
N ARG A 42 12.29 -5.20 4.73
CA ARG A 42 13.28 -5.15 3.64
C ARG A 42 12.63 -5.29 2.26
N GLU A 43 11.93 -6.38 2.00
CA GLU A 43 11.21 -6.59 0.73
C GLU A 43 10.28 -5.41 0.41
N TYR A 44 9.44 -5.01 1.38
CA TYR A 44 8.54 -3.87 1.24
C TYR A 44 9.31 -2.56 1.00
N MET A 45 10.47 -2.33 1.62
CA MET A 45 11.32 -1.16 1.36
C MET A 45 11.77 -1.06 -0.09
N GLU A 46 11.96 -2.19 -0.78
CA GLU A 46 12.33 -2.23 -2.21
C GLU A 46 11.13 -1.98 -3.11
N LYS A 47 9.94 -2.49 -2.74
CA LYS A 47 8.69 -2.24 -3.47
C LYS A 47 8.37 -0.74 -3.62
N ILE A 48 8.98 0.13 -2.83
CA ILE A 48 8.78 1.59 -2.90
C ILE A 48 9.47 2.22 -4.12
N LYS A 49 10.44 1.50 -4.70
CA LYS A 49 11.33 1.93 -5.79
C LYS A 49 11.21 1.02 -7.02
N THR A 50 11.00 -0.28 -6.77
CA THR A 50 10.95 -1.33 -7.80
C THR A 50 9.56 -1.94 -7.96
N GLY A 51 8.78 -1.91 -6.87
CA GLY A 51 7.42 -2.42 -6.81
C GLY A 51 6.47 -1.57 -7.62
N SER A 52 5.46 -2.24 -8.16
CA SER A 52 4.41 -1.67 -8.99
C SER A 52 3.27 -1.08 -8.14
N VAL A 53 2.31 -0.44 -8.79
CA VAL A 53 1.08 0.11 -8.17
C VAL A 53 0.36 -0.90 -7.27
N PHE A 54 0.09 -2.10 -7.78
CA PHE A 54 -0.53 -3.19 -7.03
C PHE A 54 0.30 -3.62 -5.81
N GLU A 55 1.62 -3.41 -5.84
CA GLU A 55 2.52 -3.66 -4.73
C GLU A 55 2.57 -2.51 -3.73
N ILE A 56 2.74 -1.25 -4.15
CA ILE A 56 2.74 -0.06 -3.27
C ILE A 56 1.54 -0.05 -2.33
N ALA A 57 0.33 -0.28 -2.88
CA ALA A 57 -0.86 -0.36 -2.04
C ALA A 57 -0.77 -1.53 -1.02
N GLU A 58 -0.24 -2.68 -1.42
CA GLU A 58 -0.02 -3.81 -0.49
C GLU A 58 1.04 -3.51 0.57
N VAL A 59 2.06 -2.71 0.25
CA VAL A 59 3.12 -2.31 1.17
C VAL A 59 2.52 -1.54 2.34
N LEU A 60 1.97 -0.34 2.08
CA LEU A 60 1.44 0.51 3.16
C LEU A 60 0.39 -0.19 4.02
N ARG A 61 -0.42 -1.06 3.40
CA ARG A 61 -1.45 -1.89 4.03
C ARG A 61 -0.86 -2.78 5.11
N ASP A 62 0.23 -3.47 4.77
CA ASP A 62 0.96 -4.31 5.70
C ASP A 62 1.31 -3.54 6.97
N LEU A 63 2.01 -2.40 6.83
CA LEU A 63 2.39 -1.54 7.95
C LEU A 63 1.17 -1.01 8.73
N TYR A 64 0.11 -0.59 8.04
CA TYR A 64 -1.14 -0.18 8.68
C TYR A 64 -1.73 -1.24 9.62
N LEU A 65 -1.87 -2.48 9.13
CA LEU A 65 -2.39 -3.59 9.92
C LEU A 65 -1.41 -4.11 10.99
N LEU A 66 -0.10 -4.01 10.74
CA LEU A 66 0.95 -4.35 11.70
C LEU A 66 0.85 -3.51 12.98
N LYS A 67 0.42 -2.25 12.86
CA LYS A 67 0.16 -1.34 13.98
C LYS A 67 -1.28 -1.39 14.49
N GLY A 68 -2.25 -1.66 13.62
CA GLY A 68 -3.68 -1.80 13.96
C GLY A 68 -4.37 -0.48 14.33
N ASP A 69 -3.77 0.66 13.95
CA ASP A 69 -4.29 2.02 14.16
C ASP A 69 -3.79 2.99 13.06
N LYS A 70 -4.26 4.24 13.11
CA LYS A 70 -3.85 5.35 12.24
C LYS A 70 -2.51 5.98 12.62
N ASP A 71 -2.25 6.13 13.92
CA ASP A 71 -1.02 6.68 14.50
C ASP A 71 0.10 5.61 14.55
N LEU A 72 0.63 5.27 13.38
CA LEU A 72 1.71 4.30 13.22
C LEU A 72 2.96 4.61 14.07
N SER A 73 3.74 3.58 14.40
CA SER A 73 4.99 3.70 15.17
C SER A 73 5.99 4.61 14.46
N PHE A 74 6.92 5.22 15.20
CA PHE A 74 7.98 6.05 14.61
C PHE A 74 8.75 5.31 13.50
N GLY A 75 9.08 4.03 13.69
CA GLY A 75 9.76 3.19 12.71
C GLY A 75 8.91 2.86 11.49
N GLU A 76 7.69 2.33 11.69
CA GLU A 76 6.81 1.94 10.58
C GLU A 76 6.39 3.16 9.73
N ARG A 77 6.13 4.30 10.37
CA ARG A 77 5.81 5.56 9.69
C ARG A 77 6.87 5.99 8.68
N LYS A 78 8.14 5.62 8.84
CA LYS A 78 9.25 5.95 7.92
C LYS A 78 8.99 5.44 6.50
N MET A 79 8.77 4.13 6.34
CA MET A 79 8.49 3.50 5.04
C MET A 79 7.04 3.77 4.59
N LEU A 80 6.08 3.72 5.54
CA LEU A 80 4.68 4.03 5.26
C LEU A 80 4.53 5.44 4.63
N ASP A 81 5.20 6.47 5.15
CA ASP A 81 5.17 7.83 4.61
C ASP A 81 5.49 7.89 3.11
N THR A 82 6.45 7.07 2.66
CA THR A 82 6.82 6.97 1.23
C THR A 82 5.77 6.20 0.45
N ALA A 83 5.33 5.03 0.93
CA ALA A 83 4.26 4.26 0.31
C ALA A 83 2.92 5.05 0.23
N ARG A 84 2.64 5.94 1.20
CA ARG A 84 1.48 6.85 1.25
C ARG A 84 1.50 7.84 0.09
N SER A 85 2.61 8.57 -0.09
CA SER A 85 2.75 9.56 -1.16
C SER A 85 2.64 8.96 -2.56
N LEU A 86 2.89 7.65 -2.69
CA LEU A 86 2.75 6.84 -3.90
C LEU A 86 1.36 6.17 -4.04
N LEU A 87 0.74 5.76 -2.92
CA LEU A 87 -0.61 5.19 -2.87
C LEU A 87 -1.59 6.12 -3.56
N ILE A 88 -1.69 7.35 -3.08
CA ILE A 88 -2.60 8.32 -3.68
C ILE A 88 -2.16 8.78 -5.08
N LYS A 89 -0.88 8.60 -5.45
CA LYS A 89 -0.29 9.04 -6.73
C LYS A 89 -0.90 8.33 -7.94
N GLU A 90 -0.90 7.01 -7.91
CA GLU A 90 -1.52 6.14 -8.92
C GLU A 90 -3.06 6.21 -8.86
N LEU A 91 -3.62 6.13 -7.65
CA LEU A 91 -5.06 6.18 -7.41
C LEU A 91 -5.69 7.55 -7.71
N SER A 92 -4.87 8.61 -7.77
CA SER A 92 -5.21 10.00 -8.09
C SER A 92 -6.14 10.13 -9.30
N LEU A 93 -5.97 9.25 -10.29
CA LEU A 93 -6.78 9.17 -11.48
C LEU A 93 -8.28 9.02 -11.17
N ALA A 94 -8.67 7.91 -10.54
CA ALA A 94 -10.07 7.66 -10.16
C ALA A 94 -10.55 8.50 -8.98
N LYS A 95 -9.62 8.99 -8.13
CA LYS A 95 -9.91 9.89 -7.00
C LYS A 95 -10.79 11.07 -7.42
N ASP A 96 -10.45 11.69 -8.56
CA ASP A 96 -11.13 12.84 -9.17
C ASP A 96 -11.45 13.98 -8.16
N CYS A 97 -10.61 14.14 -7.13
CA CYS A 97 -10.82 14.97 -5.92
C CYS A 97 -9.50 15.22 -5.17
N SER A 98 -9.57 15.72 -3.93
CA SER A 98 -8.40 15.93 -3.05
C SER A 98 -7.74 14.58 -2.68
N GLU A 99 -6.46 14.58 -2.28
CA GLU A 99 -5.75 13.38 -1.82
C GLU A 99 -6.46 12.66 -0.67
N ASP A 100 -7.23 13.41 0.14
CA ASP A 100 -8.07 12.92 1.22
C ASP A 100 -9.02 11.80 0.75
N GLU A 101 -9.40 11.72 -0.53
CA GLU A 101 -10.21 10.61 -1.04
C GLU A 101 -9.51 9.29 -0.72
N ILE A 102 -8.30 9.08 -1.21
CA ILE A 102 -7.54 7.84 -1.00
C ILE A 102 -6.90 7.78 0.38
N GLU A 103 -6.34 8.90 0.88
CA GLU A 103 -5.72 8.98 2.21
C GLU A 103 -6.71 8.60 3.33
N SER A 104 -7.94 9.16 3.30
CA SER A 104 -9.00 8.79 4.24
C SER A 104 -9.64 7.44 3.93
N ASP A 105 -9.73 7.00 2.67
CA ASP A 105 -10.25 5.66 2.32
C ASP A 105 -9.52 4.53 3.06
N LEU A 106 -8.27 4.73 3.50
CA LEU A 106 -7.52 3.77 4.30
C LEU A 106 -8.27 3.36 5.57
N LYS A 107 -9.01 4.30 6.20
CA LYS A 107 -9.86 4.03 7.37
C LYS A 107 -11.01 3.05 7.05
N LYS A 108 -11.41 2.94 5.78
CA LYS A 108 -12.45 2.03 5.25
C LYS A 108 -11.89 0.71 4.70
N ILE A 109 -10.58 0.66 4.44
CA ILE A 109 -9.83 -0.51 3.97
C ILE A 109 -9.26 -1.28 5.17
N PHE A 110 -8.28 -0.69 5.88
CA PHE A 110 -7.56 -1.32 7.00
C PHE A 110 -8.36 -1.25 8.32
N ASN A 111 -9.43 -0.46 8.35
CA ASN A 111 -10.36 -0.23 9.46
C ASN A 111 -9.68 0.33 10.73
N LEU A 112 -9.27 1.60 10.66
CA LEU A 112 -8.54 2.30 11.74
C LEU A 112 -9.45 3.17 12.63
N ALA A 113 -10.60 3.60 12.12
CA ALA A 113 -11.64 4.35 12.83
C ALA A 113 -12.15 3.61 14.09
N GLY A 1 13.03 -12.87 -23.88
CA GLY A 1 13.65 -13.98 -23.13
C GLY A 1 14.44 -13.48 -21.94
N SER A 2 13.78 -12.88 -20.95
CA SER A 2 14.37 -12.29 -19.73
C SER A 2 13.48 -12.52 -18.50
N HIS A 3 13.99 -12.24 -17.29
CA HIS A 3 13.26 -12.31 -16.03
C HIS A 3 12.91 -10.90 -15.48
N MET A 4 12.00 -10.87 -14.50
CA MET A 4 11.50 -9.66 -13.83
C MET A 4 11.18 -9.94 -12.35
N GLY A 5 11.09 -8.87 -11.54
CA GLY A 5 10.85 -8.92 -10.08
C GLY A 5 9.58 -8.18 -9.63
N SER A 6 8.73 -7.77 -10.57
CA SER A 6 7.50 -6.99 -10.41
C SER A 6 6.37 -7.54 -11.29
N VAL A 7 5.15 -7.04 -11.09
CA VAL A 7 3.94 -7.42 -11.85
C VAL A 7 4.06 -7.20 -13.38
N GLY A 8 4.87 -6.24 -13.81
CA GLY A 8 5.21 -5.94 -15.22
C GLY A 8 5.09 -4.46 -15.59
N LEU A 9 4.10 -3.76 -15.00
CA LEU A 9 3.88 -2.32 -15.15
C LEU A 9 4.72 -1.51 -14.11
N ARG A 10 4.48 -0.18 -14.04
CA ARG A 10 5.16 0.76 -13.12
C ARG A 10 4.16 1.43 -12.18
N GLU A 11 3.50 2.51 -12.61
CA GLU A 11 2.56 3.29 -11.81
C GLU A 11 1.40 3.87 -12.66
N ILE A 12 1.65 4.16 -13.93
CA ILE A 12 0.65 4.63 -14.90
C ILE A 12 -0.44 3.57 -15.16
N ILE A 13 -1.65 3.87 -14.69
CA ILE A 13 -2.85 3.03 -14.76
C ILE A 13 -4.13 3.86 -14.97
N SER A 14 -5.25 3.17 -15.17
CA SER A 14 -6.61 3.73 -15.29
C SER A 14 -7.48 3.27 -14.11
N GLU A 15 -8.73 3.73 -14.06
CA GLU A 15 -9.73 3.36 -13.05
C GLU A 15 -9.87 1.83 -12.85
N GLU A 16 -9.60 1.00 -13.86
CA GLU A 16 -9.62 -0.48 -13.77
C GLU A 16 -8.72 -1.02 -12.64
N ASP A 17 -7.42 -0.68 -12.67
CA ASP A 17 -6.49 -1.04 -11.61
C ASP A 17 -6.97 -0.48 -10.28
N VAL A 18 -7.46 0.77 -10.24
CA VAL A 18 -7.90 1.42 -9.01
C VAL A 18 -8.97 0.58 -8.30
N LYS A 19 -9.81 -0.18 -9.04
CA LYS A 19 -10.78 -1.09 -8.45
C LYS A 19 -10.11 -2.37 -7.91
N GLN A 20 -9.25 -3.02 -8.71
CA GLN A 20 -8.53 -4.24 -8.34
C GLN A 20 -7.63 -4.03 -7.12
N VAL A 21 -6.76 -3.01 -7.13
CA VAL A 21 -5.84 -2.69 -6.03
C VAL A 21 -6.59 -2.49 -4.70
N TYR A 22 -7.71 -1.77 -4.71
CA TYR A 22 -8.54 -1.57 -3.51
C TYR A 22 -9.01 -2.94 -2.97
N SER A 23 -9.42 -3.86 -3.86
CA SER A 23 -9.81 -5.23 -3.52
C SER A 23 -8.67 -6.05 -2.86
N ILE A 24 -7.41 -5.80 -3.22
CA ILE A 24 -6.22 -6.45 -2.59
C ILE A 24 -6.11 -6.06 -1.11
N LEU A 25 -6.15 -4.75 -0.80
CA LEU A 25 -6.06 -4.26 0.57
C LEU A 25 -7.36 -4.36 1.38
N LYS A 26 -8.52 -4.56 0.74
CA LYS A 26 -9.84 -4.67 1.38
C LYS A 26 -9.92 -5.75 2.47
N GLU A 27 -9.10 -6.79 2.36
CA GLU A 27 -9.01 -7.89 3.34
C GLU A 27 -8.22 -7.50 4.61
N LYS A 28 -8.73 -7.93 5.77
CA LYS A 28 -8.16 -7.63 7.10
C LYS A 28 -7.30 -8.75 7.70
N ASP A 29 -7.39 -9.96 7.15
CA ASP A 29 -6.64 -11.15 7.58
C ASP A 29 -5.18 -11.18 7.09
N ILE A 30 -4.76 -10.19 6.30
CA ILE A 30 -3.41 -10.07 5.71
C ILE A 30 -2.29 -9.84 6.74
N SER A 31 -2.64 -9.44 7.98
CA SER A 31 -1.74 -9.07 9.08
C SER A 31 -0.46 -9.93 9.18
N VAL A 32 0.67 -9.35 8.75
CA VAL A 32 1.99 -10.00 8.71
C VAL A 32 2.51 -10.34 10.11
N ASP A 33 3.08 -11.54 10.28
CA ASP A 33 3.68 -12.00 11.56
C ASP A 33 4.89 -11.15 11.98
N SER A 34 5.12 -11.00 13.28
CA SER A 34 6.23 -10.19 13.84
C SER A 34 7.63 -10.71 13.46
N THR A 35 7.86 -12.03 13.57
CA THR A 35 9.12 -12.66 13.16
C THR A 35 9.42 -12.41 11.67
N THR A 36 8.40 -12.57 10.83
CA THR A 36 8.46 -12.32 9.38
C THR A 36 8.55 -10.82 9.04
N TRP A 37 7.95 -9.93 9.85
CA TRP A 37 7.90 -8.49 9.62
C TRP A 37 9.29 -7.89 9.41
N ASN A 38 10.24 -8.23 10.30
CA ASN A 38 11.64 -7.80 10.22
C ASN A 38 12.29 -8.13 8.85
N ARG A 39 11.83 -9.22 8.21
CA ARG A 39 12.25 -9.67 6.86
C ARG A 39 11.48 -8.94 5.77
N ARG A 40 10.14 -8.89 5.86
CA ARG A 40 9.24 -8.17 4.94
C ARG A 40 9.60 -6.70 4.78
N TYR A 41 10.16 -6.07 5.83
CA TYR A 41 10.61 -4.68 5.83
C TYR A 41 11.56 -4.39 4.64
N ARG A 42 12.49 -5.31 4.35
CA ARG A 42 13.50 -5.19 3.28
C ARG A 42 12.88 -5.16 1.90
N GLU A 43 12.12 -6.20 1.55
CA GLU A 43 11.38 -6.24 0.28
C GLU A 43 10.43 -5.04 0.14
N TYR A 44 9.65 -4.72 1.18
CA TYR A 44 8.75 -3.57 1.20
C TYR A 44 9.51 -2.26 0.95
N MET A 45 10.67 -2.02 1.59
CA MET A 45 11.52 -0.84 1.36
C MET A 45 11.97 -0.72 -0.11
N GLU A 46 12.12 -1.84 -0.81
CA GLU A 46 12.44 -1.91 -2.23
C GLU A 46 11.20 -1.71 -3.13
N LYS A 47 10.01 -2.22 -2.73
CA LYS A 47 8.77 -2.00 -3.47
C LYS A 47 8.41 -0.51 -3.64
N ILE A 48 9.00 0.37 -2.84
CA ILE A 48 8.80 1.83 -2.87
C ILE A 48 9.42 2.48 -4.11
N LYS A 49 10.44 1.84 -4.71
CA LYS A 49 11.16 2.32 -5.90
C LYS A 49 11.10 1.37 -7.10
N THR A 50 10.86 0.08 -6.84
CA THR A 50 10.80 -1.00 -7.87
C THR A 50 9.41 -1.60 -8.01
N GLY A 51 8.64 -1.58 -6.92
CA GLY A 51 7.32 -2.17 -6.82
C GLY A 51 6.29 -1.30 -7.51
N SER A 52 5.32 -1.97 -8.10
CA SER A 52 4.26 -1.34 -8.86
C SER A 52 3.12 -0.85 -7.96
N VAL A 53 2.10 -0.25 -8.58
CA VAL A 53 0.86 0.21 -7.96
C VAL A 53 0.22 -0.84 -7.02
N PHE A 54 0.02 -2.06 -7.52
CA PHE A 54 -0.51 -3.20 -6.78
C PHE A 54 0.36 -3.56 -5.56
N GLU A 55 1.67 -3.35 -5.66
CA GLU A 55 2.65 -3.63 -4.60
C GLU A 55 2.71 -2.48 -3.57
N ILE A 56 2.83 -1.22 -3.98
CA ILE A 56 2.80 -0.03 -3.10
C ILE A 56 1.60 -0.07 -2.16
N ALA A 57 0.41 -0.32 -2.71
CA ALA A 57 -0.80 -0.40 -1.92
C ALA A 57 -0.74 -1.57 -0.91
N GLU A 58 -0.11 -2.69 -1.24
CA GLU A 58 0.09 -3.83 -0.33
C GLU A 58 1.14 -3.48 0.75
N VAL A 59 2.18 -2.73 0.41
CA VAL A 59 3.25 -2.31 1.33
C VAL A 59 2.69 -1.47 2.48
N LEU A 60 2.10 -0.31 2.17
CA LEU A 60 1.52 0.57 3.18
C LEU A 60 0.40 -0.10 4.00
N ARG A 61 -0.32 -1.04 3.39
CA ARG A 61 -1.37 -1.85 4.02
C ARG A 61 -0.82 -2.70 5.15
N ASP A 62 0.20 -3.53 4.89
CA ASP A 62 0.82 -4.36 5.92
C ASP A 62 1.34 -3.49 7.07
N LEU A 63 2.03 -2.38 6.76
CA LEU A 63 2.50 -1.40 7.74
C LEU A 63 1.35 -0.85 8.60
N TYR A 64 0.21 -0.48 7.99
CA TYR A 64 -0.96 -0.03 8.74
C TYR A 64 -1.58 -1.10 9.66
N LEU A 65 -1.82 -2.30 9.15
CA LEU A 65 -2.40 -3.40 9.92
C LEU A 65 -1.45 -3.90 11.03
N LEU A 66 -0.13 -3.74 10.86
CA LEU A 66 0.89 -4.10 11.86
C LEU A 66 0.65 -3.35 13.18
N LYS A 67 0.22 -2.08 13.11
CA LYS A 67 -0.15 -1.29 14.28
C LYS A 67 -1.64 -1.47 14.68
N GLY A 68 -2.52 -1.70 13.69
CA GLY A 68 -3.97 -1.77 13.88
C GLY A 68 -4.63 -0.42 14.24
N ASP A 69 -3.94 0.70 14.02
CA ASP A 69 -4.41 2.06 14.37
C ASP A 69 -3.82 3.14 13.44
N LYS A 70 -4.41 4.34 13.46
CA LYS A 70 -4.00 5.52 12.68
C LYS A 70 -2.61 6.06 13.04
N ASP A 71 -2.26 6.04 14.32
CA ASP A 71 -0.97 6.45 14.87
C ASP A 71 0.05 5.30 14.78
N LEU A 72 0.70 5.16 13.62
CA LEU A 72 1.75 4.16 13.41
C LEU A 72 2.99 4.39 14.28
N SER A 73 3.74 3.30 14.52
CA SER A 73 4.97 3.32 15.31
C SER A 73 6.04 4.14 14.58
N PHE A 74 6.96 4.80 15.31
CA PHE A 74 7.97 5.68 14.71
C PHE A 74 8.78 4.99 13.59
N GLY A 75 9.17 3.72 13.79
CA GLY A 75 9.85 2.93 12.76
C GLY A 75 8.97 2.67 11.53
N GLU A 76 7.75 2.15 11.72
CA GLU A 76 6.84 1.78 10.63
C GLU A 76 6.39 3.02 9.83
N ARG A 77 6.11 4.13 10.52
CA ARG A 77 5.76 5.44 9.94
C ARG A 77 6.80 5.96 8.95
N LYS A 78 8.09 5.62 9.11
CA LYS A 78 9.20 6.00 8.21
C LYS A 78 8.96 5.52 6.78
N MET A 79 8.76 4.20 6.59
CA MET A 79 8.47 3.63 5.28
C MET A 79 7.04 3.93 4.82
N LEU A 80 6.07 3.94 5.76
CA LEU A 80 4.68 4.30 5.48
C LEU A 80 4.58 5.68 4.81
N ASP A 81 5.25 6.71 5.33
CA ASP A 81 5.26 8.07 4.76
C ASP A 81 5.63 8.09 3.27
N THR A 82 6.57 7.23 2.85
CA THR A 82 6.98 7.08 1.45
C THR A 82 5.96 6.28 0.63
N ALA A 83 5.44 5.17 1.16
CA ALA A 83 4.39 4.38 0.50
C ALA A 83 3.05 5.15 0.37
N ARG A 84 2.72 6.03 1.33
CA ARG A 84 1.54 6.93 1.35
C ARG A 84 1.56 7.88 0.16
N SER A 85 2.68 8.58 -0.06
CA SER A 85 2.85 9.52 -1.19
C SER A 85 2.78 8.85 -2.55
N LEU A 86 3.00 7.53 -2.61
CA LEU A 86 2.89 6.71 -3.82
C LEU A 86 1.50 6.10 -3.98
N LEU A 87 0.83 5.65 -2.90
CA LEU A 87 -0.54 5.12 -2.91
C LEU A 87 -1.46 6.04 -3.72
N ILE A 88 -1.61 7.29 -3.27
CA ILE A 88 -2.51 8.23 -3.96
C ILE A 88 -2.02 8.66 -5.35
N LYS A 89 -0.76 8.40 -5.70
CA LYS A 89 -0.11 8.78 -6.98
C LYS A 89 -0.63 8.00 -8.17
N GLU A 90 -0.83 6.69 -7.99
CA GLU A 90 -1.37 5.82 -9.05
C GLU A 90 -2.89 5.93 -9.08
N LEU A 91 -3.50 5.81 -7.89
CA LEU A 91 -4.93 5.95 -7.63
C LEU A 91 -5.45 7.35 -7.97
N SER A 92 -4.54 8.33 -8.16
CA SER A 92 -4.83 9.73 -8.51
C SER A 92 -5.78 9.90 -9.69
N LEU A 93 -5.77 8.94 -10.61
CA LEU A 93 -6.63 8.91 -11.79
C LEU A 93 -8.12 8.84 -11.41
N ALA A 94 -8.52 7.76 -10.74
CA ALA A 94 -9.88 7.52 -10.28
C ALA A 94 -10.28 8.30 -9.00
N LYS A 95 -9.32 8.96 -8.32
CA LYS A 95 -9.57 9.76 -7.10
C LYS A 95 -10.73 10.75 -7.28
N ASP A 96 -10.80 11.37 -8.48
CA ASP A 96 -11.77 12.36 -8.95
C ASP A 96 -12.10 13.51 -7.95
N CYS A 97 -11.17 13.80 -7.02
CA CYS A 97 -11.32 14.61 -5.81
C CYS A 97 -9.96 15.00 -5.19
N SER A 98 -9.92 15.46 -3.94
CA SER A 98 -8.69 15.77 -3.18
C SER A 98 -7.93 14.49 -2.78
N GLU A 99 -6.65 14.62 -2.34
CA GLU A 99 -5.85 13.48 -1.83
C GLU A 99 -6.55 12.76 -0.67
N ASP A 100 -7.34 13.51 0.12
CA ASP A 100 -8.17 13.01 1.21
C ASP A 100 -9.10 11.86 0.78
N GLU A 101 -9.47 11.71 -0.50
CA GLU A 101 -10.27 10.56 -0.95
C GLU A 101 -9.51 9.26 -0.66
N ILE A 102 -8.31 9.10 -1.23
CA ILE A 102 -7.49 7.90 -1.09
C ILE A 102 -6.82 7.86 0.29
N GLU A 103 -6.31 9.00 0.78
CA GLU A 103 -5.68 9.12 2.09
C GLU A 103 -6.64 8.71 3.22
N SER A 104 -7.86 9.26 3.24
CA SER A 104 -8.88 8.89 4.24
C SER A 104 -9.48 7.51 3.98
N ASP A 105 -9.64 7.05 2.74
CA ASP A 105 -10.19 5.70 2.45
C ASP A 105 -9.44 4.60 3.20
N LEU A 106 -8.17 4.82 3.54
CA LEU A 106 -7.38 3.88 4.34
C LEU A 106 -8.09 3.51 5.65
N LYS A 107 -8.79 4.46 6.28
CA LYS A 107 -9.58 4.19 7.50
C LYS A 107 -10.67 3.15 7.26
N LYS A 108 -11.34 3.20 6.11
CA LYS A 108 -12.37 2.25 5.66
C LYS A 108 -11.76 0.89 5.26
N ILE A 109 -10.57 0.89 4.66
CA ILE A 109 -9.87 -0.31 4.21
C ILE A 109 -9.23 -1.08 5.38
N PHE A 110 -8.27 -0.47 6.08
CA PHE A 110 -7.51 -1.07 7.20
C PHE A 110 -8.27 -1.04 8.55
N ASN A 111 -9.49 -0.50 8.57
CA ASN A 111 -10.37 -0.33 9.75
C ASN A 111 -9.73 0.48 10.90
N LEU A 112 -9.26 1.69 10.57
CA LEU A 112 -8.53 2.60 11.48
C LEU A 112 -9.46 3.56 12.24
N ALA A 113 -10.48 4.08 11.54
CA ALA A 113 -11.46 5.09 11.99
C ALA A 113 -12.81 4.96 11.26
N GLY A 1 2.64 -6.67 -22.30
CA GLY A 1 3.39 -7.94 -22.41
C GLY A 1 3.27 -8.78 -21.15
N SER A 2 3.58 -10.08 -21.26
CA SER A 2 3.63 -11.05 -20.15
C SER A 2 5.04 -11.18 -19.53
N HIS A 3 5.11 -11.68 -18.29
CA HIS A 3 6.35 -11.97 -17.54
C HIS A 3 6.09 -13.02 -16.45
N MET A 4 7.02 -13.98 -16.29
CA MET A 4 7.00 -15.01 -15.24
C MET A 4 7.72 -14.51 -13.97
N GLY A 5 6.97 -13.89 -13.05
CA GLY A 5 7.47 -13.42 -11.76
C GLY A 5 6.63 -12.26 -11.21
N SER A 6 7.02 -11.02 -11.54
CA SER A 6 6.31 -9.79 -11.16
C SER A 6 5.00 -9.62 -11.93
N VAL A 7 4.12 -8.71 -11.48
CA VAL A 7 2.85 -8.40 -12.17
C VAL A 7 3.09 -7.71 -13.53
N GLY A 8 4.24 -7.05 -13.71
CA GLY A 8 4.64 -6.38 -14.96
C GLY A 8 4.05 -4.98 -15.14
N LEU A 9 3.86 -4.27 -14.02
CA LEU A 9 3.23 -2.94 -13.90
C LEU A 9 4.26 -1.88 -13.49
N ARG A 10 3.83 -0.61 -13.44
CA ARG A 10 4.61 0.56 -13.03
C ARG A 10 3.83 1.41 -12.02
N GLU A 11 3.02 2.34 -12.50
CA GLU A 11 2.26 3.31 -11.71
C GLU A 11 1.08 3.90 -12.51
N ILE A 12 1.35 4.39 -13.73
CA ILE A 12 0.36 4.96 -14.66
C ILE A 12 -0.73 3.94 -15.06
N ILE A 13 -1.94 4.18 -14.57
CA ILE A 13 -3.13 3.34 -14.75
C ILE A 13 -4.40 4.19 -14.84
N SER A 14 -5.54 3.54 -15.07
CA SER A 14 -6.90 4.09 -15.11
C SER A 14 -7.76 3.52 -13.97
N GLU A 15 -9.04 3.90 -13.91
CA GLU A 15 -10.00 3.42 -12.91
C GLU A 15 -10.04 1.88 -12.79
N GLU A 16 -9.70 1.14 -13.85
CA GLU A 16 -9.59 -0.34 -13.87
C GLU A 16 -8.71 -0.88 -12.74
N ASP A 17 -7.44 -0.51 -12.70
CA ASP A 17 -6.52 -0.88 -11.63
C ASP A 17 -7.03 -0.31 -10.30
N VAL A 18 -7.55 0.93 -10.25
CA VAL A 18 -8.07 1.53 -9.01
C VAL A 18 -9.17 0.65 -8.37
N LYS A 19 -10.01 -0.01 -9.16
CA LYS A 19 -11.02 -0.94 -8.63
C LYS A 19 -10.41 -2.28 -8.17
N GLN A 20 -9.38 -2.80 -8.86
CA GLN A 20 -8.65 -4.02 -8.49
C GLN A 20 -7.79 -3.84 -7.23
N VAL A 21 -6.94 -2.82 -7.19
CA VAL A 21 -6.02 -2.53 -6.07
C VAL A 21 -6.76 -2.39 -4.73
N TYR A 22 -7.89 -1.67 -4.69
CA TYR A 22 -8.72 -1.58 -3.48
C TYR A 22 -9.14 -2.96 -2.98
N SER A 23 -9.41 -3.91 -3.88
CA SER A 23 -9.75 -5.32 -3.58
C SER A 23 -8.57 -6.10 -2.95
N ILE A 24 -7.32 -5.74 -3.28
CA ILE A 24 -6.09 -6.37 -2.72
C ILE A 24 -5.95 -6.04 -1.23
N LEU A 25 -6.09 -4.76 -0.86
CA LEU A 25 -6.01 -4.32 0.52
C LEU A 25 -7.31 -4.46 1.32
N LYS A 26 -8.44 -4.75 0.65
CA LYS A 26 -9.75 -4.97 1.29
C LYS A 26 -9.77 -6.09 2.34
N GLU A 27 -8.86 -7.06 2.21
CA GLU A 27 -8.69 -8.16 3.16
C GLU A 27 -7.83 -7.76 4.38
N LYS A 28 -8.37 -7.94 5.59
CA LYS A 28 -7.67 -7.68 6.86
C LYS A 28 -6.83 -8.86 7.37
N ASP A 29 -6.95 -10.03 6.74
CA ASP A 29 -6.27 -11.27 7.13
C ASP A 29 -4.80 -11.36 6.64
N ILE A 30 -4.28 -10.26 6.07
CA ILE A 30 -2.94 -10.10 5.50
C ILE A 30 -1.86 -9.77 6.55
N SER A 31 -2.26 -9.40 7.78
CA SER A 31 -1.41 -8.96 8.90
C SER A 31 -0.14 -9.79 9.10
N VAL A 32 1.03 -9.18 8.90
CA VAL A 32 2.34 -9.85 9.00
C VAL A 32 2.75 -10.00 10.48
N ASP A 33 3.21 -11.20 10.86
CA ASP A 33 3.71 -11.53 12.21
C ASP A 33 4.92 -10.66 12.61
N SER A 34 5.07 -10.32 13.90
CA SER A 34 6.11 -9.37 14.37
C SER A 34 7.55 -9.85 14.10
N THR A 35 7.85 -11.13 14.32
CA THR A 35 9.16 -11.75 14.01
C THR A 35 9.48 -11.65 12.52
N THR A 36 8.50 -11.97 11.66
CA THR A 36 8.58 -11.91 10.20
C THR A 36 8.56 -10.48 9.65
N TRP A 37 7.97 -9.53 10.39
CA TRP A 37 7.85 -8.12 10.01
C TRP A 37 9.20 -7.43 9.83
N ASN A 38 10.13 -7.66 10.76
CA ASN A 38 11.50 -7.14 10.69
C ASN A 38 12.17 -7.47 9.34
N ARG A 39 11.79 -8.62 8.74
CA ARG A 39 12.24 -9.13 7.44
C ARG A 39 11.40 -8.58 6.28
N ARG A 40 10.06 -8.56 6.42
CA ARG A 40 9.13 -7.99 5.42
C ARG A 40 9.44 -6.52 5.12
N TYR A 41 9.94 -5.79 6.11
CA TYR A 41 10.38 -4.41 5.96
C TYR A 41 11.37 -4.27 4.79
N ARG A 42 12.31 -5.23 4.64
CA ARG A 42 13.33 -5.23 3.57
C ARG A 42 12.71 -5.37 2.18
N GLU A 43 11.99 -6.47 1.90
CA GLU A 43 11.32 -6.67 0.62
C GLU A 43 10.38 -5.50 0.27
N TYR A 44 9.56 -5.06 1.22
CA TYR A 44 8.66 -3.91 1.06
C TYR A 44 9.40 -2.60 0.79
N MET A 45 10.56 -2.35 1.42
CA MET A 45 11.39 -1.18 1.16
C MET A 45 11.83 -1.10 -0.31
N GLU A 46 12.05 -2.24 -0.97
CA GLU A 46 12.40 -2.31 -2.39
C GLU A 46 11.19 -2.03 -3.27
N LYS A 47 10.01 -2.54 -2.88
CA LYS A 47 8.75 -2.26 -3.59
C LYS A 47 8.44 -0.76 -3.71
N ILE A 48 9.06 0.11 -2.91
CA ILE A 48 8.87 1.57 -2.96
C ILE A 48 9.54 2.21 -4.19
N LYS A 49 10.50 1.49 -4.80
CA LYS A 49 11.37 1.92 -5.90
C LYS A 49 11.23 1.02 -7.13
N THR A 50 11.00 -0.27 -6.92
CA THR A 50 10.92 -1.32 -7.96
C THR A 50 9.52 -1.91 -8.10
N GLY A 51 8.76 -1.85 -7.00
CA GLY A 51 7.42 -2.40 -6.90
C GLY A 51 6.42 -1.58 -7.71
N SER A 52 5.47 -2.30 -8.27
CA SER A 52 4.39 -1.75 -9.07
C SER A 52 3.28 -1.11 -8.23
N VAL A 53 2.28 -0.51 -8.86
CA VAL A 53 1.08 0.08 -8.22
C VAL A 53 0.38 -0.93 -7.30
N PHE A 54 0.15 -2.15 -7.79
CA PHE A 54 -0.47 -3.23 -7.02
C PHE A 54 0.39 -3.66 -5.82
N GLU A 55 1.71 -3.46 -5.90
CA GLU A 55 2.67 -3.73 -4.82
C GLU A 55 2.75 -2.58 -3.80
N ILE A 56 2.85 -1.31 -4.21
CA ILE A 56 2.84 -0.14 -3.33
C ILE A 56 1.63 -0.17 -2.39
N ALA A 57 0.44 -0.40 -2.95
CA ALA A 57 -0.76 -0.49 -2.15
C ALA A 57 -0.69 -1.64 -1.11
N GLU A 58 -0.08 -2.78 -1.46
CA GLU A 58 0.14 -3.89 -0.53
C GLU A 58 1.13 -3.52 0.58
N VAL A 59 2.22 -2.83 0.25
CA VAL A 59 3.26 -2.42 1.19
C VAL A 59 2.67 -1.58 2.32
N LEU A 60 2.14 -0.40 2.00
CA LEU A 60 1.59 0.51 3.00
C LEU A 60 0.48 -0.15 3.84
N ARG A 61 -0.30 -1.05 3.22
CA ARG A 61 -1.37 -1.82 3.83
C ARG A 61 -0.80 -2.67 4.96
N ASP A 62 0.19 -3.53 4.66
CA ASP A 62 0.87 -4.33 5.67
C ASP A 62 1.32 -3.46 6.86
N LEU A 63 2.06 -2.37 6.61
CA LEU A 63 2.49 -1.41 7.63
C LEU A 63 1.32 -0.89 8.49
N TYR A 64 0.19 -0.53 7.89
CA TYR A 64 -1.02 -0.12 8.62
C TYR A 64 -1.58 -1.22 9.53
N LEU A 65 -1.77 -2.44 9.01
CA LEU A 65 -2.28 -3.56 9.81
C LEU A 65 -1.28 -4.08 10.86
N LEU A 66 0.02 -3.79 10.72
CA LEU A 66 1.05 -4.19 11.68
C LEU A 66 0.74 -3.70 13.10
N LYS A 67 0.37 -2.42 13.23
CA LYS A 67 -0.07 -1.81 14.50
C LYS A 67 -1.57 -2.01 14.74
N GLY A 68 -2.37 -2.17 13.67
CA GLY A 68 -3.82 -2.36 13.72
C GLY A 68 -4.60 -1.07 14.04
N ASP A 69 -3.95 0.09 13.93
CA ASP A 69 -4.49 1.41 14.25
C ASP A 69 -3.93 2.49 13.30
N LYS A 70 -4.55 3.67 13.27
CA LYS A 70 -4.09 4.83 12.48
C LYS A 70 -2.75 5.41 12.96
N ASP A 71 -2.48 5.30 14.26
CA ASP A 71 -1.26 5.76 14.91
C ASP A 71 -0.16 4.69 14.84
N LEU A 72 0.53 4.64 13.70
CA LEU A 72 1.67 3.76 13.48
C LEU A 72 2.90 4.18 14.29
N SER A 73 3.76 3.21 14.61
CA SER A 73 5.05 3.47 15.29
C SER A 73 5.97 4.28 14.38
N PHE A 74 6.89 5.07 14.96
CA PHE A 74 7.87 5.86 14.22
C PHE A 74 8.67 5.01 13.21
N GLY A 75 9.03 3.77 13.58
CA GLY A 75 9.69 2.82 12.70
C GLY A 75 8.88 2.48 11.45
N GLU A 76 7.62 2.08 11.58
CA GLU A 76 6.75 1.83 10.41
C GLU A 76 6.45 3.11 9.63
N ARG A 77 6.23 4.23 10.32
CA ARG A 77 5.94 5.55 9.71
C ARG A 77 7.01 6.00 8.72
N LYS A 78 8.29 5.64 8.91
CA LYS A 78 9.41 5.93 7.99
C LYS A 78 9.14 5.46 6.56
N MET A 79 8.90 4.15 6.36
CA MET A 79 8.61 3.58 5.03
C MET A 79 7.18 3.87 4.57
N LEU A 80 6.22 3.83 5.51
CA LEU A 80 4.82 4.16 5.24
C LEU A 80 4.69 5.56 4.63
N ASP A 81 5.29 6.60 5.22
CA ASP A 81 5.28 7.98 4.70
C ASP A 81 5.68 8.06 3.22
N THR A 82 6.64 7.25 2.79
CA THR A 82 7.07 7.13 1.39
C THR A 82 6.00 6.42 0.55
N ALA A 83 5.56 5.22 0.96
CA ALA A 83 4.51 4.43 0.28
C ALA A 83 3.17 5.18 0.18
N ARG A 84 2.80 6.00 1.18
CA ARG A 84 1.60 6.87 1.20
C ARG A 84 1.61 7.86 0.06
N SER A 85 2.73 8.57 -0.12
CA SER A 85 2.91 9.55 -1.22
C SER A 85 2.81 8.93 -2.62
N LEU A 86 3.03 7.61 -2.73
CA LEU A 86 2.88 6.81 -3.95
C LEU A 86 1.49 6.17 -4.08
N LEU A 87 0.86 5.76 -2.98
CA LEU A 87 -0.51 5.21 -2.92
C LEU A 87 -1.49 6.15 -3.60
N ILE A 88 -1.55 7.39 -3.13
CA ILE A 88 -2.48 8.36 -3.71
C ILE A 88 -2.10 8.77 -5.14
N LYS A 89 -0.84 8.58 -5.54
CA LYS A 89 -0.26 9.01 -6.84
C LYS A 89 -0.87 8.27 -8.02
N GLU A 90 -0.95 6.95 -7.94
CA GLU A 90 -1.59 6.08 -8.93
C GLU A 90 -3.12 6.16 -8.82
N LEU A 91 -3.66 6.08 -7.60
CA LEU A 91 -5.10 6.14 -7.32
C LEU A 91 -5.73 7.51 -7.60
N SER A 92 -4.92 8.56 -7.74
CA SER A 92 -5.28 9.94 -8.06
C SER A 92 -6.23 10.05 -9.26
N LEU A 93 -6.08 9.12 -10.22
CA LEU A 93 -6.92 9.03 -11.41
C LEU A 93 -8.41 8.89 -11.08
N ALA A 94 -8.80 7.78 -10.47
CA ALA A 94 -10.20 7.53 -10.10
C ALA A 94 -10.70 8.44 -8.96
N LYS A 95 -9.78 8.97 -8.14
CA LYS A 95 -10.05 9.93 -7.07
C LYS A 95 -10.80 11.16 -7.58
N ASP A 96 -10.25 11.82 -8.61
CA ASP A 96 -10.77 13.06 -9.21
C ASP A 96 -11.14 14.18 -8.20
N CYS A 97 -10.42 14.24 -7.07
CA CYS A 97 -10.68 15.09 -5.88
C CYS A 97 -9.39 15.35 -5.06
N SER A 98 -9.52 15.91 -3.85
CA SER A 98 -8.43 16.14 -2.88
C SER A 98 -7.78 14.83 -2.44
N GLU A 99 -6.47 14.80 -2.13
CA GLU A 99 -5.74 13.58 -1.68
C GLU A 99 -6.44 12.85 -0.53
N ASP A 100 -7.20 13.57 0.29
CA ASP A 100 -8.02 13.06 1.39
C ASP A 100 -8.98 11.94 0.92
N GLU A 101 -9.35 11.86 -0.37
CA GLU A 101 -10.16 10.77 -0.91
C GLU A 101 -9.45 9.43 -0.64
N ILE A 102 -8.23 9.28 -1.16
CA ILE A 102 -7.44 8.04 -1.07
C ILE A 102 -6.78 7.91 0.30
N GLU A 103 -6.26 9.01 0.86
CA GLU A 103 -5.66 9.06 2.20
C GLU A 103 -6.66 8.64 3.29
N SER A 104 -7.89 9.18 3.27
CA SER A 104 -8.94 8.76 4.22
C SER A 104 -9.52 7.40 3.89
N ASP A 105 -9.55 6.96 2.61
CA ASP A 105 -10.03 5.63 2.25
C ASP A 105 -9.33 4.50 3.03
N LEU A 106 -8.10 4.72 3.50
CA LEU A 106 -7.37 3.79 4.36
C LEU A 106 -8.16 3.38 5.61
N LYS A 107 -8.88 4.32 6.23
CA LYS A 107 -9.78 4.06 7.37
C LYS A 107 -10.96 3.14 7.04
N LYS A 108 -11.37 3.08 5.77
CA LYS A 108 -12.42 2.21 5.20
C LYS A 108 -11.86 0.90 4.63
N ILE A 109 -10.54 0.82 4.40
CA ILE A 109 -9.85 -0.38 3.92
C ILE A 109 -9.27 -1.19 5.10
N PHE A 110 -8.26 -0.65 5.80
CA PHE A 110 -7.58 -1.34 6.92
C PHE A 110 -8.41 -1.34 8.22
N ASN A 111 -9.47 -0.52 8.26
CA ASN A 111 -10.42 -0.34 9.36
C ASN A 111 -9.76 0.17 10.66
N LEU A 112 -9.31 1.43 10.66
CA LEU A 112 -8.57 2.04 11.77
C LEU A 112 -9.48 2.72 12.80
N ALA A 113 -10.27 3.73 12.37
CA ALA A 113 -11.24 4.52 13.16
C ALA A 113 -10.68 5.15 14.47
N GLY A 1 5.86 -21.49 -15.91
CA GLY A 1 7.07 -20.74 -15.50
C GLY A 1 7.32 -20.81 -14.00
N SER A 2 8.42 -20.20 -13.55
CA SER A 2 8.86 -20.14 -12.15
C SER A 2 9.83 -18.96 -11.93
N HIS A 3 9.32 -17.84 -11.40
CA HIS A 3 10.08 -16.64 -11.01
C HIS A 3 9.28 -15.75 -10.04
N MET A 4 9.97 -14.82 -9.38
CA MET A 4 9.40 -13.81 -8.48
C MET A 4 10.16 -12.48 -8.63
N GLY A 5 9.52 -11.46 -9.23
CA GLY A 5 10.09 -10.13 -9.47
C GLY A 5 9.10 -9.01 -9.15
N SER A 6 8.22 -8.68 -10.08
CA SER A 6 7.16 -7.66 -9.97
C SER A 6 5.89 -8.08 -10.73
N VAL A 7 4.84 -7.25 -10.69
CA VAL A 7 3.58 -7.50 -11.44
C VAL A 7 3.75 -7.35 -12.96
N GLY A 8 4.66 -6.47 -13.41
CA GLY A 8 4.96 -6.20 -14.83
C GLY A 8 4.79 -4.74 -15.26
N LEU A 9 4.24 -3.88 -14.39
CA LEU A 9 4.03 -2.43 -14.59
C LEU A 9 4.80 -1.60 -13.54
N ARG A 10 4.65 -0.27 -13.60
CA ARG A 10 5.29 0.71 -12.69
C ARG A 10 4.24 1.37 -11.80
N GLU A 11 3.50 2.33 -12.34
CA GLU A 11 2.51 3.14 -11.59
C GLU A 11 1.38 3.65 -12.49
N ILE A 12 1.67 3.95 -13.76
CA ILE A 12 0.72 4.37 -14.79
C ILE A 12 -0.38 3.33 -15.04
N ILE A 13 -1.60 3.66 -14.62
CA ILE A 13 -2.82 2.84 -14.72
C ILE A 13 -4.07 3.68 -14.97
N SER A 14 -5.22 3.01 -15.12
CA SER A 14 -6.55 3.61 -15.27
C SER A 14 -7.47 3.19 -14.11
N GLU A 15 -8.72 3.66 -14.12
CA GLU A 15 -9.74 3.30 -13.13
C GLU A 15 -9.91 1.78 -12.92
N GLU A 16 -9.58 0.93 -13.91
CA GLU A 16 -9.60 -0.53 -13.78
C GLU A 16 -8.73 -1.04 -12.61
N ASP A 17 -7.45 -0.68 -12.61
CA ASP A 17 -6.54 -1.01 -11.50
C ASP A 17 -7.07 -0.40 -10.21
N VAL A 18 -7.54 0.86 -10.23
CA VAL A 18 -8.02 1.52 -9.01
C VAL A 18 -9.10 0.68 -8.31
N LYS A 19 -10.05 0.13 -9.07
CA LYS A 19 -11.07 -0.78 -8.51
C LYS A 19 -10.51 -2.14 -8.07
N GLN A 20 -9.48 -2.67 -8.73
CA GLN A 20 -8.81 -3.93 -8.37
C GLN A 20 -7.94 -3.79 -7.12
N VAL A 21 -6.98 -2.85 -7.10
CA VAL A 21 -6.09 -2.59 -5.96
C VAL A 21 -6.87 -2.34 -4.67
N TYR A 22 -8.00 -1.63 -4.75
CA TYR A 22 -8.89 -1.40 -3.59
C TYR A 22 -9.47 -2.71 -3.05
N SER A 23 -9.64 -3.75 -3.88
CA SER A 23 -10.08 -5.09 -3.48
C SER A 23 -8.95 -5.95 -2.88
N ILE A 24 -7.68 -5.68 -3.21
CA ILE A 24 -6.50 -6.39 -2.67
C ILE A 24 -6.34 -6.11 -1.17
N LEU A 25 -6.28 -4.83 -0.79
CA LEU A 25 -6.16 -4.41 0.61
C LEU A 25 -7.47 -4.42 1.41
N LYS A 26 -8.64 -4.58 0.77
CA LYS A 26 -9.96 -4.63 1.44
C LYS A 26 -10.06 -5.73 2.50
N GLU A 27 -9.37 -6.85 2.26
CA GLU A 27 -9.29 -7.98 3.18
C GLU A 27 -8.27 -7.73 4.30
N LYS A 28 -8.70 -7.88 5.57
CA LYS A 28 -7.86 -7.74 6.76
C LYS A 28 -7.06 -9.01 7.13
N ASP A 29 -7.25 -10.10 6.38
CA ASP A 29 -6.65 -11.43 6.62
C ASP A 29 -5.16 -11.55 6.17
N ILE A 30 -4.53 -10.40 5.89
CA ILE A 30 -3.16 -10.24 5.36
C ILE A 30 -2.13 -9.88 6.43
N SER A 31 -2.54 -9.77 7.70
CA SER A 31 -1.72 -9.39 8.86
C SER A 31 -0.36 -10.12 8.90
N VAL A 32 0.70 -9.39 8.54
CA VAL A 32 2.09 -9.91 8.49
C VAL A 32 2.56 -10.33 9.88
N ASP A 33 3.22 -11.48 9.98
CA ASP A 33 3.74 -12.02 11.23
C ASP A 33 4.84 -11.10 11.81
N SER A 34 4.85 -10.87 13.13
CA SER A 34 5.85 -10.02 13.80
C SER A 34 7.30 -10.49 13.64
N THR A 35 7.55 -11.81 13.58
CA THR A 35 8.89 -12.37 13.32
C THR A 35 9.32 -12.11 11.87
N THR A 36 8.41 -12.31 10.91
CA THR A 36 8.64 -12.07 9.48
C THR A 36 8.65 -10.58 9.12
N TRP A 37 8.03 -9.70 9.90
CA TRP A 37 7.99 -8.26 9.67
C TRP A 37 9.40 -7.66 9.47
N ASN A 38 10.34 -8.04 10.33
CA ASN A 38 11.73 -7.60 10.25
C ASN A 38 12.37 -7.86 8.87
N ARG A 39 11.95 -8.93 8.18
CA ARG A 39 12.35 -9.29 6.81
C ARG A 39 11.49 -8.57 5.77
N ARG A 40 10.16 -8.53 5.97
CA ARG A 40 9.22 -7.80 5.10
C ARG A 40 9.63 -6.34 4.89
N TYR A 41 10.17 -5.69 5.93
CA TYR A 41 10.66 -4.31 5.87
C TYR A 41 11.62 -4.11 4.69
N ARG A 42 12.52 -5.08 4.44
CA ARG A 42 13.50 -5.05 3.35
C ARG A 42 12.85 -5.04 1.98
N GLU A 43 12.14 -6.11 1.62
CA GLU A 43 11.42 -6.20 0.34
C GLU A 43 10.47 -5.02 0.13
N TYR A 44 9.70 -4.64 1.16
CA TYR A 44 8.80 -3.50 1.13
C TYR A 44 9.55 -2.19 0.87
N MET A 45 10.72 -1.96 1.46
CA MET A 45 11.56 -0.78 1.19
C MET A 45 11.92 -0.66 -0.30
N GLU A 46 12.08 -1.78 -1.01
CA GLU A 46 12.36 -1.81 -2.45
C GLU A 46 11.11 -1.62 -3.29
N LYS A 47 9.96 -2.18 -2.86
CA LYS A 47 8.67 -1.98 -3.53
C LYS A 47 8.33 -0.49 -3.69
N ILE A 48 8.89 0.40 -2.87
CA ILE A 48 8.68 1.86 -2.93
C ILE A 48 9.35 2.50 -4.17
N LYS A 49 10.28 1.80 -4.81
CA LYS A 49 11.03 2.28 -5.99
C LYS A 49 10.87 1.35 -7.20
N THR A 50 10.65 0.06 -6.96
CA THR A 50 10.61 -1.00 -8.00
C THR A 50 9.25 -1.68 -8.09
N GLY A 51 8.51 -1.68 -6.98
CA GLY A 51 7.20 -2.28 -6.83
C GLY A 51 6.15 -1.53 -7.62
N SER A 52 5.22 -2.30 -8.18
CA SER A 52 4.08 -1.78 -8.93
C SER A 52 3.02 -1.15 -8.01
N VAL A 53 2.02 -0.51 -8.61
CA VAL A 53 0.84 0.08 -7.96
C VAL A 53 0.18 -0.89 -6.98
N PHE A 54 -0.05 -2.13 -7.43
CA PHE A 54 -0.64 -3.21 -6.64
C PHE A 54 0.24 -3.55 -5.43
N GLU A 55 1.57 -3.47 -5.60
CA GLU A 55 2.56 -3.69 -4.54
C GLU A 55 2.61 -2.52 -3.53
N ILE A 56 2.70 -1.26 -3.97
CA ILE A 56 2.67 -0.06 -3.10
C ILE A 56 1.50 -0.08 -2.12
N ALA A 57 0.28 -0.28 -2.64
CA ALA A 57 -0.90 -0.43 -1.80
C ALA A 57 -0.73 -1.56 -0.76
N GLU A 58 -0.23 -2.73 -1.15
CA GLU A 58 0.07 -3.83 -0.23
C GLU A 58 1.14 -3.47 0.81
N VAL A 59 2.17 -2.69 0.46
CA VAL A 59 3.25 -2.28 1.37
C VAL A 59 2.70 -1.46 2.54
N LEU A 60 2.08 -0.31 2.25
CA LEU A 60 1.51 0.56 3.28
C LEU A 60 0.41 -0.13 4.09
N ARG A 61 -0.34 -1.05 3.46
CA ARG A 61 -1.40 -1.85 4.09
C ARG A 61 -0.82 -2.64 5.24
N ASP A 62 0.19 -3.47 4.97
CA ASP A 62 0.83 -4.28 6.00
C ASP A 62 1.36 -3.39 7.13
N LEU A 63 2.02 -2.27 6.82
CA LEU A 63 2.49 -1.27 7.79
C LEU A 63 1.36 -0.74 8.70
N TYR A 64 0.15 -0.51 8.17
CA TYR A 64 -1.03 -0.11 8.94
C TYR A 64 -1.58 -1.25 9.84
N LEU A 65 -1.80 -2.45 9.29
CA LEU A 65 -2.32 -3.59 10.07
C LEU A 65 -1.30 -4.11 11.11
N LEU A 66 -0.02 -3.83 10.93
CA LEU A 66 1.08 -4.19 11.86
C LEU A 66 0.87 -3.64 13.28
N LYS A 67 0.51 -2.36 13.38
CA LYS A 67 0.17 -1.69 14.64
C LYS A 67 -1.24 -2.06 15.10
N GLY A 68 -2.13 -2.36 14.14
CA GLY A 68 -3.56 -2.63 14.34
C GLY A 68 -4.42 -1.37 14.49
N ASP A 69 -3.85 -0.18 14.26
CA ASP A 69 -4.54 1.12 14.36
C ASP A 69 -3.83 2.19 13.50
N LYS A 70 -4.44 3.37 13.30
CA LYS A 70 -3.82 4.52 12.60
C LYS A 70 -2.71 5.21 13.39
N ASP A 71 -2.62 4.92 14.69
CA ASP A 71 -1.62 5.45 15.62
C ASP A 71 -0.27 4.71 15.47
N LEU A 72 0.28 4.69 14.25
CA LEU A 72 1.56 4.07 13.93
C LEU A 72 2.73 4.66 14.72
N SER A 73 3.78 3.85 14.90
CA SER A 73 5.03 4.26 15.53
C SER A 73 5.95 4.97 14.53
N PHE A 74 6.98 5.67 15.03
CA PHE A 74 8.00 6.33 14.21
C PHE A 74 8.64 5.37 13.19
N GLY A 75 8.91 4.12 13.61
CA GLY A 75 9.49 3.07 12.76
C GLY A 75 8.64 2.72 11.53
N GLU A 76 7.36 2.42 11.70
CA GLU A 76 6.47 2.17 10.56
C GLU A 76 6.20 3.45 9.75
N ARG A 77 5.99 4.60 10.42
CA ARG A 77 5.76 5.90 9.78
C ARG A 77 6.84 6.26 8.76
N LYS A 78 8.11 5.95 9.02
CA LYS A 78 9.25 6.19 8.12
C LYS A 78 9.01 5.67 6.70
N MET A 79 8.76 4.36 6.54
CA MET A 79 8.48 3.76 5.23
C MET A 79 7.05 4.06 4.76
N LEU A 80 6.08 4.08 5.68
CA LEU A 80 4.68 4.41 5.38
C LEU A 80 4.58 5.76 4.66
N ASP A 81 5.19 6.84 5.19
CA ASP A 81 5.20 8.17 4.58
C ASP A 81 5.63 8.17 3.10
N THR A 82 6.59 7.29 2.76
CA THR A 82 7.05 7.09 1.38
C THR A 82 6.04 6.30 0.55
N ALA A 83 5.53 5.17 1.05
CA ALA A 83 4.49 4.37 0.38
C ALA A 83 3.15 5.14 0.23
N ARG A 84 2.80 6.03 1.16
CA ARG A 84 1.62 6.93 1.14
C ARG A 84 1.64 7.84 -0.08
N SER A 85 2.77 8.54 -0.28
CA SER A 85 3.00 9.43 -1.43
C SER A 85 2.86 8.72 -2.78
N LEU A 86 3.07 7.40 -2.81
CA LEU A 86 2.87 6.55 -3.99
C LEU A 86 1.47 5.94 -4.07
N LEU A 87 0.87 5.52 -2.95
CA LEU A 87 -0.49 4.97 -2.87
C LEU A 87 -1.46 5.87 -3.64
N ILE A 88 -1.52 7.14 -3.25
CA ILE A 88 -2.42 8.08 -3.89
C ILE A 88 -1.99 8.45 -5.31
N LYS A 89 -0.72 8.23 -5.69
CA LYS A 89 -0.13 8.61 -6.99
C LYS A 89 -0.76 7.87 -8.17
N GLU A 90 -0.99 6.58 -8.01
CA GLU A 90 -1.59 5.74 -9.05
C GLU A 90 -3.10 5.91 -9.03
N LEU A 91 -3.67 5.80 -7.82
CA LEU A 91 -5.08 5.96 -7.51
C LEU A 91 -5.64 7.36 -7.83
N SER A 92 -4.77 8.37 -7.95
CA SER A 92 -5.07 9.77 -8.33
C SER A 92 -5.93 9.90 -9.59
N LEU A 93 -5.87 8.90 -10.48
CA LEU A 93 -6.70 8.81 -11.67
C LEU A 93 -8.21 8.79 -11.32
N ALA A 94 -8.67 7.69 -10.73
CA ALA A 94 -10.08 7.51 -10.33
C ALA A 94 -10.50 8.34 -9.10
N LYS A 95 -9.54 8.85 -8.30
CA LYS A 95 -9.79 9.75 -7.15
C LYS A 95 -10.67 10.94 -7.55
N ASP A 96 -10.36 11.57 -8.68
CA ASP A 96 -11.03 12.75 -9.25
C ASP A 96 -11.28 13.89 -8.23
N CYS A 97 -10.42 14.01 -7.22
CA CYS A 97 -10.55 14.89 -6.05
C CYS A 97 -9.19 15.16 -5.36
N SER A 98 -9.20 15.67 -4.11
CA SER A 98 -7.99 15.88 -3.29
C SER A 98 -7.37 14.55 -2.83
N GLU A 99 -6.10 14.54 -2.37
CA GLU A 99 -5.43 13.33 -1.86
C GLU A 99 -6.20 12.65 -0.72
N ASP A 100 -6.98 13.41 0.05
CA ASP A 100 -7.86 12.95 1.11
C ASP A 100 -8.82 11.84 0.65
N GLU A 101 -9.17 11.76 -0.64
CA GLU A 101 -10.02 10.70 -1.18
C GLU A 101 -9.43 9.31 -0.86
N ILE A 102 -8.18 9.09 -1.27
CA ILE A 102 -7.43 7.85 -1.03
C ILE A 102 -6.81 7.82 0.38
N GLU A 103 -6.23 8.92 0.86
CA GLU A 103 -5.61 9.00 2.19
C GLU A 103 -6.63 8.67 3.30
N SER A 104 -7.83 9.27 3.26
CA SER A 104 -8.92 8.98 4.19
C SER A 104 -9.60 7.64 3.90
N ASP A 105 -9.48 7.07 2.70
CA ASP A 105 -10.03 5.73 2.43
C ASP A 105 -9.27 4.64 3.20
N LEU A 106 -8.03 4.90 3.63
CA LEU A 106 -7.22 3.96 4.42
C LEU A 106 -7.90 3.55 5.72
N LYS A 107 -8.53 4.49 6.41
CA LYS A 107 -9.29 4.19 7.63
C LYS A 107 -10.52 3.30 7.40
N LYS A 108 -11.02 3.24 6.17
CA LYS A 108 -12.12 2.40 5.68
C LYS A 108 -11.65 1.03 5.18
N ILE A 109 -10.41 0.96 4.67
CA ILE A 109 -9.75 -0.26 4.22
C ILE A 109 -9.19 -1.05 5.42
N PHE A 110 -8.38 -0.43 6.26
CA PHE A 110 -7.66 -1.06 7.39
C PHE A 110 -8.43 -0.94 8.74
N ASN A 111 -9.62 -0.32 8.75
CA ASN A 111 -10.49 -0.04 9.90
C ASN A 111 -9.79 0.72 11.05
N LEU A 112 -9.64 2.04 10.91
CA LEU A 112 -8.85 2.90 11.78
C LEU A 112 -9.65 4.10 12.34
N ALA A 113 -10.14 4.00 13.57
CA ALA A 113 -10.97 5.01 14.24
C ALA A 113 -10.70 5.15 15.76
N GLY A 1 10.36 -15.22 -21.81
CA GLY A 1 11.11 -15.32 -20.55
C GLY A 1 10.18 -15.26 -19.35
N SER A 2 10.13 -16.33 -18.54
CA SER A 2 9.34 -16.39 -17.31
C SER A 2 10.13 -15.83 -16.11
N HIS A 3 9.76 -14.63 -15.64
CA HIS A 3 10.32 -13.97 -14.46
C HIS A 3 9.25 -13.78 -13.38
N MET A 4 9.66 -13.91 -12.11
CA MET A 4 8.84 -13.69 -10.91
C MET A 4 9.50 -12.64 -10.00
N GLY A 5 8.67 -11.78 -9.38
CA GLY A 5 9.10 -10.76 -8.41
C GLY A 5 8.21 -9.51 -8.44
N SER A 6 7.95 -8.98 -9.65
CA SER A 6 7.10 -7.80 -9.94
C SER A 6 5.86 -8.18 -10.75
N VAL A 7 4.91 -7.24 -10.89
CA VAL A 7 3.64 -7.45 -11.61
C VAL A 7 3.81 -7.38 -13.13
N GLY A 8 4.51 -6.36 -13.63
CA GLY A 8 4.82 -6.14 -15.05
C GLY A 8 4.66 -4.68 -15.52
N LEU A 9 3.89 -3.86 -14.81
CA LEU A 9 3.71 -2.42 -15.06
C LEU A 9 4.64 -1.57 -14.16
N ARG A 10 4.39 -0.25 -14.13
CA ARG A 10 5.08 0.74 -13.28
C ARG A 10 4.08 1.34 -12.28
N GLU A 11 3.36 2.39 -12.69
CA GLU A 11 2.41 3.13 -11.85
C GLU A 11 1.25 3.72 -12.65
N ILE A 12 1.50 4.12 -13.91
CA ILE A 12 0.49 4.60 -14.85
C ILE A 12 -0.60 3.55 -15.11
N ILE A 13 -1.80 3.84 -14.59
CA ILE A 13 -2.99 3.00 -14.68
C ILE A 13 -4.26 3.84 -14.83
N SER A 14 -5.39 3.16 -15.01
CA SER A 14 -6.75 3.74 -15.08
C SER A 14 -7.62 3.20 -13.94
N GLU A 15 -8.87 3.66 -13.86
CA GLU A 15 -9.84 3.26 -12.84
C GLU A 15 -9.99 1.74 -12.69
N GLU A 16 -9.79 0.98 -13.78
CA GLU A 16 -9.79 -0.49 -13.82
C GLU A 16 -8.87 -1.11 -12.76
N ASP A 17 -7.57 -0.79 -12.80
CA ASP A 17 -6.58 -1.25 -11.84
C ASP A 17 -6.88 -0.69 -10.44
N VAL A 18 -7.40 0.55 -10.33
CA VAL A 18 -7.81 1.15 -9.05
C VAL A 18 -8.84 0.26 -8.36
N LYS A 19 -9.92 -0.13 -9.06
CA LYS A 19 -10.96 -1.02 -8.53
C LYS A 19 -10.41 -2.37 -8.05
N GLN A 20 -9.35 -2.88 -8.70
CA GLN A 20 -8.65 -4.11 -8.31
C GLN A 20 -7.77 -3.91 -7.07
N VAL A 21 -6.83 -2.96 -7.08
CA VAL A 21 -5.92 -2.70 -5.94
C VAL A 21 -6.70 -2.39 -4.67
N TYR A 22 -7.83 -1.67 -4.76
CA TYR A 22 -8.70 -1.39 -3.62
C TYR A 22 -9.25 -2.68 -2.99
N SER A 23 -9.43 -3.73 -3.78
CA SER A 23 -9.87 -5.05 -3.30
C SER A 23 -8.72 -5.90 -2.70
N ILE A 24 -7.45 -5.63 -3.06
CA ILE A 24 -6.26 -6.31 -2.52
C ILE A 24 -6.07 -5.96 -1.04
N LEU A 25 -6.14 -4.67 -0.72
CA LEU A 25 -6.01 -4.19 0.65
C LEU A 25 -7.29 -4.23 1.49
N LYS A 26 -8.47 -4.36 0.87
CA LYS A 26 -9.78 -4.49 1.55
C LYS A 26 -9.85 -5.66 2.55
N GLU A 27 -9.05 -6.69 2.32
CA GLU A 27 -8.94 -7.86 3.20
C GLU A 27 -8.05 -7.59 4.43
N LYS A 28 -8.61 -7.85 5.62
CA LYS A 28 -7.96 -7.69 6.93
C LYS A 28 -7.19 -8.95 7.40
N ASP A 29 -7.11 -9.98 6.56
CA ASP A 29 -6.50 -11.30 6.84
C ASP A 29 -5.05 -11.41 6.32
N ILE A 30 -4.42 -10.27 6.06
CA ILE A 30 -3.05 -10.13 5.53
C ILE A 30 -2.01 -9.83 6.62
N SER A 31 -2.45 -9.58 7.86
CA SER A 31 -1.64 -9.22 9.04
C SER A 31 -0.34 -10.04 9.11
N VAL A 32 0.77 -9.40 8.76
CA VAL A 32 2.11 -10.01 8.71
C VAL A 32 2.60 -10.35 10.13
N ASP A 33 3.27 -11.49 10.29
CA ASP A 33 3.84 -11.93 11.57
C ASP A 33 4.98 -11.01 12.03
N SER A 34 5.19 -10.87 13.34
CA SER A 34 6.21 -9.99 13.93
C SER A 34 7.65 -10.43 13.62
N THR A 35 7.91 -11.74 13.68
CA THR A 35 9.21 -12.35 13.32
C THR A 35 9.52 -12.12 11.83
N THR A 36 8.53 -12.32 10.97
CA THR A 36 8.63 -12.09 9.53
C THR A 36 8.64 -10.61 9.16
N TRP A 37 8.02 -9.73 9.94
CA TRP A 37 7.92 -8.29 9.68
C TRP A 37 9.29 -7.66 9.45
N ASN A 38 10.24 -7.88 10.37
CA ASN A 38 11.61 -7.38 10.25
C ASN A 38 12.29 -7.78 8.93
N ARG A 39 11.90 -8.92 8.35
CA ARG A 39 12.34 -9.45 7.05
C ARG A 39 11.60 -8.76 5.89
N ARG A 40 10.25 -8.75 5.94
CA ARG A 40 9.38 -8.07 4.97
C ARG A 40 9.67 -6.59 4.81
N TYR A 41 10.19 -5.94 5.85
CA TYR A 41 10.64 -4.55 5.84
C TYR A 41 11.57 -4.27 4.64
N ARG A 42 12.47 -5.21 4.34
CA ARG A 42 13.48 -5.11 3.26
C ARG A 42 12.85 -5.07 1.87
N GLU A 43 12.10 -6.11 1.50
CA GLU A 43 11.36 -6.16 0.23
C GLU A 43 10.41 -4.96 0.12
N TYR A 44 9.64 -4.66 1.16
CA TYR A 44 8.74 -3.51 1.19
C TYR A 44 9.49 -2.19 0.94
N MET A 45 10.67 -1.97 1.54
CA MET A 45 11.51 -0.80 1.29
C MET A 45 11.93 -0.68 -0.18
N GLU A 46 12.07 -1.81 -0.88
CA GLU A 46 12.36 -1.86 -2.31
C GLU A 46 11.10 -1.60 -3.15
N LYS A 47 9.93 -2.16 -2.79
CA LYS A 47 8.67 -1.94 -3.51
C LYS A 47 8.30 -0.46 -3.65
N ILE A 48 8.88 0.43 -2.87
CA ILE A 48 8.70 1.90 -2.90
C ILE A 48 9.32 2.54 -4.15
N LYS A 49 10.32 1.88 -4.76
CA LYS A 49 11.03 2.36 -5.96
C LYS A 49 10.92 1.41 -7.15
N THR A 50 10.73 0.10 -6.89
CA THR A 50 10.63 -0.94 -7.94
C THR A 50 9.23 -1.53 -8.04
N GLY A 51 8.48 -1.49 -6.94
CA GLY A 51 7.15 -2.05 -6.84
C GLY A 51 6.13 -1.22 -7.59
N SER A 52 5.11 -1.93 -8.07
CA SER A 52 4.04 -1.35 -8.87
C SER A 52 2.89 -0.81 -8.01
N VAL A 53 1.86 -0.25 -8.64
CA VAL A 53 0.62 0.23 -7.98
C VAL A 53 0.05 -0.79 -6.98
N PHE A 54 -0.13 -2.03 -7.44
CA PHE A 54 -0.61 -3.15 -6.65
C PHE A 54 0.31 -3.48 -5.46
N GLU A 55 1.63 -3.29 -5.63
CA GLU A 55 2.63 -3.53 -4.59
C GLU A 55 2.68 -2.39 -3.57
N ILE A 56 2.80 -1.12 -3.98
CA ILE A 56 2.78 0.06 -3.10
C ILE A 56 1.61 0.03 -2.12
N ALA A 57 0.41 -0.19 -2.66
CA ALA A 57 -0.77 -0.30 -1.82
C ALA A 57 -0.60 -1.43 -0.78
N GLU A 58 -0.14 -2.61 -1.20
CA GLU A 58 0.16 -3.74 -0.30
C GLU A 58 1.21 -3.38 0.77
N VAL A 59 2.24 -2.60 0.42
CA VAL A 59 3.30 -2.18 1.34
C VAL A 59 2.71 -1.38 2.51
N LEU A 60 2.14 -0.20 2.22
CA LEU A 60 1.53 0.64 3.25
C LEU A 60 0.44 -0.10 4.06
N ARG A 61 -0.28 -1.01 3.41
CA ARG A 61 -1.34 -1.83 4.01
C ARG A 61 -0.78 -2.69 5.12
N ASP A 62 0.22 -3.51 4.82
CA ASP A 62 0.86 -4.37 5.85
C ASP A 62 1.31 -3.53 7.04
N LEU A 63 2.03 -2.42 6.80
CA LEU A 63 2.44 -1.48 7.84
C LEU A 63 1.24 -0.96 8.66
N TYR A 64 0.11 -0.63 8.02
CA TYR A 64 -1.10 -0.23 8.73
C TYR A 64 -1.68 -1.32 9.63
N LEU A 65 -1.88 -2.54 9.11
CA LEU A 65 -2.44 -3.65 9.89
C LEU A 65 -1.48 -4.16 10.99
N LEU A 66 -0.16 -3.99 10.82
CA LEU A 66 0.87 -4.32 11.81
C LEU A 66 0.64 -3.62 13.16
N LYS A 67 0.16 -2.38 13.13
CA LYS A 67 -0.17 -1.57 14.31
C LYS A 67 -1.67 -1.59 14.63
N GLY A 68 -2.53 -1.78 13.63
CA GLY A 68 -3.98 -1.87 13.77
C GLY A 68 -4.67 -0.57 14.19
N ASP A 69 -4.00 0.57 13.99
CA ASP A 69 -4.45 1.91 14.39
C ASP A 69 -3.91 2.98 13.43
N LYS A 70 -4.56 4.16 13.39
CA LYS A 70 -4.13 5.32 12.59
C LYS A 70 -2.74 5.84 12.97
N ASP A 71 -2.42 5.85 14.27
CA ASP A 71 -1.14 6.31 14.82
C ASP A 71 -0.11 5.17 14.81
N LEU A 72 0.53 4.96 13.66
CA LEU A 72 1.58 3.96 13.49
C LEU A 72 2.83 4.23 14.34
N SER A 73 3.64 3.19 14.59
CA SER A 73 4.92 3.33 15.31
C SER A 73 5.89 4.17 14.48
N PHE A 74 6.84 4.85 15.13
CA PHE A 74 7.87 5.66 14.47
C PHE A 74 8.64 4.86 13.40
N GLY A 75 9.06 3.63 13.73
CA GLY A 75 9.81 2.76 12.81
C GLY A 75 9.03 2.38 11.55
N GLU A 76 7.74 2.11 11.68
CA GLU A 76 6.83 1.82 10.56
C GLU A 76 6.54 3.09 9.75
N ARG A 77 6.16 4.18 10.43
CA ARG A 77 5.84 5.49 9.86
C ARG A 77 6.93 6.00 8.90
N LYS A 78 8.21 5.67 9.16
CA LYS A 78 9.35 5.98 8.28
C LYS A 78 9.13 5.51 6.83
N MET A 79 8.90 4.21 6.62
CA MET A 79 8.64 3.62 5.30
C MET A 79 7.21 3.92 4.81
N LEU A 80 6.22 3.86 5.72
CA LEU A 80 4.81 4.16 5.42
C LEU A 80 4.66 5.55 4.79
N ASP A 81 5.28 6.59 5.34
CA ASP A 81 5.27 7.96 4.80
C ASP A 81 5.64 8.02 3.31
N THR A 82 6.59 7.20 2.89
CA THR A 82 7.00 7.04 1.49
C THR A 82 5.94 6.30 0.67
N ALA A 83 5.48 5.13 1.14
CA ALA A 83 4.41 4.36 0.49
C ALA A 83 3.06 5.12 0.41
N ARG A 84 2.78 6.04 1.34
CA ARG A 84 1.60 6.93 1.37
C ARG A 84 1.59 7.87 0.18
N SER A 85 2.68 8.63 -0.01
CA SER A 85 2.85 9.57 -1.13
C SER A 85 2.78 8.87 -2.50
N LEU A 86 3.01 7.54 -2.53
CA LEU A 86 2.87 6.70 -3.71
C LEU A 86 1.49 6.05 -3.86
N LEU A 87 0.86 5.61 -2.76
CA LEU A 87 -0.49 5.02 -2.76
C LEU A 87 -1.45 5.92 -3.52
N ILE A 88 -1.55 7.17 -3.08
CA ILE A 88 -2.45 8.11 -3.72
C ILE A 88 -2.00 8.53 -5.13
N LYS A 89 -0.72 8.32 -5.49
CA LYS A 89 -0.11 8.69 -6.77
C LYS A 89 -0.74 7.96 -7.94
N GLU A 90 -0.91 6.65 -7.83
CA GLU A 90 -1.50 5.82 -8.89
C GLU A 90 -3.02 5.93 -8.85
N LEU A 91 -3.59 5.79 -7.65
CA LEU A 91 -5.02 5.87 -7.36
C LEU A 91 -5.62 7.25 -7.69
N SER A 92 -4.77 8.27 -7.79
CA SER A 92 -5.05 9.66 -8.18
C SER A 92 -6.01 9.76 -9.37
N LEU A 93 -5.85 8.85 -10.34
CA LEU A 93 -6.70 8.77 -11.53
C LEU A 93 -8.19 8.59 -11.15
N ALA A 94 -8.53 7.50 -10.46
CA ALA A 94 -9.89 7.21 -10.02
C ALA A 94 -10.37 8.09 -8.85
N LYS A 95 -9.44 8.70 -8.09
CA LYS A 95 -9.73 9.64 -7.00
C LYS A 95 -10.61 10.80 -7.50
N ASP A 96 -10.25 11.37 -8.65
CA ASP A 96 -10.88 12.53 -9.29
C ASP A 96 -11.20 13.70 -8.32
N CYS A 97 -10.31 13.93 -7.34
CA CYS A 97 -10.48 14.83 -6.19
C CYS A 97 -9.14 15.08 -5.44
N SER A 98 -9.18 15.62 -4.22
CA SER A 98 -8.00 15.82 -3.34
C SER A 98 -7.40 14.49 -2.88
N GLU A 99 -6.14 14.48 -2.41
CA GLU A 99 -5.47 13.26 -1.88
C GLU A 99 -6.26 12.59 -0.75
N ASP A 100 -7.04 13.38 0.01
CA ASP A 100 -7.94 12.92 1.07
C ASP A 100 -8.90 11.82 0.61
N GLU A 101 -9.24 11.74 -0.68
CA GLU A 101 -10.07 10.66 -1.22
C GLU A 101 -9.48 9.28 -0.89
N ILE A 102 -8.22 9.06 -1.28
CA ILE A 102 -7.46 7.83 -1.00
C ILE A 102 -6.87 7.79 0.41
N GLU A 103 -6.28 8.89 0.89
CA GLU A 103 -5.69 8.97 2.22
C GLU A 103 -6.72 8.65 3.32
N SER A 104 -7.92 9.24 3.23
CA SER A 104 -9.04 8.95 4.14
C SER A 104 -9.69 7.60 3.82
N ASP A 105 -9.55 7.06 2.60
CA ASP A 105 -10.08 5.72 2.30
C ASP A 105 -9.32 4.64 3.10
N LEU A 106 -8.09 4.91 3.58
CA LEU A 106 -7.34 3.96 4.41
C LEU A 106 -8.10 3.53 5.66
N LYS A 107 -8.75 4.47 6.35
CA LYS A 107 -9.55 4.15 7.54
C LYS A 107 -10.73 3.24 7.23
N LYS A 108 -11.29 3.31 6.01
CA LYS A 108 -12.37 2.45 5.51
C LYS A 108 -11.84 1.07 5.11
N ILE A 109 -10.63 1.00 4.54
CA ILE A 109 -9.99 -0.25 4.09
C ILE A 109 -9.44 -1.04 5.29
N PHE A 110 -8.52 -0.46 6.07
CA PHE A 110 -7.86 -1.12 7.21
C PHE A 110 -8.71 -1.05 8.51
N ASN A 111 -9.95 -0.55 8.44
CA ASN A 111 -10.89 -0.30 9.55
C ASN A 111 -10.24 0.41 10.76
N LEU A 112 -9.63 1.58 10.50
CA LEU A 112 -8.91 2.39 11.50
C LEU A 112 -9.84 3.36 12.24
N ALA A 113 -10.91 3.80 11.59
CA ALA A 113 -11.93 4.74 12.08
C ALA A 113 -13.26 4.64 11.29
N GLY A 1 12.13 -12.60 -21.63
CA GLY A 1 10.91 -12.32 -20.84
C GLY A 1 11.05 -12.80 -19.40
N SER A 2 10.91 -11.90 -18.42
CA SER A 2 10.92 -12.23 -16.99
C SER A 2 9.74 -13.14 -16.59
N HIS A 3 10.03 -14.44 -16.37
CA HIS A 3 9.05 -15.45 -15.91
C HIS A 3 8.44 -15.12 -14.54
N MET A 4 9.25 -14.56 -13.63
CA MET A 4 8.86 -14.17 -12.27
C MET A 4 9.51 -12.83 -11.89
N GLY A 5 8.76 -11.96 -11.21
CA GLY A 5 9.19 -10.60 -10.85
C GLY A 5 8.01 -9.65 -10.65
N SER A 6 8.17 -8.38 -11.06
CA SER A 6 7.14 -7.33 -11.03
C SER A 6 5.89 -7.69 -11.85
N VAL A 7 4.79 -6.94 -11.66
CA VAL A 7 3.52 -7.16 -12.37
C VAL A 7 3.65 -6.95 -13.90
N GLY A 8 4.44 -5.96 -14.32
CA GLY A 8 4.72 -5.62 -15.73
C GLY A 8 4.54 -4.12 -16.09
N LEU A 9 3.97 -3.34 -15.17
CA LEU A 9 3.77 -1.88 -15.25
C LEU A 9 4.63 -1.15 -14.19
N ARG A 10 4.43 0.17 -14.08
CA ARG A 10 5.08 1.08 -13.11
C ARG A 10 4.03 1.68 -12.16
N GLU A 11 3.38 2.75 -12.58
CA GLU A 11 2.42 3.53 -11.78
C GLU A 11 1.27 4.10 -12.62
N ILE A 12 1.53 4.43 -13.89
CA ILE A 12 0.52 4.87 -14.87
C ILE A 12 -0.56 3.81 -15.10
N ILE A 13 -1.79 4.14 -14.70
CA ILE A 13 -2.98 3.31 -14.76
C ILE A 13 -4.26 4.14 -14.98
N SER A 14 -5.40 3.45 -15.08
CA SER A 14 -6.75 4.03 -15.20
C SER A 14 -7.63 3.55 -14.04
N GLU A 15 -8.88 4.01 -14.00
CA GLU A 15 -9.89 3.57 -13.02
C GLU A 15 -10.04 2.04 -12.88
N GLU A 16 -9.70 1.26 -13.91
CA GLU A 16 -9.70 -0.22 -13.89
C GLU A 16 -8.82 -0.79 -12.76
N ASP A 17 -7.52 -0.47 -12.75
CA ASP A 17 -6.61 -0.87 -11.68
C ASP A 17 -7.10 -0.33 -10.34
N VAL A 18 -7.55 0.94 -10.28
CA VAL A 18 -8.06 1.54 -9.04
C VAL A 18 -9.12 0.64 -8.38
N LYS A 19 -9.96 -0.07 -9.14
CA LYS A 19 -10.92 -1.03 -8.57
C LYS A 19 -10.25 -2.33 -8.10
N GLN A 20 -9.31 -2.90 -8.87
CA GLN A 20 -8.62 -4.14 -8.51
C GLN A 20 -7.70 -3.95 -7.30
N VAL A 21 -6.82 -2.96 -7.29
CA VAL A 21 -5.95 -2.64 -6.15
C VAL A 21 -6.77 -2.43 -4.86
N TYR A 22 -7.93 -1.76 -4.95
CA TYR A 22 -8.83 -1.57 -3.80
C TYR A 22 -9.34 -2.92 -3.23
N SER A 23 -9.46 -3.95 -4.06
CA SER A 23 -9.82 -5.32 -3.65
C SER A 23 -8.64 -6.08 -2.99
N ILE A 24 -7.40 -5.79 -3.40
CA ILE A 24 -6.18 -6.42 -2.83
C ILE A 24 -6.00 -6.05 -1.35
N LEU A 25 -6.01 -4.75 -1.04
CA LEU A 25 -5.88 -4.28 0.34
C LEU A 25 -7.18 -4.35 1.17
N LYS A 26 -8.34 -4.63 0.55
CA LYS A 26 -9.65 -4.75 1.23
C LYS A 26 -9.70 -5.78 2.35
N GLU A 27 -8.80 -6.77 2.34
CA GLU A 27 -8.70 -7.80 3.37
C GLU A 27 -7.88 -7.32 4.59
N LYS A 28 -8.50 -7.34 5.78
CA LYS A 28 -7.86 -6.99 7.06
C LYS A 28 -7.22 -8.20 7.78
N ASP A 29 -7.05 -9.32 7.10
CA ASP A 29 -6.49 -10.58 7.64
C ASP A 29 -5.05 -10.86 7.17
N ILE A 30 -4.43 -9.91 6.46
CA ILE A 30 -3.06 -9.98 5.91
C ILE A 30 -1.96 -9.71 6.95
N SER A 31 -2.31 -9.29 8.18
CA SER A 31 -1.40 -8.82 9.24
C SER A 31 -0.22 -9.77 9.48
N VAL A 32 1.01 -9.30 9.22
CA VAL A 32 2.20 -10.16 9.32
C VAL A 32 2.67 -10.29 10.79
N ASP A 33 3.33 -11.40 11.11
CA ASP A 33 3.85 -11.68 12.46
C ASP A 33 4.98 -10.71 12.85
N SER A 34 5.03 -10.24 14.09
CA SER A 34 6.05 -9.28 14.57
C SER A 34 7.50 -9.77 14.39
N THR A 35 7.74 -11.08 14.35
CA THR A 35 9.05 -11.69 14.08
C THR A 35 9.43 -11.54 12.60
N THR A 36 8.61 -12.10 11.69
CA THR A 36 8.81 -11.99 10.23
C THR A 36 8.71 -10.55 9.72
N TRP A 37 8.02 -9.67 10.45
CA TRP A 37 7.91 -8.24 10.13
C TRP A 37 9.26 -7.58 9.88
N ASN A 38 10.26 -7.88 10.72
CA ASN A 38 11.60 -7.33 10.60
C ASN A 38 12.26 -7.61 9.22
N ARG A 39 11.94 -8.75 8.61
CA ARG A 39 12.38 -9.15 7.25
C ARG A 39 11.45 -8.60 6.16
N ARG A 40 10.13 -8.65 6.39
CA ARG A 40 9.09 -8.07 5.51
C ARG A 40 9.35 -6.59 5.21
N TYR A 41 9.88 -5.87 6.20
CA TYR A 41 10.28 -4.47 6.04
C TYR A 41 11.25 -4.32 4.85
N ARG A 42 12.21 -5.25 4.69
CA ARG A 42 13.23 -5.24 3.63
C ARG A 42 12.64 -5.42 2.23
N GLU A 43 11.90 -6.50 1.98
CA GLU A 43 11.22 -6.73 0.69
C GLU A 43 10.32 -5.55 0.32
N TYR A 44 9.47 -5.11 1.25
CA TYR A 44 8.59 -3.97 1.06
C TYR A 44 9.34 -2.65 0.82
N MET A 45 10.50 -2.42 1.45
CA MET A 45 11.36 -1.24 1.22
C MET A 45 11.77 -1.09 -0.26
N GLU A 46 11.96 -2.21 -0.96
CA GLU A 46 12.30 -2.21 -2.40
C GLU A 46 11.07 -1.91 -3.26
N LYS A 47 9.90 -2.45 -2.89
CA LYS A 47 8.63 -2.15 -3.57
C LYS A 47 8.30 -0.65 -3.64
N ILE A 48 8.89 0.17 -2.76
CA ILE A 48 8.71 1.63 -2.76
C ILE A 48 9.39 2.33 -3.94
N LYS A 49 10.36 1.66 -4.56
CA LYS A 49 11.22 2.18 -5.63
C LYS A 49 11.09 1.38 -6.91
N THR A 50 10.85 0.06 -6.79
CA THR A 50 10.77 -0.89 -7.91
C THR A 50 9.35 -1.42 -8.12
N GLY A 51 8.61 -1.55 -7.01
CA GLY A 51 7.28 -2.12 -6.93
C GLY A 51 6.26 -1.25 -7.65
N SER A 52 5.29 -1.92 -8.24
CA SER A 52 4.22 -1.30 -9.00
C SER A 52 3.07 -0.79 -8.14
N VAL A 53 2.06 -0.19 -8.75
CA VAL A 53 0.82 0.27 -8.10
C VAL A 53 0.18 -0.78 -7.17
N PHE A 54 0.00 -2.00 -7.69
CA PHE A 54 -0.55 -3.14 -6.97
C PHE A 54 0.32 -3.52 -5.75
N GLU A 55 1.62 -3.27 -5.83
CA GLU A 55 2.61 -3.57 -4.78
C GLU A 55 2.70 -2.46 -3.73
N ILE A 56 2.74 -1.18 -4.12
CA ILE A 56 2.73 -0.01 -3.22
C ILE A 56 1.55 -0.05 -2.26
N ALA A 57 0.35 -0.24 -2.82
CA ALA A 57 -0.86 -0.41 -2.02
C ALA A 57 -0.74 -1.57 -1.02
N GLU A 58 -0.23 -2.74 -1.44
CA GLU A 58 0.03 -3.87 -0.54
C GLU A 58 1.04 -3.56 0.58
N VAL A 59 2.07 -2.76 0.28
CA VAL A 59 3.12 -2.38 1.22
C VAL A 59 2.54 -1.53 2.35
N LEU A 60 1.99 -0.36 2.03
CA LEU A 60 1.41 0.55 3.04
C LEU A 60 0.31 -0.15 3.86
N ARG A 61 -0.43 -1.07 3.25
CA ARG A 61 -1.45 -1.91 3.87
C ARG A 61 -0.83 -2.72 4.99
N ASP A 62 0.18 -3.53 4.69
CA ASP A 62 0.91 -4.30 5.71
C ASP A 62 1.33 -3.40 6.88
N LEU A 63 2.07 -2.32 6.60
CA LEU A 63 2.51 -1.35 7.61
C LEU A 63 1.35 -0.82 8.48
N TYR A 64 0.18 -0.56 7.91
CA TYR A 64 -1.00 -0.16 8.67
C TYR A 64 -1.55 -1.27 9.58
N LEU A 65 -1.75 -2.47 9.04
CA LEU A 65 -2.25 -3.61 9.82
C LEU A 65 -1.24 -4.14 10.86
N LEU A 66 0.06 -3.83 10.75
CA LEU A 66 1.07 -4.20 11.74
C LEU A 66 0.68 -3.74 13.16
N LYS A 67 0.26 -2.48 13.30
CA LYS A 67 -0.24 -1.93 14.57
C LYS A 67 -1.74 -2.21 14.74
N GLY A 68 -2.47 -2.33 13.63
CA GLY A 68 -3.94 -2.48 13.61
C GLY A 68 -4.69 -1.19 13.96
N ASP A 69 -4.02 -0.04 13.89
CA ASP A 69 -4.52 1.28 14.28
C ASP A 69 -3.87 2.41 13.46
N LYS A 70 -4.35 3.65 13.61
CA LYS A 70 -3.82 4.83 12.91
C LYS A 70 -2.43 5.29 13.38
N ASP A 71 -2.06 5.00 14.63
CA ASP A 71 -0.81 5.41 15.27
C ASP A 71 0.29 4.33 15.16
N LEU A 72 0.92 4.26 13.98
CA LEU A 72 2.00 3.31 13.68
C LEU A 72 3.28 3.62 14.47
N SER A 73 4.19 2.64 14.53
CA SER A 73 5.51 2.83 15.17
C SER A 73 6.34 3.87 14.43
N PHE A 74 7.26 4.54 15.14
CA PHE A 74 8.19 5.51 14.55
C PHE A 74 8.95 4.93 13.34
N GLY A 75 9.41 3.69 13.45
CA GLY A 75 10.07 2.95 12.36
C GLY A 75 9.15 2.69 11.18
N GLU A 76 7.96 2.12 11.40
CA GLU A 76 6.95 1.84 10.35
C GLU A 76 6.59 3.12 9.56
N ARG A 77 6.40 4.23 10.26
CA ARG A 77 6.08 5.55 9.67
C ARG A 77 7.12 6.00 8.63
N LYS A 78 8.39 5.61 8.75
CA LYS A 78 9.47 5.95 7.80
C LYS A 78 9.16 5.45 6.38
N MET A 79 8.90 4.15 6.22
CA MET A 79 8.56 3.55 4.92
C MET A 79 7.12 3.86 4.51
N LEU A 80 6.18 3.84 5.46
CA LEU A 80 4.78 4.19 5.21
C LEU A 80 4.64 5.59 4.61
N ASP A 81 5.30 6.60 5.17
CA ASP A 81 5.29 7.98 4.65
C ASP A 81 5.59 8.06 3.13
N THR A 82 6.53 7.24 2.66
CA THR A 82 6.87 7.13 1.24
C THR A 82 5.78 6.34 0.47
N ALA A 83 5.40 5.15 0.95
CA ALA A 83 4.35 4.32 0.34
C ALA A 83 2.98 5.04 0.27
N ARG A 84 2.66 5.94 1.20
CA ARG A 84 1.45 6.81 1.24
C ARG A 84 1.45 7.77 0.06
N SER A 85 2.53 8.54 -0.10
CA SER A 85 2.72 9.51 -1.19
C SER A 85 2.67 8.84 -2.58
N LEU A 86 2.91 7.53 -2.64
CA LEU A 86 2.82 6.71 -3.85
C LEU A 86 1.41 6.07 -4.01
N LEU A 87 0.78 5.58 -2.93
CA LEU A 87 -0.57 5.03 -2.95
C LEU A 87 -1.54 5.95 -3.70
N ILE A 88 -1.66 7.18 -3.22
CA ILE A 88 -2.59 8.13 -3.81
C ILE A 88 -2.14 8.60 -5.21
N LYS A 89 -0.87 8.42 -5.58
CA LYS A 89 -0.26 8.85 -6.85
C LYS A 89 -0.85 8.11 -8.04
N GLU A 90 -1.03 6.80 -7.92
CA GLU A 90 -1.58 5.96 -8.98
C GLU A 90 -3.11 6.09 -8.98
N LEU A 91 -3.69 5.94 -7.80
CA LEU A 91 -5.13 6.02 -7.53
C LEU A 91 -5.73 7.40 -7.84
N SER A 92 -4.88 8.43 -7.91
CA SER A 92 -5.17 9.83 -8.28
C SER A 92 -6.11 9.95 -9.48
N LEU A 93 -5.95 9.06 -10.46
CA LEU A 93 -6.75 9.00 -11.67
C LEU A 93 -8.26 8.89 -11.36
N ALA A 94 -8.66 7.83 -10.65
CA ALA A 94 -10.06 7.59 -10.26
C ALA A 94 -10.52 8.43 -9.06
N LYS A 95 -9.59 8.92 -8.22
CA LYS A 95 -9.86 9.83 -7.08
C LYS A 95 -10.71 11.02 -7.52
N ASP A 96 -10.33 11.62 -8.66
CA ASP A 96 -10.96 12.79 -9.28
C ASP A 96 -11.23 13.97 -8.31
N CYS A 97 -10.40 14.09 -7.26
CA CYS A 97 -10.56 14.98 -6.10
C CYS A 97 -9.23 15.19 -5.34
N SER A 98 -9.27 15.69 -4.10
CA SER A 98 -8.09 15.85 -3.21
C SER A 98 -7.52 14.49 -2.79
N GLU A 99 -6.26 14.45 -2.30
CA GLU A 99 -5.61 13.22 -1.81
C GLU A 99 -6.41 12.51 -0.70
N ASP A 100 -7.19 13.26 0.07
CA ASP A 100 -8.11 12.77 1.10
C ASP A 100 -9.07 11.68 0.59
N GLU A 101 -9.40 11.65 -0.71
CA GLU A 101 -10.25 10.61 -1.28
C GLU A 101 -9.67 9.21 -1.02
N ILE A 102 -8.39 9.00 -1.37
CA ILE A 102 -7.66 7.77 -1.11
C ILE A 102 -7.11 7.71 0.31
N GLU A 103 -6.48 8.77 0.80
CA GLU A 103 -5.87 8.81 2.15
C GLU A 103 -6.90 8.48 3.24
N SER A 104 -8.10 9.08 3.16
CA SER A 104 -9.20 8.81 4.11
C SER A 104 -9.86 7.46 3.85
N ASP A 105 -9.93 6.98 2.61
CA ASP A 105 -10.46 5.64 2.32
C ASP A 105 -9.66 4.53 3.03
N LEU A 106 -8.40 4.78 3.40
CA LEU A 106 -7.59 3.85 4.18
C LEU A 106 -8.26 3.48 5.50
N LYS A 107 -9.02 4.41 6.09
CA LYS A 107 -9.80 4.17 7.32
C LYS A 107 -10.83 3.05 7.16
N LYS A 108 -11.37 2.85 5.94
CA LYS A 108 -12.34 1.81 5.56
C LYS A 108 -11.66 0.54 5.04
N ILE A 109 -10.43 0.65 4.53
CA ILE A 109 -9.62 -0.48 4.03
C ILE A 109 -8.89 -1.21 5.17
N PHE A 110 -8.31 -0.49 6.14
CA PHE A 110 -7.55 -1.07 7.27
C PHE A 110 -8.28 -0.95 8.63
N ASN A 111 -9.54 -0.46 8.62
CA ASN A 111 -10.40 -0.22 9.78
C ASN A 111 -9.75 0.70 10.86
N LEU A 112 -9.25 1.86 10.42
CA LEU A 112 -8.52 2.84 11.25
C LEU A 112 -9.45 3.83 11.98
N ALA A 113 -10.56 4.21 11.32
CA ALA A 113 -11.52 5.27 11.69
C ALA A 113 -10.86 6.57 12.24
N GLY A 1 10.59 -16.45 -18.08
CA GLY A 1 10.83 -17.61 -17.20
C GLY A 1 10.50 -17.28 -15.75
N SER A 2 11.39 -17.63 -14.81
CA SER A 2 11.14 -17.52 -13.35
C SER A 2 12.35 -16.92 -12.62
N HIS A 3 12.38 -15.60 -12.44
CA HIS A 3 13.46 -14.90 -11.71
C HIS A 3 13.02 -13.54 -11.14
N MET A 4 12.68 -12.59 -12.02
CA MET A 4 12.13 -11.27 -11.66
C MET A 4 10.68 -11.38 -11.16
N GLY A 5 10.34 -10.60 -10.14
CA GLY A 5 9.01 -10.53 -9.51
C GLY A 5 8.33 -9.18 -9.76
N SER A 6 7.75 -9.01 -10.95
CA SER A 6 7.07 -7.78 -11.40
C SER A 6 5.81 -8.11 -12.19
N VAL A 7 4.71 -7.38 -11.97
CA VAL A 7 3.43 -7.59 -12.68
C VAL A 7 3.52 -7.28 -14.18
N GLY A 8 4.36 -6.31 -14.55
CA GLY A 8 4.64 -5.88 -15.94
C GLY A 8 4.43 -4.38 -16.19
N LEU A 9 3.82 -3.67 -15.24
CA LEU A 9 3.59 -2.22 -15.24
C LEU A 9 4.50 -1.50 -14.20
N ARG A 10 4.24 -0.22 -13.95
CA ARG A 10 4.89 0.65 -12.96
C ARG A 10 3.83 1.28 -12.07
N GLU A 11 3.30 2.43 -12.47
CA GLU A 11 2.39 3.28 -11.70
C GLU A 11 1.24 3.83 -12.55
N ILE A 12 1.51 4.18 -13.81
CA ILE A 12 0.51 4.62 -14.78
C ILE A 12 -0.54 3.54 -15.05
N ILE A 13 -1.79 3.83 -14.66
CA ILE A 13 -2.95 2.96 -14.77
C ILE A 13 -4.24 3.76 -15.03
N SER A 14 -5.35 3.04 -15.24
CA SER A 14 -6.71 3.58 -15.40
C SER A 14 -7.60 3.18 -14.21
N GLU A 15 -8.85 3.62 -14.23
CA GLU A 15 -9.85 3.27 -13.20
C GLU A 15 -10.00 1.75 -12.95
N GLU A 16 -9.66 0.89 -13.92
CA GLU A 16 -9.66 -0.57 -13.77
C GLU A 16 -8.78 -1.05 -12.62
N ASP A 17 -7.48 -0.68 -12.63
CA ASP A 17 -6.56 -0.98 -11.54
C ASP A 17 -7.07 -0.37 -10.24
N VAL A 18 -7.58 0.87 -10.26
CA VAL A 18 -8.06 1.53 -9.04
C VAL A 18 -9.11 0.65 -8.36
N LYS A 19 -10.12 0.16 -9.10
CA LYS A 19 -11.15 -0.74 -8.55
C LYS A 19 -10.58 -2.10 -8.12
N GLN A 20 -9.51 -2.61 -8.75
CA GLN A 20 -8.84 -3.86 -8.39
C GLN A 20 -7.97 -3.73 -7.14
N VAL A 21 -7.01 -2.80 -7.09
CA VAL A 21 -6.11 -2.57 -5.96
C VAL A 21 -6.89 -2.33 -4.67
N TYR A 22 -8.00 -1.58 -4.74
CA TYR A 22 -8.89 -1.37 -3.59
C TYR A 22 -9.44 -2.70 -3.04
N SER A 23 -9.65 -3.71 -3.89
CA SER A 23 -10.08 -5.06 -3.48
C SER A 23 -8.94 -5.93 -2.92
N ILE A 24 -7.66 -5.64 -3.27
CA ILE A 24 -6.47 -6.35 -2.77
C ILE A 24 -6.26 -6.05 -1.27
N LEU A 25 -6.22 -4.77 -0.90
CA LEU A 25 -6.06 -4.35 0.49
C LEU A 25 -7.36 -4.35 1.33
N LYS A 26 -8.52 -4.54 0.70
CA LYS A 26 -9.84 -4.62 1.40
C LYS A 26 -9.92 -5.74 2.44
N GLU A 27 -9.21 -6.84 2.22
CA GLU A 27 -9.11 -7.96 3.15
C GLU A 27 -8.19 -7.61 4.34
N LYS A 28 -8.61 -7.92 5.57
CA LYS A 28 -7.80 -7.74 6.79
C LYS A 28 -6.95 -8.98 7.18
N ASP A 29 -7.06 -10.08 6.43
CA ASP A 29 -6.39 -11.37 6.69
C ASP A 29 -4.94 -11.45 6.16
N ILE A 30 -4.33 -10.29 5.89
CA ILE A 30 -2.98 -10.08 5.32
C ILE A 30 -1.94 -9.65 6.36
N SER A 31 -2.31 -9.65 7.66
CA SER A 31 -1.45 -9.27 8.78
C SER A 31 -0.08 -9.97 8.76
N VAL A 32 0.99 -9.18 8.85
CA VAL A 32 2.38 -9.65 8.86
C VAL A 32 2.82 -9.93 10.30
N ASP A 33 3.36 -11.12 10.57
CA ASP A 33 3.88 -11.53 11.88
C ASP A 33 5.11 -10.69 12.31
N SER A 34 5.20 -10.33 13.61
CA SER A 34 6.27 -9.45 14.14
C SER A 34 7.68 -10.04 14.03
N THR A 35 7.83 -11.37 14.14
CA THR A 35 9.12 -12.08 13.96
C THR A 35 9.64 -11.93 12.52
N THR A 36 8.75 -12.07 11.54
CA THR A 36 9.04 -11.90 10.11
C THR A 36 9.02 -10.43 9.68
N TRP A 37 8.37 -9.54 10.43
CA TRP A 37 8.26 -8.11 10.12
C TRP A 37 9.61 -7.44 9.86
N ASN A 38 10.60 -7.73 10.71
CA ASN A 38 11.98 -7.25 10.54
C ASN A 38 12.58 -7.55 9.15
N ARG A 39 12.23 -8.70 8.54
CA ARG A 39 12.66 -9.11 7.19
C ARG A 39 11.74 -8.53 6.11
N ARG A 40 10.43 -8.53 6.35
CA ARG A 40 9.39 -7.93 5.48
C ARG A 40 9.66 -6.46 5.19
N TYR A 41 10.23 -5.73 6.14
CA TYR A 41 10.64 -4.34 5.97
C TYR A 41 11.58 -4.20 4.76
N ARG A 42 12.51 -5.15 4.57
CA ARG A 42 13.50 -5.18 3.48
C ARG A 42 12.87 -5.36 2.09
N GLU A 43 12.09 -6.44 1.89
CA GLU A 43 11.36 -6.65 0.63
C GLU A 43 10.49 -5.44 0.29
N TYR A 44 9.64 -5.01 1.24
CA TYR A 44 8.77 -3.84 1.05
C TYR A 44 9.54 -2.55 0.76
N MET A 45 10.72 -2.32 1.36
CA MET A 45 11.58 -1.17 1.07
C MET A 45 11.95 -1.04 -0.42
N GLU A 46 12.06 -2.17 -1.14
CA GLU A 46 12.33 -2.19 -2.58
C GLU A 46 11.06 -1.91 -3.39
N LYS A 47 9.90 -2.42 -2.95
CA LYS A 47 8.61 -2.16 -3.59
C LYS A 47 8.28 -0.66 -3.67
N ILE A 48 8.91 0.19 -2.87
CA ILE A 48 8.73 1.66 -2.89
C ILE A 48 9.40 2.32 -4.11
N LYS A 49 10.32 1.62 -4.77
CA LYS A 49 11.15 2.11 -5.88
C LYS A 49 10.97 1.26 -7.15
N THR A 50 10.71 -0.04 -6.97
CA THR A 50 10.60 -1.05 -8.04
C THR A 50 9.21 -1.65 -8.12
N GLY A 51 8.51 -1.70 -6.99
CA GLY A 51 7.19 -2.28 -6.85
C GLY A 51 6.15 -1.48 -7.61
N SER A 52 5.23 -2.21 -8.23
CA SER A 52 4.14 -1.63 -8.99
C SER A 52 3.05 -1.05 -8.09
N VAL A 53 2.06 -0.40 -8.70
CA VAL A 53 0.86 0.15 -8.04
C VAL A 53 0.20 -0.84 -7.07
N PHE A 54 -0.07 -2.06 -7.56
CA PHE A 54 -0.63 -3.16 -6.78
C PHE A 54 0.27 -3.51 -5.58
N GLU A 55 1.59 -3.36 -5.71
CA GLU A 55 2.56 -3.60 -4.63
C GLU A 55 2.66 -2.43 -3.63
N ILE A 56 2.74 -1.17 -4.07
CA ILE A 56 2.74 0.02 -3.18
C ILE A 56 1.57 0.00 -2.21
N ALA A 57 0.36 -0.22 -2.72
CA ALA A 57 -0.82 -0.38 -1.88
C ALA A 57 -0.67 -1.54 -0.89
N GLU A 58 -0.16 -2.70 -1.31
CA GLU A 58 0.11 -3.82 -0.39
C GLU A 58 1.17 -3.50 0.68
N VAL A 59 2.20 -2.71 0.35
CA VAL A 59 3.25 -2.30 1.28
C VAL A 59 2.64 -1.52 2.45
N LEU A 60 2.08 -0.34 2.19
CA LEU A 60 1.52 0.53 3.24
C LEU A 60 0.42 -0.17 4.05
N ARG A 61 -0.34 -1.06 3.41
CA ARG A 61 -1.39 -1.90 4.02
C ARG A 61 -0.79 -2.75 5.12
N ASP A 62 0.23 -3.54 4.78
CA ASP A 62 0.86 -4.43 5.74
C ASP A 62 1.37 -3.63 6.94
N LEU A 63 2.04 -2.49 6.72
CA LEU A 63 2.47 -1.57 7.77
C LEU A 63 1.33 -1.02 8.64
N TYR A 64 0.16 -0.72 8.05
CA TYR A 64 -1.02 -0.29 8.80
C TYR A 64 -1.60 -1.39 9.70
N LEU A 65 -1.86 -2.58 9.15
CA LEU A 65 -2.39 -3.71 9.92
C LEU A 65 -1.38 -4.28 10.93
N LEU A 66 -0.08 -4.08 10.69
CA LEU A 66 1.00 -4.48 11.61
C LEU A 66 0.81 -3.84 12.99
N LYS A 67 0.31 -2.59 13.04
CA LYS A 67 -0.02 -1.92 14.31
C LYS A 67 -1.48 -2.12 14.72
N GLY A 68 -2.38 -2.24 13.73
CA GLY A 68 -3.83 -2.30 13.95
C GLY A 68 -4.47 -0.99 14.44
N ASP A 69 -3.73 0.13 14.40
CA ASP A 69 -4.14 1.46 14.86
C ASP A 69 -3.87 2.55 13.80
N LYS A 70 -4.58 3.67 13.87
CA LYS A 70 -4.38 4.86 13.01
C LYS A 70 -3.02 5.54 13.22
N ASP A 71 -2.56 5.60 14.47
CA ASP A 71 -1.28 6.17 14.89
C ASP A 71 -0.20 5.08 14.93
N LEU A 72 0.44 4.82 13.78
CA LEU A 72 1.52 3.83 13.66
C LEU A 72 2.78 4.23 14.45
N SER A 73 3.63 3.25 14.76
CA SER A 73 4.93 3.48 15.41
C SER A 73 5.86 4.27 14.49
N PHE A 74 6.80 5.01 15.07
CA PHE A 74 7.83 5.77 14.34
C PHE A 74 8.56 4.91 13.29
N GLY A 75 8.93 3.67 13.66
CA GLY A 75 9.59 2.71 12.78
C GLY A 75 8.80 2.36 11.51
N GLU A 76 7.51 2.02 11.64
CA GLU A 76 6.64 1.76 10.48
C GLU A 76 6.32 3.07 9.73
N ARG A 77 5.98 4.15 10.44
CA ARG A 77 5.64 5.47 9.88
C ARG A 77 6.70 5.97 8.88
N LYS A 78 7.99 5.70 9.13
CA LYS A 78 9.13 6.01 8.24
C LYS A 78 8.92 5.52 6.79
N MET A 79 8.72 4.23 6.57
CA MET A 79 8.45 3.67 5.22
C MET A 79 7.01 3.95 4.77
N LEU A 80 6.05 3.97 5.69
CA LEU A 80 4.65 4.32 5.40
C LEU A 80 4.55 5.67 4.69
N ASP A 81 5.19 6.72 5.19
CA ASP A 81 5.19 8.06 4.59
C ASP A 81 5.61 8.03 3.10
N THR A 82 6.59 7.20 2.77
CA THR A 82 7.07 6.97 1.40
C THR A 82 6.01 6.24 0.56
N ALA A 83 5.50 5.09 1.06
CA ALA A 83 4.45 4.33 0.39
C ALA A 83 3.10 5.09 0.28
N ARG A 84 2.79 6.04 1.18
CA ARG A 84 1.61 6.93 1.17
C ARG A 84 1.63 7.86 -0.03
N SER A 85 2.75 8.60 -0.20
CA SER A 85 2.95 9.52 -1.33
C SER A 85 2.86 8.81 -2.69
N LEU A 86 3.06 7.49 -2.71
CA LEU A 86 2.92 6.63 -3.88
C LEU A 86 1.52 6.01 -4.01
N LEU A 87 0.90 5.57 -2.90
CA LEU A 87 -0.46 5.02 -2.85
C LEU A 87 -1.43 5.92 -3.61
N ILE A 88 -1.50 7.19 -3.20
CA ILE A 88 -2.40 8.14 -3.84
C ILE A 88 -1.95 8.50 -5.25
N LYS A 89 -0.67 8.32 -5.62
CA LYS A 89 -0.09 8.67 -6.93
C LYS A 89 -0.79 7.97 -8.09
N GLU A 90 -1.04 6.67 -7.93
CA GLU A 90 -1.64 5.84 -8.99
C GLU A 90 -3.17 6.01 -8.96
N LEU A 91 -3.72 5.87 -7.76
CA LEU A 91 -5.14 6.02 -7.43
C LEU A 91 -5.71 7.41 -7.74
N SER A 92 -4.84 8.44 -7.82
CA SER A 92 -5.10 9.84 -8.19
C SER A 92 -5.95 9.99 -9.45
N LEU A 93 -5.87 9.02 -10.37
CA LEU A 93 -6.69 8.96 -11.58
C LEU A 93 -8.18 8.92 -11.25
N ALA A 94 -8.64 7.84 -10.63
CA ALA A 94 -10.05 7.64 -10.28
C ALA A 94 -10.51 8.49 -9.07
N LYS A 95 -9.58 8.99 -8.25
CA LYS A 95 -9.83 9.91 -7.12
C LYS A 95 -10.69 11.10 -7.54
N ASP A 96 -10.36 11.73 -8.67
CA ASP A 96 -11.01 12.92 -9.24
C ASP A 96 -11.29 14.08 -8.22
N CYS A 97 -10.47 14.18 -7.17
CA CYS A 97 -10.64 15.02 -5.98
C CYS A 97 -9.30 15.27 -5.24
N SER A 98 -9.32 15.79 -4.00
CA SER A 98 -8.12 15.98 -3.16
C SER A 98 -7.50 14.63 -2.75
N GLU A 99 -6.20 14.61 -2.37
CA GLU A 99 -5.50 13.40 -1.88
C GLU A 99 -6.23 12.73 -0.70
N ASP A 100 -6.97 13.51 0.09
CA ASP A 100 -7.83 13.06 1.20
C ASP A 100 -8.80 11.95 0.77
N GLU A 101 -9.20 11.86 -0.51
CA GLU A 101 -10.04 10.77 -1.01
C GLU A 101 -9.39 9.42 -0.66
N ILE A 102 -8.18 9.19 -1.15
CA ILE A 102 -7.42 7.94 -0.98
C ILE A 102 -6.76 7.86 0.40
N GLU A 103 -6.16 8.96 0.87
CA GLU A 103 -5.52 9.04 2.19
C GLU A 103 -6.50 8.66 3.31
N SER A 104 -7.71 9.24 3.31
CA SER A 104 -8.77 8.88 4.25
C SER A 104 -9.44 7.54 3.94
N ASP A 105 -9.50 7.08 2.68
CA ASP A 105 -10.05 5.75 2.36
C ASP A 105 -9.35 4.61 3.12
N LEU A 106 -8.09 4.80 3.53
CA LEU A 106 -7.36 3.84 4.36
C LEU A 106 -8.10 3.49 5.64
N LYS A 107 -8.83 4.44 6.22
CA LYS A 107 -9.68 4.23 7.41
C LYS A 107 -10.82 3.24 7.16
N LYS A 108 -11.35 3.19 5.93
CA LYS A 108 -12.38 2.26 5.44
C LYS A 108 -11.79 0.96 4.90
N ILE A 109 -10.54 0.95 4.45
CA ILE A 109 -9.82 -0.25 4.00
C ILE A 109 -9.36 -1.06 5.22
N PHE A 110 -8.43 -0.53 6.02
CA PHE A 110 -7.77 -1.19 7.15
C PHE A 110 -8.59 -1.12 8.45
N ASN A 111 -9.79 -0.53 8.41
CA ASN A 111 -10.72 -0.30 9.53
C ASN A 111 -10.07 0.46 10.71
N LEU A 112 -9.56 1.66 10.44
CA LEU A 112 -8.81 2.52 11.39
C LEU A 112 -9.72 3.55 12.10
N ALA A 113 -10.72 4.06 11.38
CA ALA A 113 -11.61 5.19 11.73
C ALA A 113 -10.86 6.39 12.40
N GLY A 1 12.04 -9.15 -26.40
CA GLY A 1 11.39 -8.79 -25.12
C GLY A 1 12.23 -9.20 -23.92
N SER A 2 12.37 -8.32 -22.93
CA SER A 2 13.18 -8.57 -21.71
C SER A 2 12.74 -7.76 -20.47
N HIS A 3 11.42 -7.53 -20.30
CA HIS A 3 10.88 -6.83 -19.12
C HIS A 3 11.15 -7.58 -17.80
N MET A 4 11.27 -6.81 -16.72
CA MET A 4 11.51 -7.26 -15.33
C MET A 4 10.57 -6.54 -14.35
N GLY A 5 10.54 -7.00 -13.10
CA GLY A 5 9.63 -6.50 -12.05
C GLY A 5 8.81 -7.64 -11.40
N SER A 6 7.93 -7.26 -10.47
CA SER A 6 7.03 -8.19 -9.75
C SER A 6 5.80 -8.55 -10.59
N VAL A 7 4.83 -7.62 -10.70
CA VAL A 7 3.56 -7.82 -11.41
C VAL A 7 3.73 -7.71 -12.93
N GLY A 8 4.62 -6.81 -13.39
CA GLY A 8 4.94 -6.53 -14.79
C GLY A 8 4.81 -5.06 -15.21
N LEU A 9 4.20 -4.22 -14.35
CA LEU A 9 4.08 -2.76 -14.52
C LEU A 9 4.80 -2.03 -13.38
N ARG A 10 4.80 -0.69 -13.46
CA ARG A 10 5.54 0.24 -12.59
C ARG A 10 4.59 1.14 -11.80
N GLU A 11 3.70 1.81 -12.51
CA GLU A 11 2.64 2.65 -11.95
C GLU A 11 1.55 2.94 -13.00
N ILE A 12 1.90 3.22 -14.26
CA ILE A 12 0.99 3.54 -15.38
C ILE A 12 -0.25 2.62 -15.49
N ILE A 13 -1.42 3.17 -15.12
CA ILE A 13 -2.72 2.50 -15.08
C ILE A 13 -3.90 3.43 -15.38
N SER A 14 -5.11 2.85 -15.42
CA SER A 14 -6.40 3.51 -15.63
C SER A 14 -7.36 3.24 -14.46
N GLU A 15 -8.56 3.84 -14.52
CA GLU A 15 -9.65 3.63 -13.55
C GLU A 15 -9.98 2.13 -13.31
N GLU A 16 -9.74 1.24 -14.27
CA GLU A 16 -9.93 -0.22 -14.11
C GLU A 16 -9.05 -0.82 -12.99
N ASP A 17 -7.73 -0.66 -13.09
CA ASP A 17 -6.78 -1.08 -12.04
C ASP A 17 -7.14 -0.47 -10.70
N VAL A 18 -7.58 0.80 -10.67
CA VAL A 18 -7.86 1.51 -9.42
C VAL A 18 -8.88 0.70 -8.59
N LYS A 19 -9.91 0.17 -9.24
CA LYS A 19 -10.90 -0.71 -8.61
C LYS A 19 -10.31 -2.05 -8.13
N GLN A 20 -9.34 -2.61 -8.87
CA GLN A 20 -8.61 -3.82 -8.49
C GLN A 20 -7.69 -3.60 -7.28
N VAL A 21 -6.79 -2.60 -7.29
CA VAL A 21 -5.90 -2.29 -6.16
C VAL A 21 -6.68 -2.09 -4.86
N TYR A 22 -7.85 -1.43 -4.93
CA TYR A 22 -8.73 -1.26 -3.78
C TYR A 22 -9.25 -2.58 -3.22
N SER A 23 -9.37 -3.63 -4.04
CA SER A 23 -9.76 -4.99 -3.63
C SER A 23 -8.59 -5.76 -2.97
N ILE A 24 -7.35 -5.49 -3.36
CA ILE A 24 -6.14 -6.13 -2.83
C ILE A 24 -5.94 -5.79 -1.34
N LEU A 25 -5.93 -4.49 -1.00
CA LEU A 25 -5.81 -4.05 0.38
C LEU A 25 -7.12 -4.16 1.20
N LYS A 26 -8.28 -4.40 0.57
CA LYS A 26 -9.59 -4.54 1.24
C LYS A 26 -9.63 -5.62 2.33
N GLU A 27 -8.80 -6.65 2.22
CA GLU A 27 -8.68 -7.73 3.20
C GLU A 27 -7.94 -7.31 4.48
N LYS A 28 -8.37 -7.87 5.62
CA LYS A 28 -7.87 -7.54 6.97
C LYS A 28 -7.09 -8.67 7.64
N ASP A 29 -7.01 -9.82 6.98
CA ASP A 29 -6.35 -11.05 7.45
C ASP A 29 -4.89 -11.17 6.96
N ILE A 30 -4.38 -10.12 6.29
CA ILE A 30 -3.04 -10.01 5.71
C ILE A 30 -1.91 -9.81 6.74
N SER A 31 -2.26 -9.48 7.99
CA SER A 31 -1.39 -9.13 9.11
C SER A 31 -0.18 -10.07 9.27
N VAL A 32 1.00 -9.62 8.85
CA VAL A 32 2.23 -10.44 8.87
C VAL A 32 2.75 -10.69 10.31
N ASP A 33 3.52 -11.76 10.48
CA ASP A 33 4.07 -12.18 11.79
C ASP A 33 5.17 -11.25 12.30
N SER A 34 5.32 -11.08 13.62
CA SER A 34 6.26 -10.10 14.19
C SER A 34 7.75 -10.44 13.96
N THR A 35 8.10 -11.72 13.99
CA THR A 35 9.46 -12.20 13.68
C THR A 35 9.80 -11.96 12.21
N THR A 36 8.88 -12.32 11.30
CA THR A 36 9.00 -12.11 9.85
C THR A 36 8.92 -10.63 9.45
N TRP A 37 8.25 -9.78 10.24
CA TRP A 37 8.10 -8.34 9.97
C TRP A 37 9.45 -7.64 9.73
N ASN A 38 10.46 -7.97 10.53
CA ASN A 38 11.83 -7.46 10.39
C ASN A 38 12.40 -7.66 8.96
N ARG A 39 12.15 -8.82 8.34
CA ARG A 39 12.58 -9.15 6.96
C ARG A 39 11.62 -8.57 5.92
N ARG A 40 10.32 -8.58 6.18
CA ARG A 40 9.26 -7.98 5.34
C ARG A 40 9.52 -6.50 5.08
N TYR A 41 10.08 -5.79 6.08
CA TYR A 41 10.49 -4.40 5.96
C TYR A 41 11.42 -4.21 4.75
N ARG A 42 12.41 -5.11 4.56
CA ARG A 42 13.36 -5.09 3.43
C ARG A 42 12.66 -5.23 2.08
N GLU A 43 11.95 -6.33 1.84
CA GLU A 43 11.25 -6.54 0.55
C GLU A 43 10.32 -5.38 0.23
N TYR A 44 9.48 -4.98 1.17
CA TYR A 44 8.58 -3.83 1.03
C TYR A 44 9.33 -2.51 0.76
N MET A 45 10.50 -2.29 1.36
CA MET A 45 11.36 -1.10 1.11
C MET A 45 11.78 -0.99 -0.37
N GLU A 46 11.91 -2.11 -1.08
CA GLU A 46 12.21 -2.16 -2.52
C GLU A 46 10.97 -1.91 -3.36
N LYS A 47 9.80 -2.41 -2.93
CA LYS A 47 8.52 -2.15 -3.61
C LYS A 47 8.18 -0.67 -3.72
N ILE A 48 8.80 0.20 -2.92
CA ILE A 48 8.59 1.65 -2.93
C ILE A 48 9.15 2.32 -4.19
N LYS A 49 10.17 1.72 -4.83
CA LYS A 49 10.84 2.23 -6.03
C LYS A 49 10.79 1.27 -7.22
N THR A 50 10.64 -0.04 -6.95
CA THR A 50 10.61 -1.12 -7.96
C THR A 50 9.22 -1.75 -8.11
N GLY A 51 8.42 -1.68 -7.03
CA GLY A 51 7.11 -2.29 -6.96
C GLY A 51 6.08 -1.50 -7.74
N SER A 52 5.02 -2.21 -8.13
CA SER A 52 3.93 -1.66 -8.92
C SER A 52 2.88 -0.95 -8.05
N VAL A 53 1.89 -0.34 -8.69
CA VAL A 53 0.73 0.30 -8.05
C VAL A 53 0.03 -0.65 -7.07
N PHE A 54 -0.17 -1.91 -7.48
CA PHE A 54 -0.75 -2.98 -6.67
C PHE A 54 0.12 -3.28 -5.45
N GLU A 55 1.45 -3.27 -5.63
CA GLU A 55 2.41 -3.51 -4.55
C GLU A 55 2.52 -2.33 -3.57
N ILE A 56 2.62 -1.07 -4.03
CA ILE A 56 2.63 0.14 -3.18
C ILE A 56 1.48 0.11 -2.18
N ALA A 57 0.28 -0.17 -2.67
CA ALA A 57 -0.90 -0.34 -1.82
C ALA A 57 -0.73 -1.48 -0.79
N GLU A 58 -0.26 -2.66 -1.20
CA GLU A 58 0.02 -3.77 -0.28
C GLU A 58 1.08 -3.44 0.79
N VAL A 59 2.09 -2.63 0.42
CA VAL A 59 3.18 -2.23 1.31
C VAL A 59 2.64 -1.42 2.49
N LEU A 60 2.06 -0.25 2.21
CA LEU A 60 1.47 0.61 3.24
C LEU A 60 0.38 -0.10 4.05
N ARG A 61 -0.37 -1.01 3.42
CA ARG A 61 -1.40 -1.84 4.04
C ARG A 61 -0.79 -2.69 5.14
N ASP A 62 0.23 -3.49 4.80
CA ASP A 62 0.90 -4.34 5.78
C ASP A 62 1.35 -3.51 7.00
N LEU A 63 2.06 -2.41 6.76
CA LEU A 63 2.48 -1.45 7.79
C LEU A 63 1.31 -0.97 8.68
N TYR A 64 0.15 -0.66 8.11
CA TYR A 64 -1.05 -0.27 8.86
C TYR A 64 -1.62 -1.39 9.74
N LEU A 65 -1.83 -2.59 9.20
CA LEU A 65 -2.40 -3.71 9.96
C LEU A 65 -1.41 -4.26 11.00
N LEU A 66 -0.11 -4.09 10.77
CA LEU A 66 0.97 -4.46 11.70
C LEU A 66 0.83 -3.75 13.06
N LYS A 67 0.33 -2.51 13.06
CA LYS A 67 0.03 -1.75 14.28
C LYS A 67 -1.41 -1.96 14.77
N GLY A 68 -2.35 -2.18 13.85
CA GLY A 68 -3.79 -2.33 14.15
C GLY A 68 -4.50 -1.01 14.52
N ASP A 69 -3.92 0.14 14.19
CA ASP A 69 -4.47 1.49 14.44
C ASP A 69 -4.01 2.53 13.39
N LYS A 70 -4.50 3.78 13.50
CA LYS A 70 -4.16 4.89 12.59
C LYS A 70 -2.78 5.53 12.81
N ASP A 71 -2.31 5.59 14.06
CA ASP A 71 -1.08 6.26 14.50
C ASP A 71 0.08 5.25 14.65
N LEU A 72 0.67 4.88 13.52
CA LEU A 72 1.77 3.89 13.47
C LEU A 72 3.01 4.35 14.26
N SER A 73 3.84 3.38 14.65
CA SER A 73 5.12 3.63 15.33
C SER A 73 6.07 4.42 14.43
N PHE A 74 6.99 5.19 15.01
CA PHE A 74 8.04 5.92 14.27
C PHE A 74 8.80 5.01 13.29
N GLY A 75 9.09 3.76 13.70
CA GLY A 75 9.76 2.75 12.88
C GLY A 75 9.01 2.44 11.57
N GLU A 76 7.72 2.12 11.67
CA GLU A 76 6.84 1.83 10.52
C GLU A 76 6.54 3.10 9.71
N ARG A 77 6.27 4.23 10.38
CA ARG A 77 5.99 5.55 9.80
C ARG A 77 7.04 5.98 8.77
N LYS A 78 8.30 5.61 8.96
CA LYS A 78 9.43 5.88 8.05
C LYS A 78 9.16 5.42 6.61
N MET A 79 8.89 4.13 6.38
CA MET A 79 8.57 3.59 5.05
C MET A 79 7.12 3.90 4.64
N LEU A 80 6.19 3.89 5.60
CA LEU A 80 4.79 4.24 5.37
C LEU A 80 4.65 5.63 4.74
N ASP A 81 5.31 6.65 5.26
CA ASP A 81 5.30 8.03 4.73
C ASP A 81 5.63 8.07 3.23
N THR A 82 6.58 7.23 2.78
CA THR A 82 6.96 7.07 1.37
C THR A 82 5.84 6.36 0.60
N ALA A 83 5.38 5.19 1.06
CA ALA A 83 4.30 4.43 0.44
C ALA A 83 2.94 5.18 0.42
N ARG A 84 2.68 6.09 1.37
CA ARG A 84 1.49 6.97 1.46
C ARG A 84 1.47 7.93 0.29
N SER A 85 2.57 8.69 0.12
CA SER A 85 2.75 9.65 -0.98
C SER A 85 2.69 8.99 -2.37
N LEU A 86 2.95 7.68 -2.45
CA LEU A 86 2.85 6.85 -3.65
C LEU A 86 1.48 6.15 -3.84
N LEU A 87 0.80 5.77 -2.75
CA LEU A 87 -0.54 5.18 -2.76
C LEU A 87 -1.49 6.10 -3.52
N ILE A 88 -1.64 7.33 -3.01
CA ILE A 88 -2.53 8.30 -3.62
C ILE A 88 -2.04 8.77 -4.99
N LYS A 89 -0.74 8.64 -5.30
CA LYS A 89 -0.11 9.08 -6.56
C LYS A 89 -0.82 8.49 -7.76
N GLU A 90 -0.93 7.16 -7.78
CA GLU A 90 -1.53 6.43 -8.88
C GLU A 90 -3.05 6.38 -8.80
N LEU A 91 -3.58 6.19 -7.59
CA LEU A 91 -5.01 6.23 -7.32
C LEU A 91 -5.67 7.60 -7.61
N SER A 92 -4.85 8.66 -7.68
CA SER A 92 -5.19 10.05 -8.04
C SER A 92 -6.10 10.14 -9.26
N LEU A 93 -5.90 9.24 -10.23
CA LEU A 93 -6.68 9.12 -11.47
C LEU A 93 -8.20 9.02 -11.20
N ALA A 94 -8.64 7.87 -10.65
CA ALA A 94 -10.03 7.61 -10.32
C ALA A 94 -10.55 8.41 -9.10
N LYS A 95 -9.65 8.92 -8.23
CA LYS A 95 -9.99 9.79 -7.08
C LYS A 95 -10.90 10.95 -7.50
N ASP A 96 -10.57 11.60 -8.61
CA ASP A 96 -11.27 12.75 -9.20
C ASP A 96 -11.62 13.88 -8.18
N CYS A 97 -10.80 14.01 -7.12
CA CYS A 97 -11.02 14.83 -5.92
C CYS A 97 -9.70 15.14 -5.18
N SER A 98 -9.75 15.64 -3.95
CA SER A 98 -8.57 15.87 -3.09
C SER A 98 -7.90 14.56 -2.67
N GLU A 99 -6.60 14.58 -2.31
CA GLU A 99 -5.86 13.39 -1.83
C GLU A 99 -6.55 12.70 -0.65
N ASP A 100 -7.29 13.47 0.14
CA ASP A 100 -8.13 13.02 1.27
C ASP A 100 -9.07 11.87 0.89
N GLU A 101 -9.47 11.73 -0.39
CA GLU A 101 -10.28 10.61 -0.87
C GLU A 101 -9.56 9.29 -0.54
N ILE A 102 -8.34 9.11 -1.06
CA ILE A 102 -7.56 7.88 -0.90
C ILE A 102 -6.87 7.83 0.47
N GLU A 103 -6.30 8.95 0.94
CA GLU A 103 -5.65 9.05 2.25
C GLU A 103 -6.62 8.66 3.37
N SER A 104 -7.83 9.22 3.39
CA SER A 104 -8.87 8.85 4.35
C SER A 104 -9.54 7.51 4.05
N ASP A 105 -9.62 7.05 2.79
CA ASP A 105 -10.16 5.70 2.47
C ASP A 105 -9.44 4.59 3.24
N LEU A 106 -8.19 4.80 3.65
CA LEU A 106 -7.45 3.86 4.48
C LEU A 106 -8.22 3.49 5.76
N LYS A 107 -9.01 4.42 6.30
CA LYS A 107 -9.87 4.19 7.46
C LYS A 107 -11.02 3.21 7.16
N LYS A 108 -11.50 3.16 5.92
CA LYS A 108 -12.54 2.24 5.40
C LYS A 108 -11.98 0.93 4.86
N ILE A 109 -10.69 0.89 4.51
CA ILE A 109 -9.96 -0.30 4.06
C ILE A 109 -9.44 -1.08 5.29
N PHE A 110 -8.54 -0.47 6.07
CA PHE A 110 -7.89 -1.09 7.25
C PHE A 110 -8.73 -0.99 8.54
N ASN A 111 -9.95 -0.43 8.47
CA ASN A 111 -10.94 -0.24 9.55
C ASN A 111 -10.37 0.54 10.76
N LEU A 112 -9.85 1.74 10.50
CA LEU A 112 -9.19 2.63 11.46
C LEU A 112 -10.17 3.60 12.15
N ALA A 113 -11.16 4.07 11.37
CA ALA A 113 -12.14 5.13 11.65
C ALA A 113 -11.57 6.44 12.23
N GLY A 1 11.74 -10.23 -24.04
CA GLY A 1 10.55 -10.40 -23.17
C GLY A 1 10.79 -9.88 -21.77
N SER A 2 9.83 -9.10 -21.25
CA SER A 2 9.88 -8.37 -19.95
C SER A 2 9.41 -9.22 -18.76
N HIS A 3 9.98 -10.43 -18.61
CA HIS A 3 9.74 -11.34 -17.48
C HIS A 3 10.21 -10.79 -16.12
N MET A 4 11.17 -9.86 -16.13
CA MET A 4 11.71 -9.17 -14.95
C MET A 4 10.68 -8.20 -14.31
N GLY A 5 11.05 -7.56 -13.20
CA GLY A 5 10.12 -6.76 -12.40
C GLY A 5 9.16 -7.63 -11.61
N SER A 6 8.07 -7.03 -11.14
CA SER A 6 7.15 -7.64 -10.17
C SER A 6 5.79 -8.00 -10.80
N VAL A 7 4.99 -7.00 -11.18
CA VAL A 7 3.70 -7.20 -11.89
C VAL A 7 3.86 -7.09 -13.41
N GLY A 8 4.67 -6.14 -13.89
CA GLY A 8 4.95 -5.87 -15.31
C GLY A 8 4.80 -4.41 -15.74
N LEU A 9 4.20 -3.57 -14.88
CA LEU A 9 4.00 -2.12 -15.05
C LEU A 9 4.80 -1.31 -14.02
N ARG A 10 4.68 0.03 -14.06
CA ARG A 10 5.38 0.98 -13.17
C ARG A 10 4.42 1.61 -12.16
N GLU A 11 3.55 2.50 -12.62
CA GLU A 11 2.61 3.28 -11.79
C GLU A 11 1.45 3.86 -12.61
N ILE A 12 1.70 4.25 -13.88
CA ILE A 12 0.68 4.72 -14.83
C ILE A 12 -0.41 3.66 -15.07
N ILE A 13 -1.62 3.97 -14.58
CA ILE A 13 -2.82 3.14 -14.69
C ILE A 13 -4.08 3.95 -14.99
N SER A 14 -5.19 3.23 -15.19
CA SER A 14 -6.54 3.74 -15.39
C SER A 14 -7.47 3.33 -14.23
N GLU A 15 -8.71 3.80 -14.24
CA GLU A 15 -9.74 3.46 -13.25
C GLU A 15 -9.92 1.94 -13.03
N GLU A 16 -9.62 1.09 -14.02
CA GLU A 16 -9.66 -0.38 -13.87
C GLU A 16 -8.78 -0.90 -12.73
N ASP A 17 -7.48 -0.55 -12.74
CA ASP A 17 -6.57 -0.89 -11.65
C ASP A 17 -7.10 -0.34 -10.33
N VAL A 18 -7.60 0.91 -10.32
CA VAL A 18 -8.10 1.52 -9.09
C VAL A 18 -9.18 0.64 -8.45
N LYS A 19 -10.08 0.05 -9.24
CA LYS A 19 -11.12 -0.86 -8.72
C LYS A 19 -10.54 -2.21 -8.25
N GLN A 20 -9.45 -2.69 -8.87
CA GLN A 20 -8.76 -3.95 -8.52
C GLN A 20 -7.88 -3.81 -7.27
N VAL A 21 -6.96 -2.85 -7.21
CA VAL A 21 -6.08 -2.59 -6.06
C VAL A 21 -6.88 -2.39 -4.77
N TYR A 22 -8.04 -1.71 -4.85
CA TYR A 22 -8.95 -1.55 -3.71
C TYR A 22 -9.46 -2.89 -3.17
N SER A 23 -9.59 -3.92 -4.01
CA SER A 23 -9.96 -5.29 -3.63
C SER A 23 -8.76 -6.08 -3.03
N ILE A 24 -7.52 -5.77 -3.43
CA ILE A 24 -6.30 -6.40 -2.90
C ILE A 24 -6.09 -6.06 -1.42
N LEU A 25 -6.11 -4.76 -1.07
CA LEU A 25 -5.94 -4.33 0.32
C LEU A 25 -7.22 -4.40 1.17
N LYS A 26 -8.40 -4.65 0.58
CA LYS A 26 -9.69 -4.78 1.30
C LYS A 26 -9.69 -5.82 2.41
N GLU A 27 -8.87 -6.86 2.29
CA GLU A 27 -8.72 -7.92 3.31
C GLU A 27 -7.90 -7.45 4.53
N LYS A 28 -8.32 -7.89 5.72
CA LYS A 28 -7.71 -7.51 7.01
C LYS A 28 -6.94 -8.65 7.71
N ASP A 29 -7.02 -9.87 7.17
CA ASP A 29 -6.35 -11.08 7.68
C ASP A 29 -4.91 -11.24 7.13
N ILE A 30 -4.41 -10.24 6.41
CA ILE A 30 -3.05 -10.18 5.82
C ILE A 30 -1.94 -9.94 6.85
N SER A 31 -2.28 -9.57 8.10
CA SER A 31 -1.38 -9.13 9.17
C SER A 31 -0.18 -10.07 9.37
N VAL A 32 1.00 -9.65 8.90
CA VAL A 32 2.23 -10.46 8.94
C VAL A 32 2.73 -10.67 10.39
N ASP A 33 3.39 -11.81 10.64
CA ASP A 33 3.91 -12.18 11.97
C ASP A 33 5.08 -11.27 12.41
N SER A 34 5.29 -11.06 13.71
CA SER A 34 6.34 -10.17 14.23
C SER A 34 7.77 -10.60 13.86
N THR A 35 8.11 -11.88 14.02
CA THR A 35 9.43 -12.42 13.63
C THR A 35 9.71 -12.26 12.13
N THR A 36 8.67 -12.44 11.29
CA THR A 36 8.75 -12.24 9.83
C THR A 36 8.72 -10.76 9.46
N TRP A 37 8.10 -9.88 10.27
CA TRP A 37 7.96 -8.45 10.00
C TRP A 37 9.31 -7.75 9.82
N ASN A 38 10.28 -8.00 10.71
CA ASN A 38 11.63 -7.46 10.62
C ASN A 38 12.29 -7.71 9.23
N ARG A 39 11.93 -8.83 8.58
CA ARG A 39 12.41 -9.24 7.25
C ARG A 39 11.55 -8.64 6.13
N ARG A 40 10.22 -8.69 6.28
CA ARG A 40 9.23 -8.08 5.37
C ARG A 40 9.48 -6.60 5.12
N TYR A 41 10.00 -5.90 6.13
CA TYR A 41 10.41 -4.50 6.02
C TYR A 41 11.37 -4.29 4.84
N ARG A 42 12.32 -5.21 4.64
CA ARG A 42 13.35 -5.17 3.59
C ARG A 42 12.78 -5.31 2.18
N GLU A 43 12.04 -6.39 1.90
CA GLU A 43 11.35 -6.58 0.62
C GLU A 43 10.43 -5.39 0.30
N TYR A 44 9.56 -5.01 1.24
CA TYR A 44 8.65 -3.88 1.08
C TYR A 44 9.38 -2.54 0.88
N MET A 45 10.55 -2.33 1.50
CA MET A 45 11.38 -1.13 1.31
C MET A 45 11.76 -0.94 -0.18
N GLU A 46 11.96 -2.02 -0.93
CA GLU A 46 12.31 -1.97 -2.35
C GLU A 46 11.08 -1.70 -3.21
N LYS A 47 9.92 -2.26 -2.84
CA LYS A 47 8.64 -2.00 -3.52
C LYS A 47 8.30 -0.51 -3.63
N ILE A 48 8.84 0.32 -2.75
CA ILE A 48 8.66 1.79 -2.74
C ILE A 48 9.32 2.47 -3.96
N LYS A 49 10.30 1.79 -4.57
CA LYS A 49 11.15 2.29 -5.66
C LYS A 49 11.02 1.45 -6.93
N THR A 50 10.78 0.15 -6.78
CA THR A 50 10.72 -0.84 -7.87
C THR A 50 9.34 -1.47 -8.04
N GLY A 51 8.58 -1.50 -6.94
CA GLY A 51 7.26 -2.09 -6.88
C GLY A 51 6.23 -1.24 -7.59
N SER A 52 5.20 -1.92 -8.07
CA SER A 52 4.14 -1.32 -8.87
C SER A 52 3.00 -0.79 -8.01
N VAL A 53 1.99 -0.19 -8.64
CA VAL A 53 0.75 0.30 -8.00
C VAL A 53 0.11 -0.73 -7.06
N PHE A 54 -0.11 -1.95 -7.58
CA PHE A 54 -0.65 -3.09 -6.85
C PHE A 54 0.21 -3.47 -5.63
N GLU A 55 1.52 -3.23 -5.70
CA GLU A 55 2.47 -3.50 -4.62
C GLU A 55 2.57 -2.37 -3.60
N ILE A 56 2.68 -1.10 -4.01
CA ILE A 56 2.67 0.08 -3.12
C ILE A 56 1.48 0.02 -2.16
N ALA A 57 0.29 -0.22 -2.70
CA ALA A 57 -0.91 -0.40 -1.90
C ALA A 57 -0.78 -1.59 -0.91
N GLU A 58 -0.26 -2.75 -1.34
CA GLU A 58 0.00 -3.89 -0.44
C GLU A 58 1.07 -3.62 0.62
N VAL A 59 2.06 -2.75 0.34
CA VAL A 59 3.13 -2.39 1.27
C VAL A 59 2.54 -1.62 2.45
N LEU A 60 1.97 -0.43 2.20
CA LEU A 60 1.38 0.42 3.23
C LEU A 60 0.26 -0.29 4.01
N ARG A 61 -0.46 -1.23 3.38
CA ARG A 61 -1.49 -2.08 3.99
C ARG A 61 -0.94 -2.91 5.13
N ASP A 62 0.11 -3.69 4.84
CA ASP A 62 0.80 -4.49 5.85
C ASP A 62 1.23 -3.61 7.03
N LEU A 63 1.95 -2.51 6.76
CA LEU A 63 2.38 -1.52 7.76
C LEU A 63 1.22 -0.98 8.62
N TYR A 64 0.08 -0.63 8.01
CA TYR A 64 -1.12 -0.17 8.73
C TYR A 64 -1.71 -1.21 9.68
N LEU A 65 -1.92 -2.44 9.22
CA LEU A 65 -2.48 -3.51 10.06
C LEU A 65 -1.50 -4.01 11.12
N LEU A 66 -0.20 -3.93 10.85
CA LEU A 66 0.87 -4.27 11.79
C LEU A 66 0.79 -3.39 13.06
N LYS A 67 0.43 -2.10 12.90
CA LYS A 67 0.21 -1.19 14.03
C LYS A 67 -1.13 -1.44 14.74
N GLY A 68 -2.16 -1.88 13.99
CA GLY A 68 -3.52 -2.05 14.48
C GLY A 68 -4.27 -0.73 14.76
N ASP A 69 -3.72 0.42 14.32
CA ASP A 69 -4.25 1.77 14.55
C ASP A 69 -3.77 2.76 13.47
N LYS A 70 -4.23 4.01 13.51
CA LYS A 70 -3.86 5.11 12.61
C LYS A 70 -2.46 5.70 12.88
N ASP A 71 -2.03 5.69 14.14
CA ASP A 71 -0.75 6.28 14.59
C ASP A 71 0.40 5.26 14.49
N LEU A 72 1.01 5.14 13.30
CA LEU A 72 2.11 4.21 13.07
C LEU A 72 3.33 4.48 13.97
N SER A 73 4.10 3.43 14.28
CA SER A 73 5.28 3.52 15.14
C SER A 73 6.36 4.39 14.49
N PHE A 74 7.32 4.92 15.27
CA PHE A 74 8.39 5.77 14.73
C PHE A 74 9.12 5.11 13.55
N GLY A 75 9.48 3.82 13.69
CA GLY A 75 10.13 3.07 12.62
C GLY A 75 9.18 2.79 11.45
N GLU A 76 8.00 2.22 11.71
CA GLU A 76 7.04 1.83 10.66
C GLU A 76 6.58 3.02 9.81
N ARG A 77 6.36 4.18 10.45
CA ARG A 77 5.99 5.42 9.78
C ARG A 77 7.02 5.84 8.72
N LYS A 78 8.30 5.51 8.87
CA LYS A 78 9.39 5.88 7.93
C LYS A 78 9.11 5.36 6.52
N MET A 79 8.82 4.05 6.38
CA MET A 79 8.48 3.46 5.08
C MET A 79 7.04 3.80 4.65
N LEU A 80 6.08 3.76 5.60
CA LEU A 80 4.68 4.10 5.34
C LEU A 80 4.53 5.50 4.73
N ASP A 81 5.20 6.51 5.27
CA ASP A 81 5.18 7.90 4.77
C ASP A 81 5.49 7.98 3.27
N THR A 82 6.45 7.17 2.81
CA THR A 82 6.82 7.06 1.39
C THR A 82 5.77 6.30 0.60
N ALA A 83 5.33 5.12 1.07
CA ALA A 83 4.27 4.33 0.44
C ALA A 83 2.91 5.08 0.38
N ARG A 84 2.61 5.99 1.31
CA ARG A 84 1.42 6.86 1.36
C ARG A 84 1.41 7.82 0.19
N SER A 85 2.50 8.58 0.02
CA SER A 85 2.68 9.55 -1.07
C SER A 85 2.63 8.88 -2.46
N LEU A 86 2.85 7.56 -2.52
CA LEU A 86 2.75 6.74 -3.72
C LEU A 86 1.35 6.11 -3.89
N LEU A 87 0.70 5.62 -2.82
CA LEU A 87 -0.65 5.05 -2.84
C LEU A 87 -1.62 5.97 -3.59
N ILE A 88 -1.73 7.22 -3.13
CA ILE A 88 -2.64 8.19 -3.75
C ILE A 88 -2.19 8.66 -5.14
N LYS A 89 -0.93 8.43 -5.52
CA LYS A 89 -0.32 8.84 -6.80
C LYS A 89 -0.88 8.07 -8.00
N GLU A 90 -1.06 6.77 -7.84
CA GLU A 90 -1.61 5.91 -8.91
C GLU A 90 -3.13 6.02 -8.93
N LEU A 91 -3.73 5.88 -7.74
CA LEU A 91 -5.16 5.98 -7.49
C LEU A 91 -5.75 7.36 -7.79
N SER A 92 -4.89 8.38 -7.85
CA SER A 92 -5.17 9.78 -8.21
C SER A 92 -6.09 9.95 -9.42
N LEU A 93 -5.96 9.03 -10.39
CA LEU A 93 -6.78 8.96 -11.59
C LEU A 93 -8.28 8.92 -11.30
N ALA A 94 -8.75 7.81 -10.73
CA ALA A 94 -10.16 7.63 -10.33
C ALA A 94 -10.59 8.48 -9.13
N LYS A 95 -9.65 8.98 -8.31
CA LYS A 95 -9.91 9.89 -7.18
C LYS A 95 -10.75 11.10 -7.61
N ASP A 96 -10.39 11.70 -8.75
CA ASP A 96 -11.00 12.90 -9.36
C ASP A 96 -11.33 14.02 -8.33
N CYS A 97 -10.45 14.19 -7.32
CA CYS A 97 -10.63 15.03 -6.13
C CYS A 97 -9.29 15.24 -5.38
N SER A 98 -9.33 15.76 -4.15
CA SER A 98 -8.18 15.93 -3.27
C SER A 98 -7.58 14.57 -2.84
N GLU A 99 -6.31 14.54 -2.43
CA GLU A 99 -5.63 13.31 -1.94
C GLU A 99 -6.38 12.63 -0.78
N ASP A 100 -7.13 13.41 0.01
CA ASP A 100 -7.99 12.95 1.09
C ASP A 100 -8.98 11.86 0.65
N GLU A 101 -9.36 11.77 -0.64
CA GLU A 101 -10.20 10.69 -1.16
C GLU A 101 -9.57 9.33 -0.79
N ILE A 102 -8.33 9.10 -1.27
CA ILE A 102 -7.61 7.84 -1.06
C ILE A 102 -6.94 7.78 0.32
N GLU A 103 -6.38 8.89 0.80
CA GLU A 103 -5.77 8.96 2.13
C GLU A 103 -6.78 8.59 3.23
N SER A 104 -8.00 9.13 3.20
CA SER A 104 -9.06 8.76 4.13
C SER A 104 -9.67 7.39 3.83
N ASP A 105 -9.71 6.92 2.57
CA ASP A 105 -10.21 5.57 2.26
C ASP A 105 -9.47 4.47 3.04
N LEU A 106 -8.25 4.71 3.52
CA LEU A 106 -7.50 3.77 4.37
C LEU A 106 -8.30 3.39 5.63
N LYS A 107 -9.02 4.34 6.24
CA LYS A 107 -9.89 4.07 7.39
C LYS A 107 -11.09 3.18 7.02
N LYS A 108 -11.52 3.17 5.75
CA LYS A 108 -12.58 2.28 5.21
C LYS A 108 -12.05 0.91 4.79
N ILE A 109 -10.78 0.79 4.41
CA ILE A 109 -10.12 -0.46 4.00
C ILE A 109 -9.59 -1.19 5.25
N PHE A 110 -8.58 -0.63 5.93
CA PHE A 110 -7.89 -1.26 7.07
C PHE A 110 -8.68 -1.15 8.39
N ASN A 111 -9.77 -0.37 8.41
CA ASN A 111 -10.70 -0.15 9.52
C ASN A 111 -10.04 0.36 10.81
N LEU A 112 -9.36 1.51 10.72
CA LEU A 112 -8.61 2.12 11.82
C LEU A 112 -9.51 2.88 12.82
N ALA A 113 -10.59 3.51 12.33
CA ALA A 113 -11.59 4.27 13.08
C ALA A 113 -12.99 4.19 12.43
N GLY A 1 9.90 -13.07 -19.97
CA GLY A 1 9.87 -14.43 -19.36
C GLY A 1 10.21 -14.38 -17.88
N SER A 2 9.25 -14.01 -17.02
CA SER A 2 9.39 -14.02 -15.56
C SER A 2 8.08 -14.43 -14.85
N HIS A 3 8.20 -14.86 -13.60
CA HIS A 3 7.08 -15.27 -12.72
C HIS A 3 7.24 -14.82 -11.25
N MET A 4 8.25 -13.98 -10.97
CA MET A 4 8.57 -13.42 -9.65
C MET A 4 9.31 -12.07 -9.79
N GLY A 5 9.00 -11.11 -8.91
CA GLY A 5 9.64 -9.78 -8.84
C GLY A 5 8.62 -8.64 -8.82
N SER A 6 8.16 -8.24 -10.00
CA SER A 6 7.15 -7.19 -10.24
C SER A 6 5.98 -7.70 -11.10
N VAL A 7 4.81 -7.07 -10.96
CA VAL A 7 3.58 -7.39 -11.73
C VAL A 7 3.75 -7.21 -13.24
N GLY A 8 4.55 -6.24 -13.68
CA GLY A 8 4.90 -5.95 -15.07
C GLY A 8 4.80 -4.46 -15.45
N LEU A 9 3.79 -3.75 -14.93
CA LEU A 9 3.61 -2.30 -15.10
C LEU A 9 4.48 -1.48 -14.11
N ARG A 10 4.32 -0.16 -14.13
CA ARG A 10 5.10 0.82 -13.35
C ARG A 10 4.27 1.51 -12.26
N GLU A 11 3.37 2.39 -12.67
CA GLU A 11 2.45 3.15 -11.80
C GLU A 11 1.24 3.70 -12.57
N ILE A 12 1.44 4.11 -13.83
CA ILE A 12 0.37 4.57 -14.73
C ILE A 12 -0.72 3.50 -14.91
N ILE A 13 -1.93 3.84 -14.47
CA ILE A 13 -3.14 3.02 -14.52
C ILE A 13 -4.41 3.84 -14.71
N SER A 14 -5.52 3.17 -14.99
CA SER A 14 -6.88 3.72 -15.11
C SER A 14 -7.77 3.26 -13.95
N GLU A 15 -9.01 3.76 -13.92
CA GLU A 15 -10.00 3.43 -12.87
C GLU A 15 -10.17 1.92 -12.66
N GLU A 16 -10.03 1.11 -13.72
CA GLU A 16 -10.07 -0.37 -13.64
C GLU A 16 -9.09 -0.92 -12.59
N ASP A 17 -7.81 -0.58 -12.70
CA ASP A 17 -6.77 -1.01 -11.77
C ASP A 17 -7.02 -0.46 -10.37
N VAL A 18 -7.51 0.78 -10.23
CA VAL A 18 -7.89 1.39 -8.93
C VAL A 18 -8.89 0.49 -8.20
N LYS A 19 -9.96 0.06 -8.89
CA LYS A 19 -10.97 -0.83 -8.30
C LYS A 19 -10.40 -2.20 -7.92
N GLN A 20 -9.42 -2.71 -8.67
CA GLN A 20 -8.70 -3.95 -8.37
C GLN A 20 -7.79 -3.81 -7.14
N VAL A 21 -6.87 -2.83 -7.12
CA VAL A 21 -5.93 -2.63 -6.01
C VAL A 21 -6.66 -2.45 -4.67
N TYR A 22 -7.75 -1.68 -4.64
CA TYR A 22 -8.58 -1.52 -3.43
C TYR A 22 -9.05 -2.88 -2.88
N SER A 23 -9.36 -3.85 -3.75
CA SER A 23 -9.74 -5.23 -3.41
C SER A 23 -8.59 -6.05 -2.79
N ILE A 24 -7.33 -5.73 -3.11
CA ILE A 24 -6.13 -6.41 -2.57
C ILE A 24 -5.93 -6.06 -1.09
N LEU A 25 -6.04 -4.77 -0.74
CA LEU A 25 -5.92 -4.29 0.64
C LEU A 25 -7.22 -4.38 1.45
N LYS A 26 -8.36 -4.64 0.81
CA LYS A 26 -9.67 -4.85 1.47
C LYS A 26 -9.70 -6.00 2.48
N GLU A 27 -8.78 -6.96 2.36
CA GLU A 27 -8.62 -8.07 3.30
C GLU A 27 -7.74 -7.67 4.50
N LYS A 28 -8.29 -7.76 5.72
CA LYS A 28 -7.57 -7.52 6.97
C LYS A 28 -6.76 -8.73 7.46
N ASP A 29 -6.95 -9.90 6.85
CA ASP A 29 -6.31 -11.17 7.20
C ASP A 29 -4.86 -11.32 6.69
N ILE A 30 -4.31 -10.26 6.08
CA ILE A 30 -2.94 -10.15 5.55
C ILE A 30 -1.88 -9.88 6.64
N SER A 31 -2.29 -9.54 7.87
CA SER A 31 -1.45 -9.13 9.00
C SER A 31 -0.23 -10.04 9.23
N VAL A 32 0.95 -9.56 8.84
CA VAL A 32 2.19 -10.33 8.90
C VAL A 32 2.66 -10.59 10.35
N ASP A 33 3.34 -11.72 10.57
CA ASP A 33 3.92 -12.10 11.87
C ASP A 33 5.00 -11.11 12.33
N SER A 34 5.15 -10.90 13.64
CA SER A 34 6.13 -9.98 14.24
C SER A 34 7.60 -10.41 14.01
N THR A 35 7.89 -11.71 14.06
CA THR A 35 9.23 -12.25 13.77
C THR A 35 9.58 -12.05 12.28
N THR A 36 8.62 -12.34 11.39
CA THR A 36 8.76 -12.17 9.94
C THR A 36 8.72 -10.69 9.51
N TRP A 37 8.07 -9.82 10.27
CA TRP A 37 7.89 -8.40 9.94
C TRP A 37 9.22 -7.69 9.64
N ASN A 38 10.19 -7.79 10.55
CA ASN A 38 11.51 -7.18 10.38
C ASN A 38 12.20 -7.60 9.05
N ARG A 39 11.88 -8.82 8.57
CA ARG A 39 12.34 -9.37 7.28
C ARG A 39 11.57 -8.76 6.11
N ARG A 40 10.24 -8.64 6.23
CA ARG A 40 9.34 -8.03 5.23
C ARG A 40 9.63 -6.56 4.99
N TYR A 41 10.12 -5.85 6.01
CA TYR A 41 10.55 -4.46 5.91
C TYR A 41 11.51 -4.27 4.72
N ARG A 42 12.41 -5.24 4.48
CA ARG A 42 13.36 -5.26 3.37
C ARG A 42 12.70 -5.35 2.00
N GLU A 43 11.97 -6.44 1.71
CA GLU A 43 11.23 -6.59 0.45
C GLU A 43 10.33 -5.38 0.16
N TYR A 44 9.51 -4.98 1.14
CA TYR A 44 8.65 -3.80 1.05
C TYR A 44 9.42 -2.50 0.80
N MET A 45 10.60 -2.30 1.40
CA MET A 45 11.46 -1.14 1.15
C MET A 45 11.89 -1.04 -0.32
N GLU A 46 12.00 -2.17 -1.04
CA GLU A 46 12.32 -2.18 -2.47
C GLU A 46 11.09 -1.93 -3.34
N LYS A 47 9.91 -2.39 -2.89
CA LYS A 47 8.64 -2.11 -3.58
C LYS A 47 8.35 -0.61 -3.71
N ILE A 48 8.99 0.23 -2.91
CA ILE A 48 8.82 1.69 -2.93
C ILE A 48 9.46 2.33 -4.18
N LYS A 49 10.41 1.63 -4.81
CA LYS A 49 11.18 2.09 -5.99
C LYS A 49 10.99 1.18 -7.20
N THR A 50 10.79 -0.11 -6.95
CA THR A 50 10.69 -1.17 -7.98
C THR A 50 9.28 -1.74 -8.09
N GLY A 51 8.51 -1.66 -7.01
CA GLY A 51 7.16 -2.17 -6.90
C GLY A 51 6.17 -1.25 -7.60
N SER A 52 5.15 -1.88 -8.15
CA SER A 52 4.10 -1.23 -8.92
C SER A 52 2.95 -0.71 -8.05
N VAL A 53 1.91 -0.15 -8.68
CA VAL A 53 0.68 0.32 -8.02
C VAL A 53 0.09 -0.71 -7.04
N PHE A 54 -0.10 -1.93 -7.52
CA PHE A 54 -0.63 -3.06 -6.75
C PHE A 54 0.26 -3.39 -5.56
N GLU A 55 1.58 -3.25 -5.71
CA GLU A 55 2.58 -3.54 -4.69
C GLU A 55 2.68 -2.42 -3.65
N ILE A 56 2.79 -1.15 -4.04
CA ILE A 56 2.79 0.02 -3.15
C ILE A 56 1.60 -0.02 -2.18
N ALA A 57 0.41 -0.25 -2.72
CA ALA A 57 -0.78 -0.33 -1.89
C ALA A 57 -0.73 -1.53 -0.92
N GLU A 58 -0.11 -2.65 -1.29
CA GLU A 58 0.09 -3.81 -0.42
C GLU A 58 1.14 -3.53 0.67
N VAL A 59 2.17 -2.74 0.36
CA VAL A 59 3.24 -2.34 1.27
C VAL A 59 2.65 -1.54 2.44
N LEU A 60 2.12 -0.34 2.15
CA LEU A 60 1.61 0.55 3.20
C LEU A 60 0.51 -0.11 4.05
N ARG A 61 -0.29 -0.99 3.43
CA ARG A 61 -1.36 -1.78 4.04
C ARG A 61 -0.82 -2.68 5.13
N ASP A 62 0.21 -3.47 4.81
CA ASP A 62 0.85 -4.35 5.78
C ASP A 62 1.28 -3.55 7.02
N LEU A 63 2.00 -2.45 6.81
CA LEU A 63 2.40 -1.52 7.87
C LEU A 63 1.20 -0.97 8.67
N TYR A 64 0.14 -0.51 8.00
CA TYR A 64 -1.07 -0.05 8.68
C TYR A 64 -1.69 -1.12 9.61
N LEU A 65 -1.82 -2.36 9.14
CA LEU A 65 -2.35 -3.47 9.93
C LEU A 65 -1.38 -4.01 11.00
N LEU A 66 -0.07 -3.87 10.80
CA LEU A 66 0.97 -4.22 11.77
C LEU A 66 0.79 -3.51 13.11
N LYS A 67 0.30 -2.26 13.09
CA LYS A 67 -0.02 -1.48 14.30
C LYS A 67 -1.40 -1.85 14.86
N GLY A 68 -2.34 -2.21 13.99
CA GLY A 68 -3.75 -2.48 14.31
C GLY A 68 -4.66 -1.22 14.33
N ASP A 69 -4.09 -0.03 14.17
CA ASP A 69 -4.75 1.29 14.20
C ASP A 69 -4.05 2.28 13.25
N LYS A 70 -4.69 3.42 12.97
CA LYS A 70 -4.19 4.45 12.04
C LYS A 70 -3.05 5.30 12.58
N ASP A 71 -2.80 5.21 13.89
CA ASP A 71 -1.74 5.87 14.64
C ASP A 71 -0.47 5.00 14.72
N LEU A 72 0.18 4.81 13.57
CA LEU A 72 1.46 4.10 13.44
C LEU A 72 2.60 4.75 14.24
N SER A 73 3.57 3.94 14.67
CA SER A 73 4.78 4.42 15.36
C SER A 73 5.77 5.04 14.37
N PHE A 74 6.82 5.69 14.86
CA PHE A 74 7.90 6.27 14.05
C PHE A 74 8.51 5.27 13.05
N GLY A 75 8.90 4.09 13.52
CA GLY A 75 9.53 3.05 12.67
C GLY A 75 8.65 2.60 11.50
N GLU A 76 7.35 2.45 11.73
CA GLU A 76 6.37 2.12 10.69
C GLU A 76 6.14 3.34 9.77
N ARG A 77 5.91 4.53 10.36
CA ARG A 77 5.75 5.81 9.67
C ARG A 77 6.90 6.12 8.70
N LYS A 78 8.14 5.74 9.01
CA LYS A 78 9.33 5.91 8.15
C LYS A 78 9.12 5.40 6.73
N MET A 79 8.81 4.12 6.55
CA MET A 79 8.51 3.54 5.22
C MET A 79 7.09 3.91 4.74
N LEU A 80 6.11 3.90 5.65
CA LEU A 80 4.72 4.24 5.34
C LEU A 80 4.60 5.62 4.68
N ASP A 81 5.29 6.65 5.18
CA ASP A 81 5.35 8.01 4.62
C ASP A 81 5.69 8.01 3.12
N THR A 82 6.63 7.17 2.70
CA THR A 82 7.04 7.02 1.30
C THR A 82 5.98 6.26 0.50
N ALA A 83 5.51 5.10 0.99
CA ALA A 83 4.45 4.32 0.36
C ALA A 83 3.11 5.07 0.27
N ARG A 84 2.80 5.97 1.21
CA ARG A 84 1.61 6.86 1.25
C ARG A 84 1.62 7.83 0.08
N SER A 85 2.72 8.58 -0.08
CA SER A 85 2.99 9.50 -1.19
C SER A 85 2.88 8.81 -2.57
N LEU A 86 3.09 7.49 -2.64
CA LEU A 86 2.94 6.69 -3.84
C LEU A 86 1.53 6.08 -4.00
N LEU A 87 0.89 5.61 -2.92
CA LEU A 87 -0.48 5.08 -2.90
C LEU A 87 -1.42 6.02 -3.64
N ILE A 88 -1.54 7.25 -3.12
CA ILE A 88 -2.43 8.23 -3.72
C ILE A 88 -1.98 8.66 -5.12
N LYS A 89 -0.72 8.47 -5.49
CA LYS A 89 -0.12 8.84 -6.78
C LYS A 89 -0.77 8.11 -7.95
N GLU A 90 -0.96 6.80 -7.83
CA GLU A 90 -1.53 5.98 -8.89
C GLU A 90 -3.06 6.11 -8.88
N LEU A 91 -3.62 5.95 -7.68
CA LEU A 91 -5.06 6.03 -7.38
C LEU A 91 -5.65 7.43 -7.70
N SER A 92 -4.79 8.45 -7.78
CA SER A 92 -5.06 9.84 -8.15
C SER A 92 -6.01 9.97 -9.34
N LEU A 93 -5.86 9.07 -10.32
CA LEU A 93 -6.72 9.01 -11.51
C LEU A 93 -8.21 8.87 -11.14
N ALA A 94 -8.57 7.77 -10.49
CA ALA A 94 -9.94 7.50 -10.05
C ALA A 94 -10.40 8.39 -8.86
N LYS A 95 -9.46 8.94 -8.09
CA LYS A 95 -9.73 9.88 -6.98
C LYS A 95 -10.59 11.06 -7.43
N ASP A 96 -10.26 11.64 -8.59
CA ASP A 96 -10.90 12.81 -9.21
C ASP A 96 -11.21 13.96 -8.21
N CYS A 97 -10.33 14.15 -7.21
CA CYS A 97 -10.49 15.02 -6.04
C CYS A 97 -9.14 15.25 -5.31
N SER A 98 -9.16 15.77 -4.09
CA SER A 98 -7.95 15.94 -3.23
C SER A 98 -7.37 14.59 -2.80
N GLU A 99 -6.08 14.56 -2.40
CA GLU A 99 -5.41 13.34 -1.89
C GLU A 99 -6.15 12.70 -0.71
N ASP A 100 -6.89 13.50 0.07
CA ASP A 100 -7.75 13.08 1.18
C ASP A 100 -8.74 11.98 0.78
N GLU A 101 -9.15 11.88 -0.50
CA GLU A 101 -10.00 10.79 -0.97
C GLU A 101 -9.35 9.43 -0.63
N ILE A 102 -8.14 9.19 -1.14
CA ILE A 102 -7.41 7.94 -0.93
C ILE A 102 -6.76 7.88 0.46
N GLU A 103 -6.14 8.98 0.92
CA GLU A 103 -5.51 9.05 2.24
C GLU A 103 -6.51 8.72 3.37
N SER A 104 -7.73 9.27 3.31
CA SER A 104 -8.79 8.95 4.25
C SER A 104 -9.43 7.58 4.00
N ASP A 105 -9.55 7.12 2.74
CA ASP A 105 -10.10 5.79 2.42
C ASP A 105 -9.35 4.65 3.12
N LEU A 106 -8.10 4.86 3.56
CA LEU A 106 -7.34 3.88 4.33
C LEU A 106 -8.10 3.40 5.57
N LYS A 107 -8.74 4.32 6.30
CA LYS A 107 -9.57 3.99 7.49
C LYS A 107 -10.74 3.06 7.13
N LYS A 108 -11.29 3.17 5.92
CA LYS A 108 -12.35 2.31 5.36
C LYS A 108 -11.82 0.98 4.81
N ILE A 109 -10.59 0.94 4.31
CA ILE A 109 -9.95 -0.27 3.76
C ILE A 109 -9.40 -1.15 4.88
N PHE A 110 -8.38 -0.66 5.62
CA PHE A 110 -7.69 -1.35 6.70
C PHE A 110 -8.53 -1.44 7.99
N ASN A 111 -9.71 -0.80 8.02
CA ASN A 111 -10.68 -0.76 9.12
C ASN A 111 -10.06 -0.26 10.45
N LEU A 112 -9.56 0.99 10.43
CA LEU A 112 -8.77 1.60 11.51
C LEU A 112 -9.65 2.47 12.41
N ALA A 113 -10.15 3.59 11.85
CA ALA A 113 -10.98 4.65 12.46
C ALA A 113 -10.46 5.18 13.82
N GLY A 1 10.71 -4.79 -27.08
CA GLY A 1 9.89 -4.72 -25.85
C GLY A 1 10.75 -4.87 -24.60
N SER A 2 10.70 -3.89 -23.69
CA SER A 2 11.51 -3.81 -22.47
C SER A 2 10.70 -3.32 -21.26
N HIS A 3 10.35 -4.25 -20.35
CA HIS A 3 9.54 -4.01 -19.13
C HIS A 3 9.78 -5.07 -18.04
N MET A 4 11.04 -5.46 -17.80
CA MET A 4 11.42 -6.39 -16.72
C MET A 4 11.14 -5.79 -15.33
N GLY A 5 10.03 -6.22 -14.73
CA GLY A 5 9.49 -5.82 -13.43
C GLY A 5 8.71 -6.96 -12.76
N SER A 6 8.01 -6.65 -11.67
CA SER A 6 7.21 -7.61 -10.89
C SER A 6 5.87 -7.94 -11.58
N VAL A 7 4.88 -7.03 -11.53
CA VAL A 7 3.55 -7.24 -12.15
C VAL A 7 3.58 -7.07 -13.68
N GLY A 8 4.43 -6.16 -14.19
CA GLY A 8 4.60 -5.85 -15.62
C GLY A 8 4.38 -4.39 -15.99
N LEU A 9 3.91 -3.56 -15.05
CA LEU A 9 3.68 -2.11 -15.16
C LEU A 9 4.52 -1.33 -14.12
N ARG A 10 4.33 0.00 -14.05
CA ARG A 10 5.10 0.92 -13.18
C ARG A 10 4.19 1.60 -12.14
N GLU A 11 3.37 2.54 -12.58
CA GLU A 11 2.45 3.33 -11.75
C GLU A 11 1.26 3.89 -12.56
N ILE A 12 1.48 4.24 -13.84
CA ILE A 12 0.45 4.70 -14.77
C ILE A 12 -0.63 3.62 -15.01
N ILE A 13 -1.86 3.93 -14.60
CA ILE A 13 -3.04 3.08 -14.68
C ILE A 13 -4.33 3.89 -14.91
N SER A 14 -5.45 3.19 -15.11
CA SER A 14 -6.80 3.73 -15.25
C SER A 14 -7.67 3.35 -14.04
N GLU A 15 -8.90 3.83 -14.01
CA GLU A 15 -9.89 3.53 -12.97
C GLU A 15 -10.13 2.02 -12.74
N GLU A 16 -9.83 1.15 -13.71
CA GLU A 16 -9.92 -0.32 -13.58
C GLU A 16 -8.99 -0.87 -12.48
N ASP A 17 -7.70 -0.54 -12.53
CA ASP A 17 -6.73 -0.92 -11.49
C ASP A 17 -7.19 -0.38 -10.14
N VAL A 18 -7.67 0.88 -10.10
CA VAL A 18 -8.11 1.52 -8.86
C VAL A 18 -9.17 0.67 -8.14
N LYS A 19 -9.99 -0.09 -8.87
CA LYS A 19 -10.97 -1.02 -8.27
C LYS A 19 -10.29 -2.30 -7.75
N GLN A 20 -9.46 -2.93 -8.59
CA GLN A 20 -8.72 -4.16 -8.26
C GLN A 20 -7.80 -3.98 -7.04
N VAL A 21 -6.95 -2.95 -7.03
CA VAL A 21 -6.01 -2.63 -5.95
C VAL A 21 -6.74 -2.47 -4.60
N TYR A 22 -7.85 -1.73 -4.56
CA TYR A 22 -8.66 -1.60 -3.34
C TYR A 22 -9.10 -2.97 -2.82
N SER A 23 -9.45 -3.90 -3.72
CA SER A 23 -9.79 -5.30 -3.41
C SER A 23 -8.63 -6.11 -2.82
N ILE A 24 -7.37 -5.79 -3.14
CA ILE A 24 -6.17 -6.44 -2.58
C ILE A 24 -6.02 -6.11 -1.09
N LEU A 25 -6.16 -4.83 -0.73
CA LEU A 25 -6.07 -4.37 0.65
C LEU A 25 -7.37 -4.53 1.47
N LYS A 26 -8.51 -4.79 0.82
CA LYS A 26 -9.82 -5.00 1.46
C LYS A 26 -9.84 -6.16 2.46
N GLU A 27 -8.98 -7.15 2.29
CA GLU A 27 -8.82 -8.30 3.19
C GLU A 27 -7.93 -7.95 4.41
N LYS A 28 -8.47 -8.10 5.62
CA LYS A 28 -7.76 -7.85 6.89
C LYS A 28 -6.89 -9.03 7.38
N ASP A 29 -6.96 -10.16 6.69
CA ASP A 29 -6.28 -11.43 7.03
C ASP A 29 -4.79 -11.47 6.60
N ILE A 30 -4.26 -10.36 6.11
CA ILE A 30 -2.88 -10.17 5.62
C ILE A 30 -1.86 -9.83 6.72
N SER A 31 -2.31 -9.58 7.96
CA SER A 31 -1.55 -9.07 9.11
C SER A 31 -0.19 -9.78 9.33
N VAL A 32 0.90 -9.10 8.96
CA VAL A 32 2.27 -9.62 8.99
C VAL A 32 2.75 -9.84 10.44
N ASP A 33 3.13 -11.07 10.78
CA ASP A 33 3.69 -11.48 12.08
C ASP A 33 5.00 -10.73 12.42
N SER A 34 5.16 -10.29 13.67
CA SER A 34 6.28 -9.45 14.13
C SER A 34 7.68 -10.09 13.96
N THR A 35 7.76 -11.42 14.02
CA THR A 35 8.99 -12.20 13.78
C THR A 35 9.46 -12.04 12.33
N THR A 36 8.55 -12.16 11.37
CA THR A 36 8.80 -11.97 9.93
C THR A 36 8.83 -10.49 9.55
N TRP A 37 8.18 -9.59 10.31
CA TRP A 37 8.10 -8.16 10.02
C TRP A 37 9.47 -7.52 9.76
N ASN A 38 10.45 -7.84 10.61
CA ASN A 38 11.84 -7.37 10.47
C ASN A 38 12.44 -7.65 9.08
N ARG A 39 12.04 -8.76 8.43
CA ARG A 39 12.41 -9.16 7.05
C ARG A 39 11.48 -8.54 6.02
N ARG A 40 10.17 -8.51 6.27
CA ARG A 40 9.15 -7.86 5.41
C ARG A 40 9.50 -6.40 5.12
N TYR A 41 10.08 -5.70 6.09
CA TYR A 41 10.57 -4.33 5.93
C TYR A 41 11.50 -4.21 4.72
N ARG A 42 12.39 -5.18 4.52
CA ARG A 42 13.35 -5.24 3.41
C ARG A 42 12.67 -5.37 2.04
N GLU A 43 11.88 -6.43 1.83
CA GLU A 43 11.15 -6.63 0.56
C GLU A 43 10.30 -5.40 0.21
N TYR A 44 9.52 -4.90 1.17
CA TYR A 44 8.68 -3.72 1.02
C TYR A 44 9.48 -2.46 0.74
N MET A 45 10.67 -2.26 1.34
CA MET A 45 11.56 -1.13 1.06
C MET A 45 11.92 -1.04 -0.43
N GLU A 46 12.06 -2.17 -1.12
CA GLU A 46 12.36 -2.20 -2.57
C GLU A 46 11.12 -1.91 -3.39
N LYS A 47 9.94 -2.42 -2.99
CA LYS A 47 8.66 -2.13 -3.64
C LYS A 47 8.38 -0.62 -3.75
N ILE A 48 8.98 0.22 -2.92
CA ILE A 48 8.83 1.69 -2.96
C ILE A 48 9.49 2.32 -4.20
N LYS A 49 10.42 1.60 -4.82
CA LYS A 49 11.28 2.03 -5.95
C LYS A 49 11.09 1.17 -7.19
N THR A 50 10.80 -0.12 -7.00
CA THR A 50 10.67 -1.13 -8.07
C THR A 50 9.24 -1.67 -8.19
N GLY A 51 8.53 -1.67 -7.07
CA GLY A 51 7.18 -2.20 -6.94
C GLY A 51 6.17 -1.32 -7.62
N SER A 52 5.19 -2.00 -8.21
CA SER A 52 4.10 -1.39 -8.96
C SER A 52 2.99 -0.86 -8.05
N VAL A 53 1.97 -0.24 -8.65
CA VAL A 53 0.76 0.24 -8.00
C VAL A 53 0.11 -0.77 -7.04
N PHE A 54 -0.13 -1.99 -7.54
CA PHE A 54 -0.68 -3.12 -6.80
C PHE A 54 0.20 -3.55 -5.61
N GLU A 55 1.51 -3.28 -5.69
CA GLU A 55 2.49 -3.60 -4.65
C GLU A 55 2.61 -2.46 -3.63
N ILE A 56 2.71 -1.19 -4.03
CA ILE A 56 2.72 -0.01 -3.14
C ILE A 56 1.53 -0.04 -2.19
N ALA A 57 0.34 -0.29 -2.74
CA ALA A 57 -0.86 -0.40 -1.93
C ALA A 57 -0.77 -1.56 -0.91
N GLU A 58 -0.15 -2.69 -1.29
CA GLU A 58 0.08 -3.82 -0.36
C GLU A 58 1.07 -3.39 0.74
N VAL A 59 2.18 -2.74 0.37
CA VAL A 59 3.22 -2.30 1.31
C VAL A 59 2.62 -1.51 2.46
N LEU A 60 2.01 -0.35 2.18
CA LEU A 60 1.45 0.51 3.24
C LEU A 60 0.37 -0.22 4.07
N ARG A 61 -0.41 -1.12 3.45
CA ARG A 61 -1.44 -1.96 4.07
C ARG A 61 -0.85 -2.90 5.11
N ASP A 62 0.23 -3.60 4.76
CA ASP A 62 0.96 -4.46 5.69
C ASP A 62 1.34 -3.67 6.95
N LEU A 63 1.98 -2.50 6.78
CA LEU A 63 2.37 -1.61 7.88
C LEU A 63 1.18 -1.08 8.71
N TYR A 64 0.07 -0.70 8.07
CA TYR A 64 -1.16 -0.28 8.75
C TYR A 64 -1.73 -1.38 9.65
N LEU A 65 -1.90 -2.59 9.11
CA LEU A 65 -2.43 -3.74 9.87
C LEU A 65 -1.43 -4.34 10.87
N LEU A 66 -0.13 -4.07 10.70
CA LEU A 66 0.94 -4.48 11.63
C LEU A 66 0.73 -3.91 13.03
N LYS A 67 0.18 -2.68 13.12
CA LYS A 67 -0.19 -2.02 14.39
C LYS A 67 -1.68 -2.22 14.72
N GLY A 68 -2.52 -2.37 13.71
CA GLY A 68 -3.98 -2.52 13.84
C GLY A 68 -4.71 -1.18 14.03
N ASP A 69 -4.06 -0.06 13.71
CA ASP A 69 -4.57 1.31 13.85
C ASP A 69 -3.95 2.26 12.80
N LYS A 70 -4.34 3.55 12.82
CA LYS A 70 -3.81 4.62 11.94
C LYS A 70 -2.69 5.45 12.56
N ASP A 71 -2.42 5.26 13.84
CA ASP A 71 -1.39 5.94 14.63
C ASP A 71 -0.10 5.09 14.68
N LEU A 72 0.43 4.76 13.48
CA LEU A 72 1.67 3.99 13.33
C LEU A 72 2.85 4.65 14.06
N SER A 73 3.71 3.85 14.70
CA SER A 73 4.91 4.34 15.39
C SER A 73 5.90 4.96 14.40
N PHE A 74 6.90 5.70 14.88
CA PHE A 74 7.98 6.27 14.05
C PHE A 74 8.61 5.23 13.11
N GLY A 75 8.92 4.02 13.61
CA GLY A 75 9.50 2.93 12.83
C GLY A 75 8.64 2.52 11.63
N GLU A 76 7.35 2.24 11.82
CA GLU A 76 6.44 1.95 10.70
C GLU A 76 6.20 3.19 9.81
N ARG A 77 6.01 4.37 10.43
CA ARG A 77 5.79 5.65 9.75
C ARG A 77 6.91 6.02 8.77
N LYS A 78 8.18 5.66 9.04
CA LYS A 78 9.33 5.90 8.15
C LYS A 78 9.09 5.42 6.72
N MET A 79 8.82 4.13 6.52
CA MET A 79 8.51 3.56 5.19
C MET A 79 7.09 3.90 4.74
N LEU A 80 6.11 3.89 5.65
CA LEU A 80 4.72 4.23 5.35
C LEU A 80 4.61 5.61 4.69
N ASP A 81 5.27 6.64 5.22
CA ASP A 81 5.31 7.99 4.65
C ASP A 81 5.67 8.01 3.15
N THR A 82 6.63 7.17 2.75
CA THR A 82 7.04 6.98 1.36
C THR A 82 5.97 6.23 0.56
N ALA A 83 5.49 5.09 1.06
CA ALA A 83 4.42 4.30 0.42
C ALA A 83 3.08 5.05 0.33
N ARG A 84 2.77 5.99 1.24
CA ARG A 84 1.59 6.88 1.25
C ARG A 84 1.61 7.82 0.07
N SER A 85 2.70 8.57 -0.09
CA SER A 85 2.93 9.51 -1.20
C SER A 85 2.85 8.83 -2.57
N LEU A 86 3.06 7.51 -2.61
CA LEU A 86 2.94 6.66 -3.80
C LEU A 86 1.53 6.05 -3.96
N LEU A 87 0.90 5.56 -2.88
CA LEU A 87 -0.47 5.01 -2.87
C LEU A 87 -1.41 5.95 -3.62
N ILE A 88 -1.50 7.19 -3.14
CA ILE A 88 -2.41 8.16 -3.75
C ILE A 88 -1.97 8.60 -5.15
N LYS A 89 -0.69 8.41 -5.52
CA LYS A 89 -0.09 8.80 -6.82
C LYS A 89 -0.77 8.09 -7.98
N GLU A 90 -0.96 6.78 -7.86
CA GLU A 90 -1.53 5.94 -8.91
C GLU A 90 -3.06 6.08 -8.91
N LEU A 91 -3.63 5.94 -7.71
CA LEU A 91 -5.06 6.06 -7.43
C LEU A 91 -5.62 7.46 -7.74
N SER A 92 -4.75 8.47 -7.84
CA SER A 92 -5.01 9.86 -8.22
C SER A 92 -5.96 10.00 -9.41
N LEU A 93 -5.85 9.10 -10.39
CA LEU A 93 -6.68 9.06 -11.59
C LEU A 93 -8.18 8.97 -11.24
N ALA A 94 -8.58 7.90 -10.54
CA ALA A 94 -9.96 7.67 -10.12
C ALA A 94 -10.41 8.56 -8.94
N LYS A 95 -9.46 9.03 -8.11
CA LYS A 95 -9.71 9.96 -6.99
C LYS A 95 -10.54 11.16 -7.42
N ASP A 96 -10.21 11.74 -8.59
CA ASP A 96 -10.85 12.90 -9.22
C ASP A 96 -11.15 14.06 -8.22
N CYS A 97 -10.28 14.22 -7.22
CA CYS A 97 -10.43 15.08 -6.03
C CYS A 97 -9.08 15.29 -5.31
N SER A 98 -9.09 15.79 -4.08
CA SER A 98 -7.89 15.95 -3.23
C SER A 98 -7.30 14.60 -2.80
N GLU A 99 -6.02 14.55 -2.40
CA GLU A 99 -5.36 13.31 -1.91
C GLU A 99 -6.11 12.66 -0.74
N ASP A 100 -6.84 13.46 0.05
CA ASP A 100 -7.72 13.04 1.15
C ASP A 100 -8.70 11.93 0.72
N GLU A 101 -9.12 11.85 -0.55
CA GLU A 101 -9.97 10.76 -1.04
C GLU A 101 -9.33 9.41 -0.70
N ILE A 102 -8.11 9.16 -1.15
CA ILE A 102 -7.38 7.91 -0.93
C ILE A 102 -6.75 7.85 0.45
N GLU A 103 -6.13 8.95 0.92
CA GLU A 103 -5.50 9.02 2.25
C GLU A 103 -6.50 8.69 3.37
N SER A 104 -7.72 9.26 3.34
CA SER A 104 -8.79 8.94 4.28
C SER A 104 -9.45 7.59 4.03
N ASP A 105 -9.58 7.13 2.78
CA ASP A 105 -10.16 5.81 2.47
C ASP A 105 -9.43 4.65 3.18
N LEU A 106 -8.19 4.85 3.65
CA LEU A 106 -7.45 3.85 4.44
C LEU A 106 -8.24 3.41 5.67
N LYS A 107 -8.98 4.34 6.32
CA LYS A 107 -9.88 4.04 7.45
C LYS A 107 -11.06 3.13 7.07
N LYS A 108 -11.45 3.13 5.78
CA LYS A 108 -12.50 2.28 5.18
C LYS A 108 -11.98 0.96 4.62
N ILE A 109 -10.66 0.85 4.43
CA ILE A 109 -9.99 -0.37 3.94
C ILE A 109 -9.45 -1.19 5.12
N PHE A 110 -8.45 -0.69 5.84
CA PHE A 110 -7.78 -1.39 6.95
C PHE A 110 -8.61 -1.39 8.25
N ASN A 111 -9.63 -0.54 8.32
CA ASN A 111 -10.58 -0.33 9.43
C ASN A 111 -9.92 0.17 10.73
N LEU A 112 -9.64 1.48 10.80
CA LEU A 112 -8.89 2.13 11.89
C LEU A 112 -9.78 3.04 12.77
N ALA A 113 -10.32 4.12 12.19
CA ALA A 113 -11.25 5.09 12.81
C ALA A 113 -12.60 4.48 13.28
N GLY A 1 6.81 -12.65 -1.51
CA GLY A 1 6.65 -12.49 -2.98
C GLY A 1 7.88 -11.87 -3.63
N SER A 2 9.00 -12.59 -3.65
CA SER A 2 10.29 -12.11 -4.19
C SER A 2 10.64 -12.75 -5.53
N HIS A 3 10.50 -14.08 -5.63
CA HIS A 3 10.75 -14.87 -6.86
C HIS A 3 9.80 -14.50 -8.01
N MET A 4 8.60 -14.00 -7.68
CA MET A 4 7.58 -13.50 -8.61
C MET A 4 8.07 -12.27 -9.40
N GLY A 5 8.71 -11.31 -8.73
CA GLY A 5 9.26 -10.08 -9.30
C GLY A 5 8.27 -8.92 -9.25
N SER A 6 7.95 -8.35 -10.41
CA SER A 6 6.98 -7.24 -10.61
C SER A 6 5.71 -7.70 -11.34
N VAL A 7 4.68 -6.85 -11.36
CA VAL A 7 3.41 -7.13 -12.05
C VAL A 7 3.51 -6.98 -13.58
N GLY A 8 4.38 -6.10 -14.07
CA GLY A 8 4.63 -5.82 -15.49
C GLY A 8 4.49 -4.34 -15.90
N LEU A 9 3.90 -3.52 -15.03
CA LEU A 9 3.71 -2.07 -15.16
C LEU A 9 4.58 -1.29 -14.15
N ARG A 10 4.44 0.04 -14.12
CA ARG A 10 5.21 0.96 -13.25
C ARG A 10 4.31 1.61 -12.19
N GLU A 11 3.43 2.52 -12.61
CA GLU A 11 2.52 3.28 -11.75
C GLU A 11 1.33 3.86 -12.53
N ILE A 12 1.55 4.30 -13.77
CA ILE A 12 0.51 4.77 -14.70
C ILE A 12 -0.56 3.70 -14.96
N ILE A 13 -1.79 4.02 -14.55
CA ILE A 13 -2.97 3.17 -14.66
C ILE A 13 -4.25 3.99 -14.91
N SER A 14 -5.37 3.29 -15.09
CA SER A 14 -6.72 3.83 -15.24
C SER A 14 -7.61 3.43 -14.07
N GLU A 15 -8.87 3.90 -14.06
CA GLU A 15 -9.88 3.55 -13.05
C GLU A 15 -10.01 2.03 -12.81
N GLU A 16 -9.75 1.19 -13.82
CA GLU A 16 -9.79 -0.28 -13.74
C GLU A 16 -8.88 -0.84 -12.61
N ASP A 17 -7.59 -0.51 -12.65
CA ASP A 17 -6.64 -0.88 -11.59
C ASP A 17 -7.12 -0.33 -10.26
N VAL A 18 -7.61 0.91 -10.21
CA VAL A 18 -8.07 1.55 -8.97
C VAL A 18 -9.16 0.69 -8.28
N LYS A 19 -9.94 -0.08 -9.04
CA LYS A 19 -10.92 -1.02 -8.47
C LYS A 19 -10.25 -2.29 -7.94
N GLN A 20 -9.37 -2.91 -8.74
CA GLN A 20 -8.64 -4.13 -8.36
C GLN A 20 -7.73 -3.93 -7.15
N VAL A 21 -6.85 -2.93 -7.17
CA VAL A 21 -5.98 -2.57 -6.04
C VAL A 21 -6.77 -2.38 -4.75
N TYR A 22 -7.95 -1.73 -4.81
CA TYR A 22 -8.85 -1.58 -3.67
C TYR A 22 -9.32 -2.92 -3.12
N SER A 23 -9.50 -3.94 -3.96
CA SER A 23 -9.86 -5.31 -3.56
C SER A 23 -8.66 -6.06 -2.93
N ILE A 24 -7.41 -5.76 -3.33
CA ILE A 24 -6.19 -6.40 -2.80
C ILE A 24 -5.99 -6.06 -1.31
N LEU A 25 -6.00 -4.77 -0.96
CA LEU A 25 -5.86 -4.32 0.42
C LEU A 25 -7.16 -4.38 1.25
N LYS A 26 -8.32 -4.64 0.63
CA LYS A 26 -9.63 -4.77 1.31
C LYS A 26 -9.66 -5.82 2.42
N GLU A 27 -8.81 -6.83 2.33
CA GLU A 27 -8.68 -7.87 3.34
C GLU A 27 -8.03 -7.36 4.64
N LYS A 28 -8.44 -7.95 5.77
CA LYS A 28 -7.96 -7.60 7.12
C LYS A 28 -7.13 -8.70 7.80
N ASP A 29 -7.03 -9.87 7.17
CA ASP A 29 -6.27 -11.03 7.67
C ASP A 29 -4.83 -11.07 7.13
N ILE A 30 -4.38 -9.99 6.50
CA ILE A 30 -3.03 -9.82 5.93
C ILE A 30 -1.94 -9.59 6.99
N SER A 31 -2.33 -9.36 8.25
CA SER A 31 -1.49 -9.08 9.42
C SER A 31 -0.24 -9.98 9.48
N VAL A 32 0.91 -9.39 9.12
CA VAL A 32 2.19 -10.09 9.09
C VAL A 32 2.70 -10.41 10.51
N ASP A 33 3.48 -11.50 10.64
CA ASP A 33 4.12 -11.89 11.90
C ASP A 33 5.13 -10.84 12.38
N SER A 34 5.27 -10.64 13.69
CA SER A 34 6.21 -9.70 14.31
C SER A 34 7.68 -10.06 14.11
N THR A 35 8.04 -11.34 14.24
CA THR A 35 9.41 -11.84 13.97
C THR A 35 9.79 -11.69 12.50
N THR A 36 8.85 -12.01 11.59
CA THR A 36 9.04 -11.85 10.14
C THR A 36 8.93 -10.40 9.68
N TRP A 37 8.23 -9.52 10.42
CA TRP A 37 8.03 -8.11 10.06
C TRP A 37 9.35 -7.40 9.75
N ASN A 38 10.32 -7.53 10.65
CA ASN A 38 11.65 -6.93 10.46
C ASN A 38 12.33 -7.34 9.14
N ARG A 39 12.04 -8.55 8.64
CA ARG A 39 12.51 -9.07 7.34
C ARG A 39 11.68 -8.50 6.19
N ARG A 40 10.34 -8.50 6.32
CA ARG A 40 9.39 -7.97 5.32
C ARG A 40 9.65 -6.49 5.01
N TYR A 41 10.16 -5.76 5.99
CA TYR A 41 10.57 -4.37 5.83
C TYR A 41 11.50 -4.20 4.62
N ARG A 42 12.40 -5.16 4.39
CA ARG A 42 13.37 -5.20 3.28
C ARG A 42 12.70 -5.34 1.92
N GLU A 43 11.96 -6.43 1.67
CA GLU A 43 11.19 -6.63 0.44
C GLU A 43 10.30 -5.42 0.14
N TYR A 44 9.50 -4.98 1.11
CA TYR A 44 8.62 -3.83 0.97
C TYR A 44 9.38 -2.52 0.69
N MET A 45 10.55 -2.29 1.29
CA MET A 45 11.43 -1.12 1.02
C MET A 45 11.84 -1.04 -0.46
N GLU A 46 11.95 -2.18 -1.14
CA GLU A 46 12.23 -2.26 -2.58
C GLU A 46 10.99 -1.94 -3.39
N LYS A 47 9.82 -2.47 -3.00
CA LYS A 47 8.54 -2.18 -3.66
C LYS A 47 8.19 -0.67 -3.73
N ILE A 48 8.86 0.18 -2.96
CA ILE A 48 8.67 1.64 -2.97
C ILE A 48 9.25 2.31 -4.23
N LYS A 49 10.26 1.68 -4.85
CA LYS A 49 10.96 2.17 -6.05
C LYS A 49 10.88 1.21 -7.23
N THR A 50 10.74 -0.09 -6.96
CA THR A 50 10.66 -1.16 -7.99
C THR A 50 9.25 -1.71 -8.12
N GLY A 51 8.49 -1.65 -7.03
CA GLY A 51 7.13 -2.17 -6.96
C GLY A 51 6.16 -1.30 -7.76
N SER A 52 5.09 -1.95 -8.17
CA SER A 52 4.03 -1.32 -8.96
C SER A 52 2.90 -0.79 -8.09
N VAL A 53 1.89 -0.18 -8.71
CA VAL A 53 0.67 0.31 -8.04
C VAL A 53 0.03 -0.72 -7.11
N PHE A 54 -0.13 -1.95 -7.60
CA PHE A 54 -0.67 -3.09 -6.86
C PHE A 54 0.22 -3.49 -5.68
N GLU A 55 1.53 -3.25 -5.78
CA GLU A 55 2.52 -3.53 -4.74
C GLU A 55 2.58 -2.41 -3.69
N ILE A 56 2.69 -1.13 -4.08
CA ILE A 56 2.66 0.04 -3.18
C ILE A 56 1.48 0.01 -2.22
N ALA A 57 0.27 -0.16 -2.75
CA ALA A 57 -0.93 -0.33 -1.93
C ALA A 57 -0.80 -1.51 -0.96
N GLU A 58 -0.23 -2.64 -1.38
CA GLU A 58 0.02 -3.78 -0.49
C GLU A 58 1.10 -3.49 0.58
N VAL A 59 2.08 -2.65 0.26
CA VAL A 59 3.17 -2.29 1.16
C VAL A 59 2.62 -1.50 2.35
N LEU A 60 2.08 -0.30 2.10
CA LEU A 60 1.54 0.55 3.16
C LEU A 60 0.45 -0.17 3.99
N ARG A 61 -0.30 -1.09 3.37
CA ARG A 61 -1.35 -1.91 3.98
C ARG A 61 -0.78 -2.74 5.12
N ASP A 62 0.24 -3.55 4.82
CA ASP A 62 0.91 -4.37 5.83
C ASP A 62 1.37 -3.50 7.00
N LEU A 63 2.06 -2.38 6.73
CA LEU A 63 2.46 -1.39 7.75
C LEU A 63 1.30 -0.84 8.59
N TYR A 64 0.13 -0.60 8.00
CA TYR A 64 -1.05 -0.15 8.74
C TYR A 64 -1.66 -1.22 9.64
N LEU A 65 -1.92 -2.42 9.09
CA LEU A 65 -2.48 -3.53 9.88
C LEU A 65 -1.49 -4.08 10.92
N LEU A 66 -0.19 -3.88 10.73
CA LEU A 66 0.87 -4.25 11.66
C LEU A 66 0.68 -3.64 13.05
N LYS A 67 0.05 -2.46 13.12
CA LYS A 67 -0.31 -1.76 14.35
C LYS A 67 -1.78 -1.91 14.72
N GLY A 68 -2.66 -2.15 13.74
CA GLY A 68 -4.11 -2.29 13.93
C GLY A 68 -4.85 -0.97 14.16
N ASP A 69 -4.22 0.17 13.89
CA ASP A 69 -4.76 1.53 14.06
C ASP A 69 -3.99 2.55 13.21
N LYS A 70 -4.52 3.76 13.04
CA LYS A 70 -3.87 4.87 12.31
C LYS A 70 -2.56 5.37 12.93
N ASP A 71 -2.44 5.25 14.25
CA ASP A 71 -1.30 5.69 15.07
C ASP A 71 -0.11 4.72 14.96
N LEU A 72 0.57 4.70 13.80
CA LEU A 72 1.69 3.80 13.56
C LEU A 72 2.94 4.20 14.35
N SER A 73 3.77 3.21 14.71
CA SER A 73 5.05 3.43 15.38
C SER A 73 6.00 4.21 14.45
N PHE A 74 6.95 4.96 15.01
CA PHE A 74 7.96 5.69 14.23
C PHE A 74 8.67 4.80 13.21
N GLY A 75 9.01 3.56 13.59
CA GLY A 75 9.64 2.56 12.72
C GLY A 75 8.83 2.26 11.46
N GLU A 76 7.55 1.92 11.58
CA GLU A 76 6.66 1.71 10.42
C GLU A 76 6.42 3.04 9.66
N ARG A 77 6.13 4.12 10.39
CA ARG A 77 5.86 5.46 9.82
C ARG A 77 6.93 5.91 8.82
N LYS A 78 8.20 5.57 9.04
CA LYS A 78 9.34 5.84 8.13
C LYS A 78 9.09 5.38 6.70
N MET A 79 8.84 4.08 6.48
CA MET A 79 8.54 3.53 5.15
C MET A 79 7.10 3.85 4.71
N LEU A 80 6.14 3.83 5.64
CA LEU A 80 4.75 4.21 5.39
C LEU A 80 4.65 5.58 4.72
N ASP A 81 5.34 6.61 5.22
CA ASP A 81 5.35 7.96 4.64
C ASP A 81 5.74 7.97 3.15
N THR A 82 6.61 7.05 2.74
CA THR A 82 7.01 6.86 1.34
C THR A 82 5.92 6.15 0.55
N ALA A 83 5.43 4.99 1.03
CA ALA A 83 4.36 4.22 0.39
C ALA A 83 3.02 4.97 0.34
N ARG A 84 2.72 5.87 1.30
CA ARG A 84 1.54 6.76 1.36
C ARG A 84 1.54 7.73 0.20
N SER A 85 2.61 8.49 0.02
CA SER A 85 2.77 9.45 -1.07
C SER A 85 2.71 8.79 -2.45
N LEU A 86 2.93 7.48 -2.52
CA LEU A 86 2.82 6.65 -3.74
C LEU A 86 1.42 6.04 -3.90
N LEU A 87 0.77 5.58 -2.82
CA LEU A 87 -0.57 5.00 -2.84
C LEU A 87 -1.55 5.91 -3.59
N ILE A 88 -1.65 7.16 -3.12
CA ILE A 88 -2.55 8.13 -3.74
C ILE A 88 -2.07 8.61 -5.12
N LYS A 89 -0.81 8.35 -5.49
CA LYS A 89 -0.16 8.76 -6.75
C LYS A 89 -0.77 8.06 -7.95
N GLU A 90 -0.99 6.75 -7.84
CA GLU A 90 -1.54 5.95 -8.93
C GLU A 90 -3.07 6.07 -8.95
N LEU A 91 -3.67 5.90 -7.76
CA LEU A 91 -5.10 6.02 -7.51
C LEU A 91 -5.64 7.42 -7.79
N SER A 92 -4.76 8.42 -7.82
CA SER A 92 -5.01 9.84 -8.15
C SER A 92 -5.92 10.04 -9.36
N LEU A 93 -5.80 9.15 -10.34
CA LEU A 93 -6.61 9.11 -11.55
C LEU A 93 -8.11 9.00 -11.22
N ALA A 94 -8.54 7.87 -10.66
CA ALA A 94 -9.92 7.63 -10.27
C ALA A 94 -10.39 8.49 -9.08
N LYS A 95 -9.45 8.98 -8.25
CA LYS A 95 -9.72 9.90 -7.13
C LYS A 95 -10.55 11.10 -7.59
N ASP A 96 -10.17 11.70 -8.72
CA ASP A 96 -10.80 12.88 -9.33
C ASP A 96 -11.10 14.03 -8.31
N CYS A 97 -10.28 14.15 -7.26
CA CYS A 97 -10.47 15.00 -6.07
C CYS A 97 -9.14 15.21 -5.29
N SER A 98 -9.21 15.74 -4.07
CA SER A 98 -8.05 15.89 -3.17
C SER A 98 -7.45 14.53 -2.79
N GLU A 99 -6.16 14.49 -2.41
CA GLU A 99 -5.49 13.27 -1.93
C GLU A 99 -6.22 12.62 -0.74
N ASP A 100 -6.94 13.42 0.06
CA ASP A 100 -7.79 12.96 1.16
C ASP A 100 -8.80 11.89 0.75
N GLU A 101 -9.18 11.78 -0.54
CA GLU A 101 -10.05 10.72 -1.02
C GLU A 101 -9.43 9.35 -0.70
N ILE A 102 -8.23 9.09 -1.23
CA ILE A 102 -7.52 7.82 -1.05
C ILE A 102 -6.84 7.75 0.33
N GLU A 103 -6.25 8.84 0.80
CA GLU A 103 -5.63 8.93 2.14
C GLU A 103 -6.63 8.56 3.24
N SER A 104 -7.85 9.12 3.20
CA SER A 104 -8.92 8.77 4.13
C SER A 104 -9.54 7.41 3.85
N ASP A 105 -9.65 6.96 2.59
CA ASP A 105 -10.19 5.62 2.26
C ASP A 105 -9.48 4.49 3.02
N LEU A 106 -8.23 4.68 3.44
CA LEU A 106 -7.48 3.72 4.25
C LEU A 106 -8.23 3.37 5.54
N LYS A 107 -8.99 4.32 6.10
CA LYS A 107 -9.82 4.13 7.29
C LYS A 107 -10.92 3.07 7.10
N LYS A 108 -11.43 2.91 5.87
CA LYS A 108 -12.44 1.94 5.46
C LYS A 108 -11.82 0.61 5.01
N ILE A 109 -10.59 0.66 4.47
CA ILE A 109 -9.81 -0.50 4.04
C ILE A 109 -9.23 -1.24 5.25
N PHE A 110 -8.35 -0.58 6.02
CA PHE A 110 -7.63 -1.12 7.18
C PHE A 110 -8.45 -0.97 8.49
N ASN A 111 -9.70 -0.49 8.41
CA ASN A 111 -10.64 -0.27 9.51
C ASN A 111 -10.07 0.63 10.64
N LEU A 112 -9.47 1.75 10.25
CA LEU A 112 -8.82 2.71 11.16
C LEU A 112 -9.84 3.72 11.74
N ALA A 113 -10.94 4.00 11.03
CA ALA A 113 -11.98 4.97 11.38
C ALA A 113 -12.53 4.77 12.82
N GLY A 1 10.97 -18.67 -23.97
CA GLY A 1 11.12 -17.46 -23.14
C GLY A 1 10.25 -17.54 -21.89
N SER A 2 10.88 -17.51 -20.71
CA SER A 2 10.20 -17.56 -19.39
C SER A 2 10.68 -16.41 -18.50
N HIS A 3 9.76 -15.49 -18.17
CA HIS A 3 9.99 -14.33 -17.28
C HIS A 3 9.08 -14.42 -16.04
N MET A 4 9.65 -14.16 -14.87
CA MET A 4 9.00 -14.12 -13.55
C MET A 4 9.66 -13.06 -12.65
N GLY A 5 8.83 -12.29 -11.92
CA GLY A 5 9.26 -11.25 -10.98
C GLY A 5 8.14 -10.24 -10.67
N SER A 6 8.14 -9.10 -11.36
CA SER A 6 7.09 -8.07 -11.28
C SER A 6 5.86 -8.41 -12.15
N VAL A 7 4.76 -7.67 -11.95
CA VAL A 7 3.49 -7.81 -12.70
C VAL A 7 3.67 -7.49 -14.20
N GLY A 8 4.45 -6.45 -14.52
CA GLY A 8 4.80 -6.03 -15.89
C GLY A 8 4.68 -4.52 -16.13
N LEU A 9 3.89 -3.82 -15.30
CA LEU A 9 3.73 -2.36 -15.31
C LEU A 9 4.60 -1.69 -14.20
N ARG A 10 4.46 -0.37 -14.05
CA ARG A 10 5.11 0.45 -13.01
C ARG A 10 4.02 1.11 -12.15
N GLU A 11 3.54 2.28 -12.57
CA GLU A 11 2.60 3.13 -11.82
C GLU A 11 1.49 3.73 -12.70
N ILE A 12 1.78 3.99 -13.97
CA ILE A 12 0.82 4.47 -14.99
C ILE A 12 -0.32 3.46 -15.23
N ILE A 13 -1.51 3.82 -14.74
CA ILE A 13 -2.74 3.03 -14.82
C ILE A 13 -3.99 3.91 -15.05
N SER A 14 -5.14 3.26 -15.22
CA SER A 14 -6.48 3.83 -15.36
C SER A 14 -7.38 3.41 -14.18
N GLU A 15 -8.63 3.88 -14.17
CA GLU A 15 -9.65 3.51 -13.16
C GLU A 15 -9.82 2.00 -12.98
N GLU A 16 -9.52 1.15 -13.97
CA GLU A 16 -9.57 -0.32 -13.84
C GLU A 16 -8.69 -0.85 -12.70
N ASP A 17 -7.39 -0.53 -12.72
CA ASP A 17 -6.47 -0.89 -11.63
C ASP A 17 -6.95 -0.27 -10.32
N VAL A 18 -7.41 0.99 -10.31
CA VAL A 18 -7.87 1.65 -9.08
C VAL A 18 -8.99 0.83 -8.39
N LYS A 19 -9.83 0.12 -9.13
CA LYS A 19 -10.85 -0.77 -8.56
C LYS A 19 -10.25 -2.09 -8.05
N GLN A 20 -9.33 -2.71 -8.80
CA GLN A 20 -8.65 -3.95 -8.39
C GLN A 20 -7.74 -3.76 -7.17
N VAL A 21 -6.84 -2.78 -7.19
CA VAL A 21 -5.89 -2.47 -6.11
C VAL A 21 -6.60 -2.29 -4.77
N TYR A 22 -7.73 -1.59 -4.72
CA TYR A 22 -8.54 -1.46 -3.49
C TYR A 22 -8.95 -2.83 -2.94
N SER A 23 -9.39 -3.75 -3.80
CA SER A 23 -9.74 -5.14 -3.46
C SER A 23 -8.56 -5.95 -2.88
N ILE A 24 -7.32 -5.57 -3.16
CA ILE A 24 -6.10 -6.21 -2.61
C ILE A 24 -5.96 -5.90 -1.12
N LEU A 25 -6.12 -4.63 -0.73
CA LEU A 25 -6.04 -4.20 0.67
C LEU A 25 -7.36 -4.34 1.44
N LYS A 26 -8.49 -4.50 0.76
CA LYS A 26 -9.82 -4.73 1.36
C LYS A 26 -9.90 -5.93 2.30
N GLU A 27 -9.01 -6.92 2.12
CA GLU A 27 -8.88 -8.09 2.99
C GLU A 27 -7.99 -7.84 4.21
N LYS A 28 -8.56 -8.02 5.42
CA LYS A 28 -7.87 -7.90 6.71
C LYS A 28 -7.05 -9.15 7.12
N ASP A 29 -7.05 -10.19 6.29
CA ASP A 29 -6.39 -11.50 6.52
C ASP A 29 -4.92 -11.53 6.04
N ILE A 30 -4.32 -10.36 5.84
CA ILE A 30 -2.96 -10.13 5.34
C ILE A 30 -1.97 -9.78 6.47
N SER A 31 -2.46 -9.63 7.71
CA SER A 31 -1.73 -9.20 8.91
C SER A 31 -0.38 -9.90 9.08
N VAL A 32 0.71 -9.19 8.77
CA VAL A 32 2.08 -9.70 8.82
C VAL A 32 2.48 -9.99 10.27
N ASP A 33 3.01 -11.19 10.54
CA ASP A 33 3.52 -11.58 11.86
C ASP A 33 4.76 -10.76 12.28
N SER A 34 4.86 -10.37 13.56
CA SER A 34 5.97 -9.58 14.11
C SER A 34 7.36 -10.24 13.98
N THR A 35 7.45 -11.57 14.08
CA THR A 35 8.71 -12.32 13.86
C THR A 35 9.22 -12.13 12.43
N THR A 36 8.33 -12.20 11.45
CA THR A 36 8.64 -11.99 10.02
C THR A 36 8.68 -10.51 9.65
N TRP A 37 8.01 -9.62 10.39
CA TRP A 37 7.92 -8.18 10.10
C TRP A 37 9.30 -7.54 9.87
N ASN A 38 10.25 -7.86 10.73
CA ASN A 38 11.64 -7.39 10.63
C ASN A 38 12.27 -7.64 9.23
N ARG A 39 11.88 -8.75 8.57
CA ARG A 39 12.28 -9.11 7.19
C ARG A 39 11.35 -8.51 6.15
N ARG A 40 10.03 -8.49 6.39
CA ARG A 40 9.03 -7.84 5.52
C ARG A 40 9.39 -6.39 5.21
N TYR A 41 9.96 -5.67 6.18
CA TYR A 41 10.44 -4.30 6.01
C TYR A 41 11.40 -4.20 4.80
N ARG A 42 12.30 -5.18 4.64
CA ARG A 42 13.29 -5.27 3.56
C ARG A 42 12.64 -5.40 2.18
N GLU A 43 11.83 -6.45 1.95
CA GLU A 43 11.12 -6.65 0.69
C GLU A 43 10.28 -5.41 0.33
N TYR A 44 9.47 -4.91 1.28
CA TYR A 44 8.64 -3.73 1.11
C TYR A 44 9.45 -2.47 0.78
N MET A 45 10.63 -2.27 1.38
CA MET A 45 11.54 -1.15 1.06
C MET A 45 11.94 -1.12 -0.43
N GLU A 46 12.03 -2.27 -1.08
CA GLU A 46 12.32 -2.39 -2.52
C GLU A 46 11.07 -2.15 -3.36
N LYS A 47 9.89 -2.59 -2.89
CA LYS A 47 8.63 -2.31 -3.58
C LYS A 47 8.32 -0.81 -3.72
N ILE A 48 9.00 0.07 -2.98
CA ILE A 48 8.81 1.53 -3.06
C ILE A 48 9.39 2.13 -4.36
N LYS A 49 10.39 1.46 -4.95
CA LYS A 49 11.10 1.88 -6.17
C LYS A 49 11.01 0.88 -7.33
N THR A 50 10.82 -0.41 -7.01
CA THR A 50 10.73 -1.52 -7.98
C THR A 50 9.32 -2.09 -8.08
N GLY A 51 8.57 -1.99 -6.98
CA GLY A 51 7.22 -2.50 -6.85
C GLY A 51 6.24 -1.66 -7.65
N SER A 52 5.30 -2.35 -8.25
CA SER A 52 4.24 -1.73 -9.03
C SER A 52 3.14 -1.13 -8.15
N VAL A 53 2.16 -0.47 -8.74
CA VAL A 53 0.97 0.09 -8.08
C VAL A 53 0.29 -0.93 -7.15
N PHE A 54 0.03 -2.13 -7.68
CA PHE A 54 -0.53 -3.26 -6.94
C PHE A 54 0.33 -3.67 -5.73
N GLU A 55 1.64 -3.41 -5.79
CA GLU A 55 2.59 -3.64 -4.69
C GLU A 55 2.68 -2.46 -3.71
N ILE A 56 2.80 -1.21 -4.14
CA ILE A 56 2.79 -0.01 -3.28
C ILE A 56 1.59 -0.01 -2.33
N ALA A 57 0.40 -0.26 -2.87
CA ALA A 57 -0.81 -0.35 -2.04
C ALA A 57 -0.69 -1.49 -1.00
N GLU A 58 -0.10 -2.65 -1.36
CA GLU A 58 0.15 -3.74 -0.42
C GLU A 58 1.14 -3.31 0.68
N VAL A 59 2.25 -2.65 0.31
CA VAL A 59 3.30 -2.20 1.23
C VAL A 59 2.73 -1.40 2.39
N LEU A 60 2.16 -0.23 2.11
CA LEU A 60 1.58 0.63 3.14
C LEU A 60 0.49 -0.09 3.97
N ARG A 61 -0.28 -0.98 3.32
CA ARG A 61 -1.33 -1.78 3.94
C ARG A 61 -0.73 -2.67 5.02
N ASP A 62 0.28 -3.46 4.67
CA ASP A 62 0.97 -4.33 5.62
C ASP A 62 1.39 -3.53 6.86
N LEU A 63 2.09 -2.41 6.68
CA LEU A 63 2.48 -1.49 7.78
C LEU A 63 1.28 -0.98 8.61
N TYR A 64 0.15 -0.67 7.99
CA TYR A 64 -1.06 -0.28 8.70
C TYR A 64 -1.67 -1.41 9.56
N LEU A 65 -1.88 -2.60 8.99
CA LEU A 65 -2.44 -3.75 9.74
C LEU A 65 -1.47 -4.29 10.81
N LEU A 66 -0.15 -4.12 10.61
CA LEU A 66 0.89 -4.49 11.58
C LEU A 66 0.75 -3.77 12.93
N LYS A 67 0.21 -2.54 12.92
CA LYS A 67 -0.06 -1.71 14.11
C LYS A 67 -1.54 -1.70 14.50
N GLY A 68 -2.45 -1.84 13.52
CA GLY A 68 -3.90 -1.86 13.73
C GLY A 68 -4.50 -0.54 14.25
N ASP A 69 -3.79 0.57 14.06
CA ASP A 69 -4.15 1.91 14.52
C ASP A 69 -3.76 2.98 13.48
N LYS A 70 -4.31 4.20 13.61
CA LYS A 70 -3.96 5.36 12.76
C LYS A 70 -2.56 5.91 13.05
N ASP A 71 -2.16 5.91 14.32
CA ASP A 71 -0.86 6.37 14.80
C ASP A 71 0.13 5.19 14.83
N LEU A 72 0.71 4.85 13.67
CA LEU A 72 1.69 3.77 13.55
C LEU A 72 2.96 4.06 14.36
N SER A 73 3.78 3.03 14.65
CA SER A 73 5.06 3.20 15.32
C SER A 73 5.99 4.11 14.51
N PHE A 74 6.84 4.89 15.18
CA PHE A 74 7.80 5.79 14.54
C PHE A 74 8.62 5.08 13.45
N GLY A 75 9.08 3.85 13.72
CA GLY A 75 9.83 3.02 12.76
C GLY A 75 9.04 2.63 11.51
N GLU A 76 7.77 2.26 11.64
CA GLU A 76 6.90 1.92 10.51
C GLU A 76 6.54 3.17 9.69
N ARG A 77 6.18 4.26 10.39
CA ARG A 77 5.83 5.55 9.79
C ARG A 77 6.89 6.07 8.80
N LYS A 78 8.17 5.74 9.01
CA LYS A 78 9.31 6.10 8.12
C LYS A 78 9.07 5.65 6.67
N MET A 79 8.88 4.35 6.43
CA MET A 79 8.62 3.78 5.10
C MET A 79 7.18 4.05 4.64
N LEU A 80 6.21 4.02 5.58
CA LEU A 80 4.82 4.35 5.29
C LEU A 80 4.69 5.73 4.65
N ASP A 81 5.34 6.77 5.20
CA ASP A 81 5.31 8.13 4.66
C ASP A 81 5.72 8.19 3.16
N THR A 82 6.64 7.32 2.75
CA THR A 82 7.07 7.15 1.36
C THR A 82 5.98 6.44 0.53
N ALA A 83 5.51 5.27 0.98
CA ALA A 83 4.44 4.52 0.32
C ALA A 83 3.11 5.30 0.23
N ARG A 84 2.80 6.18 1.19
CA ARG A 84 1.62 7.08 1.22
C ARG A 84 1.64 8.04 0.03
N SER A 85 2.77 8.71 -0.21
CA SER A 85 2.91 9.67 -1.33
C SER A 85 2.75 9.02 -2.71
N LEU A 86 2.98 7.71 -2.80
CA LEU A 86 2.79 6.86 -3.99
C LEU A 86 1.41 6.20 -4.06
N LEU A 87 0.82 5.81 -2.91
CA LEU A 87 -0.52 5.25 -2.78
C LEU A 87 -1.52 6.14 -3.50
N ILE A 88 -1.59 7.40 -3.10
CA ILE A 88 -2.52 8.33 -3.73
C ILE A 88 -2.09 8.74 -5.14
N LYS A 89 -0.80 8.60 -5.52
CA LYS A 89 -0.24 9.00 -6.83
C LYS A 89 -0.90 8.26 -7.99
N GLU A 90 -0.87 6.93 -7.94
CA GLU A 90 -1.51 6.03 -8.90
C GLU A 90 -3.04 6.15 -8.82
N LEU A 91 -3.60 6.14 -7.61
CA LEU A 91 -5.04 6.21 -7.36
C LEU A 91 -5.67 7.56 -7.70
N SER A 92 -4.86 8.62 -7.81
CA SER A 92 -5.21 10.00 -8.20
C SER A 92 -6.10 10.06 -9.45
N LEU A 93 -5.93 9.10 -10.36
CA LEU A 93 -6.73 8.94 -11.58
C LEU A 93 -8.24 8.82 -11.28
N ALA A 94 -8.65 7.70 -10.69
CA ALA A 94 -10.05 7.43 -10.33
C ALA A 94 -10.55 8.22 -9.10
N LYS A 95 -9.65 8.76 -8.27
CA LYS A 95 -9.96 9.61 -7.11
C LYS A 95 -10.95 10.72 -7.48
N ASP A 96 -10.69 11.42 -8.59
CA ASP A 96 -11.49 12.53 -9.13
C ASP A 96 -11.84 13.63 -8.09
N CYS A 97 -11.00 13.80 -7.06
CA CYS A 97 -11.22 14.59 -5.85
C CYS A 97 -9.89 14.96 -5.14
N SER A 98 -9.92 15.45 -3.90
CA SER A 98 -8.73 15.74 -3.08
C SER A 98 -8.00 14.45 -2.64
N GLU A 99 -6.71 14.54 -2.26
CA GLU A 99 -5.94 13.38 -1.73
C GLU A 99 -6.60 12.71 -0.53
N ASP A 100 -7.38 13.47 0.25
CA ASP A 100 -8.17 12.96 1.38
C ASP A 100 -9.09 11.81 0.98
N GLU A 101 -9.49 11.67 -0.29
CA GLU A 101 -10.29 10.53 -0.76
C GLU A 101 -9.53 9.23 -0.42
N ILE A 102 -8.32 9.07 -0.96
CA ILE A 102 -7.49 7.87 -0.79
C ILE A 102 -6.80 7.84 0.59
N GLU A 103 -6.29 8.98 1.07
CA GLU A 103 -5.64 9.09 2.39
C GLU A 103 -6.61 8.70 3.53
N SER A 104 -7.85 9.20 3.50
CA SER A 104 -8.90 8.83 4.45
C SER A 104 -9.48 7.44 4.20
N ASP A 105 -9.55 6.97 2.95
CA ASP A 105 -10.03 5.61 2.65
C ASP A 105 -9.28 4.52 3.45
N LEU A 106 -8.04 4.76 3.87
CA LEU A 106 -7.27 3.84 4.73
C LEU A 106 -8.02 3.42 5.99
N LYS A 107 -8.74 4.34 6.67
CA LYS A 107 -9.57 4.05 7.85
C LYS A 107 -10.79 3.15 7.54
N LYS A 108 -11.23 3.12 6.28
CA LYS A 108 -12.31 2.29 5.72
C LYS A 108 -11.78 0.95 5.19
N ILE A 109 -10.54 0.89 4.72
CA ILE A 109 -9.90 -0.32 4.20
C ILE A 109 -9.30 -1.15 5.35
N PHE A 110 -8.28 -0.64 6.05
CA PHE A 110 -7.56 -1.34 7.13
C PHE A 110 -8.33 -1.39 8.45
N ASN A 111 -9.38 -0.57 8.56
CA ASN A 111 -10.29 -0.41 9.70
C ASN A 111 -9.57 0.03 10.99
N LEU A 112 -9.12 1.30 11.03
CA LEU A 112 -8.38 1.90 12.15
C LEU A 112 -9.33 2.56 13.17
N ALA A 113 -9.92 3.69 12.80
CA ALA A 113 -10.83 4.55 13.59
C ALA A 113 -10.23 5.12 14.90
N GLY A 1 11.22 -7.54 -25.80
CA GLY A 1 10.90 -7.08 -24.44
C GLY A 1 11.20 -8.15 -23.41
N SER A 2 12.08 -7.85 -22.45
CA SER A 2 12.58 -8.80 -21.42
C SER A 2 12.77 -8.13 -20.05
N HIS A 3 11.76 -7.36 -19.62
CA HIS A 3 11.71 -6.71 -18.30
C HIS A 3 11.08 -7.62 -17.24
N MET A 4 11.73 -7.69 -16.07
CA MET A 4 11.28 -8.42 -14.87
C MET A 4 11.14 -7.46 -13.68
N GLY A 5 10.27 -7.81 -12.73
CA GLY A 5 10.00 -7.04 -11.51
C GLY A 5 9.15 -7.83 -10.53
N SER A 6 7.83 -7.62 -10.56
CA SER A 6 6.85 -8.32 -9.72
C SER A 6 5.52 -8.56 -10.46
N VAL A 7 4.71 -7.53 -10.68
CA VAL A 7 3.38 -7.68 -11.36
C VAL A 7 3.49 -7.56 -12.88
N GLY A 8 4.36 -6.67 -13.38
CA GLY A 8 4.60 -6.42 -14.81
C GLY A 8 4.54 -4.94 -15.24
N LEU A 9 4.11 -4.06 -14.34
CA LEU A 9 4.01 -2.61 -14.51
C LEU A 9 4.76 -1.85 -13.40
N ARG A 10 4.78 -0.52 -13.50
CA ARG A 10 5.47 0.42 -12.59
C ARG A 10 4.49 1.22 -11.74
N GLU A 11 3.62 2.00 -12.37
CA GLU A 11 2.62 2.85 -11.69
C GLU A 11 1.54 3.38 -12.66
N ILE A 12 1.89 3.58 -13.93
CA ILE A 12 0.98 4.00 -15.01
C ILE A 12 -0.20 3.03 -15.20
N ILE A 13 -1.38 3.48 -14.77
CA ILE A 13 -2.65 2.77 -14.83
C ILE A 13 -3.84 3.68 -15.15
N SER A 14 -5.02 3.07 -15.25
CA SER A 14 -6.32 3.72 -15.45
C SER A 14 -7.26 3.41 -14.27
N GLU A 15 -8.47 3.96 -14.29
CA GLU A 15 -9.51 3.69 -13.31
C GLU A 15 -9.77 2.19 -13.09
N GLU A 16 -9.57 1.35 -14.10
CA GLU A 16 -9.73 -0.11 -14.04
C GLU A 16 -8.87 -0.76 -12.93
N ASP A 17 -7.56 -0.51 -12.95
CA ASP A 17 -6.61 -1.00 -11.94
C ASP A 17 -6.89 -0.37 -10.56
N VAL A 18 -7.37 0.88 -10.50
CA VAL A 18 -7.77 1.54 -9.24
C VAL A 18 -8.91 0.77 -8.55
N LYS A 19 -9.84 0.16 -9.31
CA LYS A 19 -10.89 -0.69 -8.73
C LYS A 19 -10.37 -2.04 -8.23
N GLN A 20 -9.33 -2.59 -8.86
CA GLN A 20 -8.69 -3.85 -8.46
C GLN A 20 -7.81 -3.68 -7.21
N VAL A 21 -6.87 -2.71 -7.21
CA VAL A 21 -5.98 -2.43 -6.06
C VAL A 21 -6.76 -2.20 -4.76
N TYR A 22 -7.90 -1.50 -4.83
CA TYR A 22 -8.79 -1.31 -3.69
C TYR A 22 -9.33 -2.64 -3.11
N SER A 23 -9.44 -3.69 -3.93
CA SER A 23 -9.83 -5.04 -3.52
C SER A 23 -8.67 -5.85 -2.90
N ILE A 24 -7.42 -5.52 -3.23
CA ILE A 24 -6.21 -6.18 -2.69
C ILE A 24 -6.02 -5.85 -1.22
N LEU A 25 -6.00 -4.56 -0.88
CA LEU A 25 -5.87 -4.10 0.50
C LEU A 25 -7.17 -4.17 1.32
N LYS A 26 -8.33 -4.43 0.70
CA LYS A 26 -9.64 -4.55 1.38
C LYS A 26 -9.69 -5.62 2.48
N GLU A 27 -8.85 -6.65 2.38
CA GLU A 27 -8.73 -7.72 3.37
C GLU A 27 -8.04 -7.26 4.67
N LYS A 28 -8.46 -7.83 5.80
CA LYS A 28 -7.95 -7.51 7.15
C LYS A 28 -7.10 -8.62 7.79
N ASP A 29 -7.00 -9.77 7.13
CA ASP A 29 -6.30 -10.98 7.57
C ASP A 29 -4.84 -11.05 7.05
N ILE A 30 -4.38 -9.98 6.39
CA ILE A 30 -3.04 -9.82 5.80
C ILE A 30 -1.92 -9.60 6.83
N SER A 31 -2.26 -9.39 8.10
CA SER A 31 -1.36 -9.02 9.21
C SER A 31 -0.10 -9.88 9.29
N VAL A 32 1.04 -9.32 8.89
CA VAL A 32 2.33 -10.03 8.85
C VAL A 32 2.82 -10.37 10.27
N ASP A 33 3.29 -11.60 10.48
CA ASP A 33 3.86 -12.08 11.76
C ASP A 33 5.09 -11.26 12.19
N SER A 34 5.29 -11.00 13.49
CA SER A 34 6.41 -10.18 14.01
C SER A 34 7.81 -10.71 13.66
N THR A 35 8.05 -12.02 13.78
CA THR A 35 9.33 -12.66 13.40
C THR A 35 9.66 -12.43 11.93
N THR A 36 8.65 -12.51 11.06
CA THR A 36 8.77 -12.26 9.62
C THR A 36 8.72 -10.77 9.27
N TRP A 37 8.10 -9.91 10.09
CA TRP A 37 7.95 -8.47 9.85
C TRP A 37 9.29 -7.77 9.65
N ASN A 38 10.24 -8.04 10.53
CA ASN A 38 11.61 -7.48 10.45
C ASN A 38 12.25 -7.72 9.07
N ARG A 39 11.93 -8.87 8.44
CA ARG A 39 12.37 -9.29 7.09
C ARG A 39 11.49 -8.67 6.01
N ARG A 40 10.16 -8.62 6.23
CA ARG A 40 9.17 -7.97 5.34
C ARG A 40 9.47 -6.49 5.09
N TYR A 41 10.05 -5.81 6.08
CA TYR A 41 10.49 -4.42 5.95
C TYR A 41 11.41 -4.24 4.73
N ARG A 42 12.34 -5.19 4.51
CA ARG A 42 13.34 -5.18 3.42
C ARG A 42 12.68 -5.29 2.04
N GLU A 43 11.92 -6.36 1.78
CA GLU A 43 11.17 -6.53 0.53
C GLU A 43 10.29 -5.30 0.24
N TYR A 44 9.47 -4.87 1.20
CA TYR A 44 8.61 -3.70 1.07
C TYR A 44 9.39 -2.41 0.80
N MET A 45 10.57 -2.21 1.40
CA MET A 45 11.45 -1.06 1.12
C MET A 45 11.86 -0.96 -0.35
N GLU A 46 11.98 -2.08 -1.06
CA GLU A 46 12.27 -2.14 -2.49
C GLU A 46 11.02 -1.85 -3.32
N LYS A 47 9.86 -2.40 -2.92
CA LYS A 47 8.57 -2.14 -3.58
C LYS A 47 8.21 -0.65 -3.70
N ILE A 48 8.84 0.22 -2.93
CA ILE A 48 8.65 1.69 -2.97
C ILE A 48 9.18 2.32 -4.26
N LYS A 49 10.19 1.69 -4.88
CA LYS A 49 10.88 2.15 -6.10
C LYS A 49 10.80 1.14 -7.26
N THR A 50 10.70 -0.15 -6.95
CA THR A 50 10.66 -1.25 -7.94
C THR A 50 9.27 -1.87 -8.06
N GLY A 51 8.47 -1.75 -7.00
CA GLY A 51 7.14 -2.32 -6.90
C GLY A 51 6.13 -1.54 -7.73
N SER A 52 5.06 -2.23 -8.07
CA SER A 52 3.98 -1.72 -8.89
C SER A 52 2.89 -1.01 -8.07
N VAL A 53 1.87 -0.45 -8.73
CA VAL A 53 0.70 0.18 -8.08
C VAL A 53 0.05 -0.76 -7.07
N PHE A 54 -0.16 -2.01 -7.50
CA PHE A 54 -0.76 -3.06 -6.68
C PHE A 54 0.12 -3.35 -5.45
N GLU A 55 1.44 -3.32 -5.63
CA GLU A 55 2.40 -3.52 -4.55
C GLU A 55 2.52 -2.34 -3.58
N ILE A 56 2.67 -1.08 -4.04
CA ILE A 56 2.68 0.12 -3.19
C ILE A 56 1.49 0.13 -2.21
N ALA A 57 0.29 -0.08 -2.72
CA ALA A 57 -0.90 -0.16 -1.88
C ALA A 57 -0.80 -1.30 -0.85
N GLU A 58 -0.30 -2.47 -1.24
CA GLU A 58 -0.06 -3.60 -0.32
C GLU A 58 0.99 -3.24 0.75
N VAL A 59 2.08 -2.56 0.37
CA VAL A 59 3.17 -2.17 1.27
C VAL A 59 2.64 -1.37 2.45
N LEU A 60 2.05 -0.19 2.19
CA LEU A 60 1.49 0.66 3.24
C LEU A 60 0.42 -0.07 4.07
N ARG A 61 -0.35 -0.97 3.44
CA ARG A 61 -1.38 -1.81 4.08
C ARG A 61 -0.76 -2.70 5.13
N ASP A 62 0.26 -3.49 4.77
CA ASP A 62 0.98 -4.34 5.70
C ASP A 62 1.39 -3.54 6.94
N LEU A 63 2.09 -2.40 6.76
CA LEU A 63 2.50 -1.52 7.86
C LEU A 63 1.32 -0.99 8.71
N TYR A 64 0.20 -0.62 8.09
CA TYR A 64 -0.99 -0.16 8.82
C TYR A 64 -1.60 -1.25 9.70
N LEU A 65 -1.84 -2.44 9.13
CA LEU A 65 -2.42 -3.56 9.88
C LEU A 65 -1.45 -4.17 10.90
N LEU A 66 -0.14 -4.06 10.67
CA LEU A 66 0.91 -4.49 11.61
C LEU A 66 0.78 -3.81 12.97
N LYS A 67 0.38 -2.53 13.00
CA LYS A 67 0.10 -1.78 14.24
C LYS A 67 -1.32 -2.03 14.76
N GLY A 68 -2.27 -2.24 13.85
CA GLY A 68 -3.70 -2.40 14.16
C GLY A 68 -4.41 -1.10 14.55
N ASP A 69 -3.83 0.07 14.22
CA ASP A 69 -4.37 1.41 14.56
C ASP A 69 -3.91 2.48 13.55
N LYS A 70 -4.50 3.69 13.61
CA LYS A 70 -4.12 4.84 12.76
C LYS A 70 -2.74 5.41 13.09
N ASP A 71 -2.41 5.50 14.37
CA ASP A 71 -1.13 5.99 14.90
C ASP A 71 -0.06 4.89 14.87
N LEU A 72 0.65 4.77 13.73
CA LEU A 72 1.73 3.78 13.57
C LEU A 72 2.97 4.15 14.40
N SER A 73 3.84 3.17 14.63
CA SER A 73 5.12 3.38 15.31
C SER A 73 6.02 4.30 14.47
N PHE A 74 6.91 5.06 15.13
CA PHE A 74 7.90 5.91 14.46
C PHE A 74 8.71 5.14 13.41
N GLY A 75 9.08 3.89 13.71
CA GLY A 75 9.78 3.01 12.78
C GLY A 75 8.99 2.73 11.50
N GLU A 76 7.73 2.28 11.61
CA GLU A 76 6.88 1.97 10.45
C GLU A 76 6.54 3.23 9.63
N ARG A 77 6.27 4.35 10.31
CA ARG A 77 6.00 5.66 9.69
C ARG A 77 7.08 6.06 8.69
N LYS A 78 8.34 5.66 8.88
CA LYS A 78 9.48 5.93 7.99
C LYS A 78 9.24 5.47 6.55
N MET A 79 8.97 4.16 6.34
CA MET A 79 8.66 3.60 5.02
C MET A 79 7.21 3.92 4.58
N LEU A 80 6.26 3.88 5.51
CA LEU A 80 4.86 4.21 5.25
C LEU A 80 4.72 5.62 4.63
N ASP A 81 5.38 6.64 5.17
CA ASP A 81 5.39 8.01 4.65
C ASP A 81 5.68 8.07 3.14
N THR A 82 6.59 7.21 2.67
CA THR A 82 6.93 7.07 1.25
C THR A 82 5.81 6.36 0.49
N ALA A 83 5.39 5.17 0.94
CA ALA A 83 4.29 4.41 0.35
C ALA A 83 2.95 5.20 0.33
N ARG A 84 2.71 6.12 1.27
CA ARG A 84 1.55 7.03 1.34
C ARG A 84 1.53 7.99 0.17
N SER A 85 2.63 8.72 -0.04
CA SER A 85 2.80 9.67 -1.14
C SER A 85 2.69 9.00 -2.53
N LEU A 86 2.93 7.69 -2.61
CA LEU A 86 2.78 6.87 -3.81
C LEU A 86 1.39 6.23 -3.94
N LEU A 87 0.77 5.82 -2.82
CA LEU A 87 -0.59 5.26 -2.75
C LEU A 87 -1.58 6.18 -3.46
N ILE A 88 -1.65 7.43 -3.00
CA ILE A 88 -2.59 8.37 -3.62
C ILE A 88 -2.15 8.81 -5.02
N LYS A 89 -0.85 8.71 -5.37
CA LYS A 89 -0.30 9.12 -6.68
C LYS A 89 -0.86 8.32 -7.84
N GLU A 90 -0.79 7.00 -7.76
CA GLU A 90 -1.38 6.08 -8.74
C GLU A 90 -2.92 6.16 -8.73
N LEU A 91 -3.53 6.14 -7.54
CA LEU A 91 -4.98 6.18 -7.35
C LEU A 91 -5.60 7.55 -7.73
N SER A 92 -4.79 8.61 -7.80
CA SER A 92 -5.13 9.99 -8.20
C SER A 92 -6.00 10.06 -9.46
N LEU A 93 -5.78 9.13 -10.39
CA LEU A 93 -6.55 8.96 -11.63
C LEU A 93 -8.05 8.82 -11.37
N ALA A 94 -8.48 7.69 -10.79
CA ALA A 94 -9.87 7.41 -10.47
C ALA A 94 -10.42 8.20 -9.26
N LYS A 95 -9.53 8.74 -8.41
CA LYS A 95 -9.89 9.60 -7.27
C LYS A 95 -10.86 10.72 -7.69
N ASP A 96 -10.55 11.39 -8.80
CA ASP A 96 -11.32 12.51 -9.38
C ASP A 96 -11.75 13.57 -8.33
N CYS A 97 -10.91 13.80 -7.31
CA CYS A 97 -11.17 14.60 -6.11
C CYS A 97 -9.86 14.96 -5.37
N SER A 98 -9.93 15.46 -4.12
CA SER A 98 -8.77 15.75 -3.26
C SER A 98 -8.04 14.46 -2.83
N GLU A 99 -6.76 14.55 -2.44
CA GLU A 99 -5.99 13.40 -1.91
C GLU A 99 -6.69 12.71 -0.73
N ASP A 100 -7.47 13.48 0.05
CA ASP A 100 -8.29 12.99 1.15
C ASP A 100 -9.18 11.81 0.74
N GLU A 101 -9.59 11.67 -0.53
CA GLU A 101 -10.36 10.51 -1.00
C GLU A 101 -9.62 9.22 -0.64
N ILE A 102 -8.38 9.06 -1.14
CA ILE A 102 -7.57 7.86 -0.94
C ILE A 102 -6.91 7.85 0.46
N GLU A 103 -6.38 8.99 0.91
CA GLU A 103 -5.75 9.13 2.23
C GLU A 103 -6.73 8.74 3.36
N SER A 104 -7.97 9.25 3.31
CA SER A 104 -9.02 8.90 4.28
C SER A 104 -9.59 7.51 4.03
N ASP A 105 -9.68 7.02 2.77
CA ASP A 105 -10.13 5.66 2.46
C ASP A 105 -9.35 4.59 3.22
N LEU A 106 -8.10 4.85 3.64
CA LEU A 106 -7.34 3.93 4.46
C LEU A 106 -8.10 3.51 5.73
N LYS A 107 -8.85 4.44 6.33
CA LYS A 107 -9.69 4.15 7.49
C LYS A 107 -10.81 3.15 7.21
N LYS A 108 -11.37 3.17 6.00
CA LYS A 108 -12.41 2.26 5.49
C LYS A 108 -11.83 0.93 5.01
N ILE A 109 -10.58 0.93 4.51
CA ILE A 109 -9.85 -0.26 4.06
C ILE A 109 -9.32 -1.05 5.27
N PHE A 110 -8.44 -0.44 6.08
CA PHE A 110 -7.77 -1.05 7.23
C PHE A 110 -8.58 -0.96 8.54
N ASN A 111 -9.85 -0.51 8.47
CA ASN A 111 -10.79 -0.33 9.59
C ASN A 111 -10.19 0.42 10.80
N LEU A 112 -9.69 1.63 10.54
CA LEU A 112 -8.98 2.49 11.51
C LEU A 112 -9.92 3.50 12.21
N ALA A 113 -10.91 4.03 11.47
CA ALA A 113 -11.90 5.01 11.91
C ALA A 113 -13.28 4.75 11.25
#